data_6VL8
#
_entry.id   6VL8
#
_cell.length_a   112.108
_cell.length_b   87.791
_cell.length_c   116.074
_cell.angle_alpha   90.000
_cell.angle_beta   113.655
_cell.angle_gamma   90.000
#
_symmetry.space_group_name_H-M   'P 1 21 1'
#
loop_
_entity.id
_entity.type
_entity.pdbx_description
1 polymer '6-3 Fab heavy chain'
2 polymer '6-3 Fab light chain'
3 non-polymer 1,2-ETHANEDIOL
4 non-polymer 2,5,8,11,14,17,20,23,26,29,32,35,38,41,44,47,50,53,56,59,62,65,68,71,74,77,80-HEPTACOSAOXADOOCTACONTAN-82-OL
5 water water
#
loop_
_entity_poly.entity_id
_entity_poly.type
_entity_poly.pdbx_seq_one_letter_code
_entity_poly.pdbx_strand_id
1 'polypeptide(L)'
;QIQLVQSGPELKKPGETVKISCKASGYTFKNYGMNWVKQAPGKGLKWMGWINTYTGQPIYANDFKGRFAFSLETSASTAY
LQINNLKNEDTATYFCARDWGPYWGQGTLVIVSAASTKGPSVFPLAPSSKSTSGGTAALGCLVKDYFPEPVTVSWNSGAL
TSGVHTFPAVLQSSGLYSLSSVVTVPSSSLGTQTYICNVNHKPSNTKVDKKVEPKSCDKTHTHHHHHH
;
A,C,E,H
2 'polypeptide(L)'
;NIMMTQSPSSLAVSAGEKVTVNCKSSQSVLYSSNQMNYLAWYQQKPGQSPKLLIYWASTRESGVPDRFTGSGSGTDFTLT
ISSVQTEDLAVYYCLQYLSSWTFGGGTKLEIKRTVAAPSVFIFPPSDEQLKSGTASVVCLLNNFYPREAKVQWKVDNALQ
SGNSQESVTEQDSKDSTYSLSSTLTLSKADYEKHKVYACEVTHQGLSSPVTKSFNRGEC
;
B,D,F,L
#
loop_
_chem_comp.id
_chem_comp.type
_chem_comp.name
_chem_comp.formula
EDO non-polymer 1,2-ETHANEDIOL 'C2 H6 O2'
PEU non-polymer 2,5,8,11,14,17,20,23,26,29,32,35,38,41,44,47,50,53,56,59,62,65,68,71,74,77,80-HEPTACOSAOXADOOCTACONTAN-82-OL 'C55 H112 O28'
#
# COMPACT_ATOMS: atom_id res chain seq x y z
N GLN A 1 4.38 21.61 6.93
CA GLN A 1 4.53 20.59 7.95
C GLN A 1 4.34 21.23 9.32
N ILE A 2 3.16 20.99 9.88
CA ILE A 2 2.99 21.02 11.32
C ILE A 2 3.40 19.65 11.83
N GLN A 3 4.20 19.60 12.89
CA GLN A 3 4.50 18.29 13.46
C GLN A 3 4.84 18.36 14.94
N LEU A 4 4.70 17.21 15.59
CA LEU A 4 4.99 17.00 17.01
C LEU A 4 6.05 15.91 17.12
N VAL A 5 7.23 16.27 17.58
CA VAL A 5 8.35 15.34 17.71
C VAL A 5 8.60 15.09 19.19
N GLN A 6 8.22 13.93 19.65
CA GLN A 6 8.50 13.54 21.02
C GLN A 6 9.93 12.99 21.15
N SER A 7 10.43 12.96 22.38
CA SER A 7 11.78 12.49 22.62
C SER A 7 11.83 10.96 22.57
N GLY A 8 13.03 10.40 22.72
CA GLY A 8 13.24 8.99 22.43
C GLY A 8 12.87 8.07 23.58
N PRO A 9 13.03 6.78 23.34
CA PRO A 9 12.58 5.77 24.32
C PRO A 9 13.39 5.82 25.60
N GLU A 10 12.78 5.32 26.66
CA GLU A 10 13.38 5.38 27.97
C GLU A 10 13.30 4.01 28.61
N LEU A 11 14.36 3.66 29.35
CA LEU A 11 14.35 2.54 30.29
C LEU A 11 14.71 3.12 31.65
N LYS A 12 13.75 3.08 32.57
CA LYS A 12 13.94 3.55 33.94
C LYS A 12 13.50 2.43 34.88
N LYS A 13 14.02 2.49 36.15
CA LYS A 13 13.79 1.58 37.27
C LYS A 13 12.64 2.05 38.14
N PRO A 14 11.91 1.11 38.74
CA PRO A 14 10.84 1.49 39.67
C PRO A 14 11.32 2.51 40.70
N GLY A 15 10.55 3.58 40.87
CA GLY A 15 10.88 4.64 41.81
C GLY A 15 11.51 5.86 41.19
N GLU A 16 12.10 5.75 40.00
CA GLU A 16 12.76 6.87 39.37
C GLU A 16 11.74 7.86 38.79
N THR A 17 12.25 8.90 38.13
CA THR A 17 11.43 9.92 37.51
C THR A 17 11.79 9.98 36.03
N VAL A 18 10.79 10.16 35.18
CA VAL A 18 11.04 10.34 33.75
C VAL A 18 10.39 11.64 33.31
N LYS A 19 11.00 12.30 32.31
CA LYS A 19 10.44 13.51 31.71
C LYS A 19 10.47 13.38 30.20
N ILE A 20 9.28 13.40 29.59
CA ILE A 20 9.08 13.26 28.16
C ILE A 20 8.84 14.64 27.57
N SER A 21 9.44 14.91 26.41
CA SER A 21 9.30 16.21 25.77
C SER A 21 8.59 16.06 24.43
N CYS A 22 7.73 17.03 24.13
CA CYS A 22 6.96 17.06 22.89
C CYS A 22 7.21 18.39 22.19
N LYS A 23 7.88 18.36 21.04
CA LYS A 23 8.26 19.56 20.32
C LYS A 23 7.25 19.83 19.22
N ALA A 24 6.60 21.00 19.26
CA ALA A 24 5.65 21.41 18.24
C ALA A 24 6.27 22.45 17.29
N SER A 25 5.86 22.39 16.03
CA SER A 25 6.39 23.29 15.03
C SER A 25 5.37 23.49 13.92
N GLY A 26 5.32 24.72 13.38
CA GLY A 26 4.52 25.00 12.21
C GLY A 26 3.23 25.76 12.46
N TYR A 27 2.93 26.10 13.71
CA TYR A 27 1.72 26.85 14.04
C TYR A 27 1.99 27.62 15.33
N THR A 28 1.07 28.56 15.65
CA THR A 28 1.22 29.37 16.86
C THR A 28 1.02 28.47 18.08
N PHE A 29 2.11 28.18 18.79
CA PHE A 29 2.06 27.18 19.85
C PHE A 29 1.02 27.49 20.91
N LYS A 30 1.00 28.73 21.42
CA LYS A 30 0.13 29.04 22.56
C LYS A 30 -1.35 29.03 22.21
N ASN A 31 -1.72 28.84 20.94
CA ASN A 31 -3.11 28.95 20.51
C ASN A 31 -3.85 27.62 20.52
N TYR A 32 -3.21 26.52 20.92
CA TYR A 32 -3.83 25.21 20.91
C TYR A 32 -3.43 24.45 22.17
N GLY A 33 -4.43 23.96 22.90
CA GLY A 33 -4.14 23.07 23.99
C GLY A 33 -3.48 21.78 23.52
N MET A 34 -2.72 21.18 24.43
CA MET A 34 -1.97 19.95 24.19
C MET A 34 -2.52 18.86 25.09
N ASN A 35 -2.76 17.68 24.52
CA ASN A 35 -3.25 16.55 25.28
C ASN A 35 -2.14 15.52 25.45
N TRP A 36 -2.24 14.72 26.50
CA TRP A 36 -1.37 13.55 26.68
C TRP A 36 -2.23 12.32 26.79
N VAL A 37 -1.78 11.26 26.12
CA VAL A 37 -2.51 10.01 25.98
C VAL A 37 -1.56 8.87 26.30
N LYS A 38 -2.04 7.90 27.07
CA LYS A 38 -1.28 6.74 27.49
C LYS A 38 -1.78 5.52 26.72
N GLN A 39 -0.86 4.63 26.33
CA GLN A 39 -1.24 3.35 25.75
C GLN A 39 -0.31 2.31 26.34
N ALA A 40 -0.85 1.46 27.23
CA ALA A 40 -0.10 0.32 27.77
C ALA A 40 0.00 -0.76 26.70
N PRO A 41 1.05 -1.60 26.75
CA PRO A 41 1.22 -2.61 25.70
C PRO A 41 -0.03 -3.47 25.54
N GLY A 42 -0.52 -3.56 24.30
CA GLY A 42 -1.72 -4.31 23.98
C GLY A 42 -3.03 -3.67 24.41
N LYS A 43 -3.02 -2.45 24.94
CA LYS A 43 -4.22 -1.83 25.48
C LYS A 43 -4.66 -0.64 24.62
N GLY A 44 -5.83 -0.12 24.94
CA GLY A 44 -6.37 1.00 24.23
C GLY A 44 -5.76 2.34 24.63
N LEU A 45 -6.31 3.40 24.03
CA LEU A 45 -5.83 4.74 24.29
C LEU A 45 -6.58 5.29 25.51
N LYS A 46 -5.85 5.92 26.42
CA LYS A 46 -6.46 6.52 27.60
C LYS A 46 -5.97 7.94 27.75
N TRP A 47 -6.89 8.88 27.69
CA TRP A 47 -6.54 10.28 27.82
C TRP A 47 -6.02 10.56 29.23
N MET A 48 -4.82 11.16 29.32
CA MET A 48 -4.24 11.47 30.63
C MET A 48 -4.55 12.88 31.12
N GLY A 49 -4.61 13.86 30.22
CA GLY A 49 -4.84 15.22 30.63
C GLY A 49 -4.69 16.18 29.46
N TRP A 50 -4.57 17.46 29.80
CA TRP A 50 -4.54 18.57 28.85
C TRP A 50 -3.82 19.74 29.52
N ILE A 51 -3.03 20.47 28.75
CA ILE A 51 -2.37 21.68 29.27
C ILE A 51 -2.75 22.87 28.39
N ASN A 52 -3.18 23.94 29.03
CA ASN A 52 -3.30 25.22 28.36
C ASN A 52 -1.91 25.71 27.99
N THR A 53 -1.63 25.84 26.69
CA THR A 53 -0.28 26.19 26.28
C THR A 53 -0.01 27.69 26.32
N TYR A 54 -1.01 28.51 26.65
CA TYR A 54 -0.77 29.91 26.91
C TYR A 54 -0.40 30.11 28.37
N THR A 55 -1.26 29.64 29.29
CA THR A 55 -1.07 29.86 30.72
C THR A 55 -0.44 28.69 31.44
N GLY A 56 -0.20 27.56 30.78
CA GLY A 56 0.40 26.44 31.49
C GLY A 56 -0.49 25.76 32.50
N GLN A 57 -1.77 26.11 32.56
CA GLN A 57 -2.67 25.42 33.49
C GLN A 57 -2.86 23.98 33.05
N PRO A 58 -2.60 23.01 33.91
CA PRO A 58 -2.87 21.62 33.56
C PRO A 58 -4.21 21.15 34.09
N ILE A 59 -4.84 20.20 33.42
CA ILE A 59 -6.02 19.52 33.93
C ILE A 59 -5.79 18.03 33.80
N TYR A 60 -5.85 17.33 34.92
CA TYR A 60 -5.51 15.93 35.00
C TYR A 60 -6.77 15.08 35.01
N ALA A 61 -6.76 14.00 34.22
CA ALA A 61 -7.80 12.99 34.32
C ALA A 61 -7.77 12.33 35.71
N ASN A 62 -8.88 11.69 36.07
CA ASN A 62 -9.04 11.08 37.40
C ASN A 62 -7.97 10.04 37.70
N ASP A 63 -7.66 9.16 36.75
CA ASP A 63 -6.67 8.12 36.97
C ASP A 63 -5.22 8.61 36.90
N PHE A 64 -4.99 9.89 36.63
CA PHE A 64 -3.64 10.44 36.47
C PHE A 64 -3.41 11.60 37.43
N LYS A 65 -3.78 11.39 38.70
CA LYS A 65 -4.00 12.46 39.66
C LYS A 65 -2.85 12.67 40.63
N GLY A 66 -1.83 11.82 40.64
CA GLY A 66 -0.85 12.01 41.68
C GLY A 66 0.56 12.37 41.25
N ARG A 67 1.16 11.51 40.42
CA ARG A 67 2.59 11.54 40.11
C ARG A 67 2.86 12.12 38.72
N PHE A 68 1.94 12.91 38.17
CA PHE A 68 1.96 13.31 36.76
C PHE A 68 1.94 14.83 36.65
N ALA A 69 2.96 15.39 36.00
CA ALA A 69 3.13 16.85 35.93
C ALA A 69 3.27 17.25 34.47
N PHE A 70 2.35 18.07 33.98
CA PHE A 70 2.44 18.68 32.66
C PHE A 70 3.10 20.04 32.81
N SER A 71 4.07 20.34 31.95
CA SER A 71 4.68 21.66 31.99
C SER A 71 4.98 22.13 30.57
N LEU A 72 5.56 23.32 30.48
CA LEU A 72 5.80 23.95 29.20
C LEU A 72 7.18 24.59 29.18
N GLU A 73 7.63 24.87 27.96
CA GLU A 73 8.65 25.87 27.67
C GLU A 73 8.13 26.60 26.43
N THR A 74 7.24 27.58 26.65
CA THR A 74 6.62 28.30 25.53
C THR A 74 7.67 28.75 24.53
N SER A 75 8.77 29.29 25.05
CA SER A 75 9.93 29.69 24.25
C SER A 75 10.24 28.69 23.15
N ALA A 76 10.27 27.39 23.49
CA ALA A 76 10.67 26.35 22.56
C ALA A 76 9.49 25.61 21.95
N SER A 77 8.26 26.06 22.20
CA SER A 77 7.06 25.37 21.73
C SER A 77 7.09 23.90 22.12
N THR A 78 7.48 23.64 23.36
CA THR A 78 7.70 22.28 23.81
C THR A 78 6.87 22.04 25.06
N ALA A 79 6.07 20.97 25.03
CA ALA A 79 5.32 20.49 26.18
C ALA A 79 6.06 19.31 26.80
N TYR A 80 6.04 19.25 28.13
CA TYR A 80 6.71 18.20 28.88
C TYR A 80 5.72 17.43 29.73
N LEU A 81 6.00 16.14 29.91
CA LEU A 81 5.25 15.27 30.81
C LEU A 81 6.25 14.54 31.70
N GLN A 82 6.15 14.79 33.00
CA GLN A 82 7.02 14.17 33.99
C GLN A 82 6.24 13.15 34.81
N ILE A 83 6.82 11.97 35.01
CA ILE A 83 6.20 10.91 35.80
C ILE A 83 7.12 10.61 36.97
N ASN A 84 6.56 10.66 38.17
CA ASN A 84 7.29 10.49 39.41
C ASN A 84 7.02 9.14 40.03
N ASN A 85 8.02 8.62 40.75
CA ASN A 85 7.92 7.35 41.46
C ASN A 85 7.35 6.27 40.54
N LEU A 86 8.08 6.00 39.45
CA LEU A 86 7.58 5.14 38.40
C LEU A 86 7.25 3.76 38.94
N LYS A 87 6.17 3.17 38.42
CA LYS A 87 5.75 1.81 38.76
C LYS A 87 5.74 0.98 37.49
N ASN A 88 5.57 -0.34 37.67
CA ASN A 88 5.54 -1.21 36.49
C ASN A 88 4.36 -0.88 35.59
N GLU A 89 3.21 -0.54 36.16
CA GLU A 89 2.05 -0.14 35.39
C GLU A 89 2.25 1.20 34.63
N ASP A 90 3.41 1.85 34.72
CA ASP A 90 3.65 3.04 33.91
C ASP A 90 4.33 2.72 32.60
N THR A 91 4.79 1.46 32.44
CA THR A 91 5.29 0.96 31.16
C THR A 91 4.22 1.09 30.09
N ALA A 92 4.50 1.88 29.06
CA ALA A 92 3.48 2.21 28.09
C ALA A 92 4.10 3.08 27.01
N THR A 93 3.33 3.44 26.00
CA THR A 93 3.72 4.49 25.06
C THR A 93 2.92 5.75 25.35
N TYR A 94 3.59 6.89 25.34
CA TYR A 94 2.97 8.17 25.71
C TYR A 94 2.96 9.09 24.50
N PHE A 95 1.77 9.57 24.15
CA PHE A 95 1.58 10.47 23.01
C PHE A 95 1.20 11.86 23.47
N CYS A 96 1.73 12.88 22.80
CA CYS A 96 1.14 14.21 22.84
C CYS A 96 0.26 14.40 21.61
N ALA A 97 -0.81 15.18 21.77
CA ALA A 97 -1.83 15.29 20.74
C ALA A 97 -2.49 16.65 20.82
N ARG A 98 -2.42 17.42 19.72
CA ARG A 98 -2.84 18.81 19.73
C ARG A 98 -4.35 18.92 19.59
N ASP A 99 -4.95 19.85 20.32
CA ASP A 99 -6.33 20.21 20.07
C ASP A 99 -6.52 20.51 18.58
N TRP A 100 -7.64 20.03 18.04
CA TRP A 100 -8.18 20.43 16.74
C TRP A 100 -7.39 19.89 15.56
N GLY A 101 -7.93 18.87 14.90
CA GLY A 101 -7.31 18.29 13.75
C GLY A 101 -6.60 16.98 14.02
N PRO A 102 -5.65 16.63 13.15
CA PRO A 102 -5.08 15.28 13.14
C PRO A 102 -3.71 15.11 13.79
N TYR A 103 -3.20 16.10 14.50
CA TYR A 103 -1.79 16.14 14.84
C TYR A 103 -1.48 15.36 16.12
N TRP A 104 -0.63 14.33 15.97
CA TRP A 104 -0.13 13.51 17.08
C TRP A 104 1.38 13.43 17.03
N GLY A 105 2.00 13.36 18.19
CA GLY A 105 3.38 12.94 18.26
C GLY A 105 3.54 11.48 17.84
N GLN A 106 4.79 11.10 17.56
CA GLN A 106 5.06 9.73 17.14
C GLN A 106 5.01 8.74 18.31
N GLY A 107 5.07 9.23 19.54
CA GLY A 107 5.01 8.42 20.75
C GLY A 107 6.37 8.28 21.43
N THR A 108 6.33 8.05 22.73
CA THR A 108 7.54 7.83 23.50
C THR A 108 7.31 6.58 24.34
N LEU A 109 8.00 5.50 23.98
CA LEU A 109 7.91 4.27 24.77
C LEU A 109 8.69 4.44 26.06
N VAL A 110 8.07 4.11 27.18
CA VAL A 110 8.71 4.13 28.48
C VAL A 110 8.63 2.72 29.06
N ILE A 111 9.77 2.15 29.39
CA ILE A 111 9.87 0.81 29.98
C ILE A 111 10.31 0.97 31.43
N VAL A 112 9.49 0.48 32.36
CA VAL A 112 9.83 0.43 33.78
C VAL A 112 10.21 -1.00 34.16
N SER A 113 11.45 -1.17 34.63
CA SER A 113 11.98 -2.50 34.91
C SER A 113 13.27 -2.35 35.71
N ALA A 114 13.46 -3.27 36.66
CA ALA A 114 14.73 -3.41 37.37
C ALA A 114 15.81 -4.05 36.51
N ALA A 115 15.43 -4.68 35.41
CA ALA A 115 16.38 -5.40 34.58
C ALA A 115 17.26 -4.43 33.78
N SER A 116 18.49 -4.85 33.55
CA SER A 116 19.49 -4.06 32.84
C SER A 116 19.52 -4.45 31.36
N THR A 117 19.90 -3.48 30.52
CA THR A 117 19.94 -3.74 29.09
C THR A 117 21.05 -4.74 28.78
N LYS A 118 20.73 -5.72 27.93
CA LYS A 118 21.65 -6.75 27.45
C LYS A 118 21.49 -6.92 25.95
N GLY A 119 22.63 -7.06 25.25
CA GLY A 119 22.65 -7.32 23.82
C GLY A 119 22.33 -8.76 23.48
N PRO A 120 21.81 -8.99 22.28
CA PRO A 120 21.45 -10.36 21.87
C PRO A 120 22.64 -11.15 21.34
N SER A 121 22.48 -12.48 21.43
CA SER A 121 23.26 -13.43 20.65
C SER A 121 22.48 -13.77 19.37
N VAL A 122 23.20 -13.86 18.24
CA VAL A 122 22.57 -14.15 16.94
C VAL A 122 23.08 -15.50 16.40
N PHE A 123 22.15 -16.42 16.15
CA PHE A 123 22.42 -17.78 15.70
C PHE A 123 21.76 -18.05 14.36
N PRO A 124 22.40 -18.82 13.48
CA PRO A 124 21.80 -19.11 12.17
C PRO A 124 20.69 -20.13 12.26
N LEU A 125 19.65 -19.92 11.47
CA LEU A 125 18.62 -20.92 11.25
C LEU A 125 18.83 -21.43 9.82
N ALA A 126 19.42 -22.65 9.70
CA ALA A 126 19.88 -23.15 8.41
C ALA A 126 19.02 -24.32 7.91
N PRO A 127 18.81 -24.41 6.58
CA PRO A 127 18.06 -25.49 5.92
C PRO A 127 18.70 -26.86 6.10
N SER A 133 13.38 -31.02 1.93
CA SER A 133 12.28 -30.09 1.75
C SER A 133 11.49 -30.40 0.47
N GLY A 134 10.74 -29.39 -0.01
CA GLY A 134 10.12 -29.45 -1.32
C GLY A 134 10.82 -28.49 -2.26
N GLY A 135 10.08 -27.55 -2.85
CA GLY A 135 10.67 -26.63 -3.80
C GLY A 135 11.24 -25.34 -3.23
N THR A 136 10.83 -24.99 -2.00
CA THR A 136 11.19 -23.76 -1.32
C THR A 136 12.06 -24.07 -0.10
N ALA A 137 13.14 -23.30 0.06
CA ALA A 137 14.02 -23.42 1.22
C ALA A 137 13.79 -22.24 2.17
N ALA A 138 13.86 -22.50 3.46
CA ALA A 138 13.76 -21.46 4.48
C ALA A 138 15.06 -21.36 5.24
N LEU A 139 15.46 -20.14 5.56
CA LEU A 139 16.59 -19.96 6.45
C LEU A 139 16.34 -18.74 7.30
N GLY A 140 17.15 -18.57 8.33
CA GLY A 140 16.81 -17.46 9.21
C GLY A 140 17.89 -17.14 10.23
N CYS A 141 17.55 -16.17 11.08
CA CYS A 141 18.37 -15.76 12.20
C CYS A 141 17.54 -15.80 13.47
N LEU A 142 18.10 -16.43 14.51
CA LEU A 142 17.54 -16.41 15.85
C LEU A 142 18.25 -15.35 16.68
N VAL A 143 17.50 -14.34 17.14
CA VAL A 143 18.04 -13.23 17.92
C VAL A 143 17.50 -13.38 19.34
N LYS A 144 18.35 -13.84 20.27
CA LYS A 144 17.81 -14.28 21.54
C LYS A 144 18.58 -13.68 22.71
N ASP A 145 17.82 -13.43 23.79
CA ASP A 145 18.31 -12.94 25.08
C ASP A 145 18.83 -11.51 24.99
N TYR A 146 17.93 -10.56 24.72
CA TYR A 146 18.24 -9.14 24.76
C TYR A 146 17.20 -8.42 25.61
N PHE A 147 17.53 -7.20 26.02
CA PHE A 147 16.61 -6.36 26.79
C PHE A 147 17.05 -4.92 26.67
N PRO A 148 16.13 -3.97 26.48
CA PRO A 148 14.70 -4.18 26.22
C PRO A 148 14.46 -4.24 24.72
N GLU A 149 13.20 -4.23 24.28
CA GLU A 149 12.90 -4.07 22.86
C GLU A 149 13.30 -2.68 22.38
N PRO A 150 13.52 -2.50 21.08
CA PRO A 150 13.41 -3.47 19.98
C PRO A 150 14.74 -3.90 19.37
N VAL A 151 14.70 -5.02 18.67
CA VAL A 151 15.70 -5.43 17.70
C VAL A 151 15.13 -5.17 16.32
N THR A 152 15.93 -4.62 15.41
CA THR A 152 15.55 -4.63 13.99
C THR A 152 16.37 -5.67 13.25
N VAL A 153 15.77 -6.25 12.22
CA VAL A 153 16.43 -7.24 11.40
C VAL A 153 16.18 -6.89 9.95
N SER A 154 17.24 -6.91 9.15
CA SER A 154 17.12 -6.79 7.71
C SER A 154 17.96 -7.90 7.06
N TRP A 155 17.84 -8.08 5.75
CA TRP A 155 18.61 -9.12 5.07
C TRP A 155 19.39 -8.52 3.91
N ASN A 156 20.63 -9.02 3.73
CA ASN A 156 21.54 -8.58 2.66
C ASN A 156 21.58 -7.06 2.56
N SER A 157 21.59 -6.40 3.72
CA SER A 157 21.61 -4.94 3.81
C SER A 157 20.39 -4.32 3.13
N GLY A 158 19.22 -4.94 3.29
CA GLY A 158 17.98 -4.40 2.79
C GLY A 158 17.71 -4.64 1.32
N ALA A 159 18.54 -5.46 0.67
CA ALA A 159 18.33 -5.83 -0.73
C ALA A 159 17.53 -7.12 -0.87
N LEU A 160 17.22 -7.78 0.25
CA LEU A 160 16.32 -8.94 0.28
C LEU A 160 15.15 -8.59 1.18
N THR A 161 13.96 -8.42 0.60
CA THR A 161 12.73 -8.08 1.32
C THR A 161 11.60 -9.06 1.04
N SER A 162 11.43 -9.49 -0.22
CA SER A 162 10.37 -10.43 -0.55
C SER A 162 10.59 -11.76 0.16
N GLY A 163 9.52 -12.24 0.81
CA GLY A 163 9.61 -13.48 1.54
C GLY A 163 10.23 -13.40 2.92
N VAL A 164 10.49 -12.20 3.45
CA VAL A 164 11.05 -12.06 4.79
C VAL A 164 9.91 -12.00 5.80
N HIS A 165 10.11 -12.65 6.95
CA HIS A 165 9.20 -12.54 8.09
C HIS A 165 10.05 -12.38 9.34
N THR A 166 9.92 -11.24 10.00
CA THR A 166 10.52 -11.02 11.31
C THR A 166 9.39 -11.07 12.34
N PHE A 167 9.44 -12.04 13.22
CA PHE A 167 8.34 -12.27 14.15
C PHE A 167 8.37 -11.26 15.29
N PRO A 168 7.22 -10.99 15.90
CA PRO A 168 7.22 -10.26 17.18
C PRO A 168 8.00 -11.03 18.23
N ALA A 169 8.79 -10.29 19.02
CA ALA A 169 9.55 -10.93 20.07
C ALA A 169 8.63 -11.56 21.11
N VAL A 170 9.18 -12.51 21.85
CA VAL A 170 8.49 -13.09 23.00
C VAL A 170 9.34 -12.87 24.23
N LEU A 171 8.67 -12.73 25.36
CA LEU A 171 9.36 -12.59 26.63
C LEU A 171 9.62 -13.98 27.20
N GLN A 172 10.89 -14.31 27.40
CA GLN A 172 11.21 -15.62 27.93
C GLN A 172 11.10 -15.61 29.45
N SER A 173 11.00 -16.81 30.02
CA SER A 173 11.02 -16.94 31.48
C SER A 173 12.25 -16.29 32.10
N SER A 174 13.34 -16.18 31.33
CA SER A 174 14.53 -15.52 31.81
C SER A 174 14.28 -14.05 32.11
N GLY A 175 13.20 -13.47 31.58
CA GLY A 175 13.03 -12.04 31.57
C GLY A 175 13.65 -11.34 30.38
N LEU A 176 14.24 -12.08 29.45
CA LEU A 176 14.84 -11.53 28.24
C LEU A 176 13.99 -11.87 27.02
N TYR A 177 14.18 -11.08 25.96
CA TYR A 177 13.41 -11.20 24.74
C TYR A 177 14.14 -12.07 23.72
N SER A 178 13.35 -12.58 22.78
CA SER A 178 13.86 -13.46 21.74
C SER A 178 12.97 -13.33 20.52
N LEU A 179 13.56 -13.17 19.33
CA LEU A 179 12.80 -13.22 18.09
C LEU A 179 13.54 -14.05 17.05
N SER A 180 12.84 -14.36 15.97
CA SER A 180 13.44 -14.96 14.77
C SER A 180 13.06 -14.16 13.54
N SER A 181 13.98 -14.11 12.58
CA SER A 181 13.70 -13.63 11.23
C SER A 181 13.95 -14.75 10.22
N VAL A 182 12.96 -15.01 9.38
CA VAL A 182 13.06 -16.04 8.36
C VAL A 182 12.85 -15.43 6.97
N VAL A 183 13.37 -16.12 5.97
CA VAL A 183 13.09 -15.80 4.58
C VAL A 183 13.00 -17.11 3.79
N THR A 184 12.05 -17.19 2.87
CA THR A 184 11.93 -18.37 2.01
C THR A 184 12.39 -18.00 0.60
N VAL A 185 13.19 -18.89 0.00
CA VAL A 185 13.65 -18.73 -1.37
C VAL A 185 13.50 -20.07 -2.07
N PRO A 186 13.50 -20.09 -3.41
CA PRO A 186 13.50 -21.38 -4.13
C PRO A 186 14.76 -22.18 -3.82
N SER A 187 14.57 -23.47 -3.57
CA SER A 187 15.69 -24.36 -3.25
C SER A 187 16.85 -24.22 -4.24
N SER A 188 16.53 -24.18 -5.54
CA SER A 188 17.57 -24.13 -6.56
C SER A 188 18.50 -22.93 -6.40
N SER A 189 18.07 -21.91 -5.66
CA SER A 189 18.81 -20.66 -5.59
C SER A 189 19.84 -20.62 -4.46
N LEU A 190 19.79 -21.55 -3.51
CA LEU A 190 20.83 -21.60 -2.49
C LEU A 190 22.17 -21.98 -3.13
N GLY A 191 23.26 -21.53 -2.53
CA GLY A 191 24.56 -21.97 -2.95
C GLY A 191 25.21 -21.11 -4.01
N THR A 192 24.42 -20.50 -4.90
CA THR A 192 24.94 -19.35 -5.64
C THR A 192 24.63 -18.04 -4.95
N GLN A 193 23.63 -18.00 -4.06
CA GLN A 193 23.24 -16.75 -3.43
C GLN A 193 23.67 -16.74 -1.97
N THR A 194 23.96 -15.55 -1.45
CA THR A 194 24.45 -15.35 -0.10
C THR A 194 23.36 -14.72 0.77
N TYR A 195 23.32 -15.10 2.05
CA TYR A 195 22.24 -14.70 2.96
C TYR A 195 22.83 -14.18 4.26
N ILE A 196 22.72 -12.87 4.47
CA ILE A 196 23.30 -12.19 5.63
C ILE A 196 22.16 -11.45 6.33
N CYS A 197 21.95 -11.75 7.61
CA CYS A 197 20.97 -11.03 8.39
C CYS A 197 21.68 -9.92 9.18
N ASN A 198 21.15 -8.71 9.06
CA ASN A 198 21.70 -7.53 9.72
C ASN A 198 20.83 -7.28 10.95
N VAL A 199 21.41 -7.47 12.13
CA VAL A 199 20.68 -7.36 13.38
C VAL A 199 21.17 -6.12 14.11
N ASN A 200 20.22 -5.32 14.57
CA ASN A 200 20.49 -4.07 15.26
C ASN A 200 19.69 -4.03 16.56
N HIS A 201 20.38 -3.79 17.67
CA HIS A 201 19.76 -3.61 18.97
C HIS A 201 20.36 -2.31 19.53
N LYS A 202 19.68 -1.21 19.25
CA LYS A 202 20.22 0.10 19.62
C LYS A 202 20.48 0.27 21.11
N PRO A 203 19.64 -0.24 22.03
CA PRO A 203 19.87 0.06 23.46
C PRO A 203 21.21 -0.44 23.99
N SER A 204 21.71 -1.57 23.49
CA SER A 204 23.02 -2.05 23.86
C SER A 204 24.09 -1.69 22.84
N ASN A 205 23.71 -0.98 21.77
CA ASN A 205 24.62 -0.59 20.70
C ASN A 205 25.25 -1.84 20.06
N THR A 206 24.41 -2.83 19.77
CA THR A 206 24.83 -4.06 19.11
C THR A 206 24.48 -4.02 17.64
N LYS A 207 25.44 -4.38 16.80
CA LYS A 207 25.26 -4.45 15.35
C LYS A 207 25.95 -5.72 14.88
N VAL A 208 25.19 -6.68 14.36
CA VAL A 208 25.76 -7.96 13.93
C VAL A 208 25.29 -8.27 12.52
N ASP A 209 26.22 -8.75 11.68
CA ASP A 209 25.94 -9.33 10.37
C ASP A 209 26.29 -10.82 10.40
N LYS A 210 25.27 -11.67 10.35
CA LYS A 210 25.44 -13.13 10.43
C LYS A 210 25.13 -13.76 9.08
N LYS A 211 26.13 -14.44 8.51
CA LYS A 211 25.92 -15.21 7.29
C LYS A 211 25.29 -16.56 7.62
N VAL A 212 24.20 -16.91 6.95
CA VAL A 212 23.49 -18.16 7.16
C VAL A 212 23.63 -19.02 5.91
N GLU A 213 24.02 -20.28 6.09
CA GLU A 213 24.08 -21.16 4.93
C GLU A 213 23.92 -22.60 5.38
N PRO A 214 23.40 -23.49 4.51
CA PRO A 214 23.33 -24.94 4.78
C PRO A 214 24.69 -25.55 5.13
N ASN B 1 -18.53 12.74 33.91
CA ASN B 1 -17.60 12.48 32.82
C ASN B 1 -18.24 11.59 31.77
N ILE B 2 -17.96 11.86 30.50
CA ILE B 2 -18.66 11.19 29.40
C ILE B 2 -17.95 9.87 29.10
N MET B 3 -18.67 8.76 29.25
CA MET B 3 -18.12 7.46 28.98
C MET B 3 -18.44 7.03 27.55
N MET B 4 -17.61 6.14 26.99
CA MET B 4 -17.68 5.72 25.60
C MET B 4 -17.61 4.21 25.52
N THR B 5 -18.67 3.58 24.99
CA THR B 5 -18.69 2.14 24.81
C THR B 5 -18.74 1.81 23.33
N GLN B 6 -17.71 1.12 22.87
CA GLN B 6 -17.52 0.75 21.49
C GLN B 6 -17.93 -0.71 21.30
N SER B 7 -18.55 -1.01 20.17
CA SER B 7 -18.95 -2.38 19.96
C SER B 7 -19.02 -2.68 18.46
N PRO B 8 -18.62 -3.90 18.03
CA PRO B 8 -18.09 -4.99 18.83
C PRO B 8 -16.63 -4.75 19.22
N SER B 9 -16.10 -5.58 20.11
CA SER B 9 -14.72 -5.41 20.49
C SER B 9 -13.79 -5.92 19.41
N SER B 10 -14.29 -6.79 18.54
CA SER B 10 -13.47 -7.52 17.61
C SER B 10 -14.36 -8.00 16.47
N LEU B 11 -13.89 -7.87 15.24
CA LEU B 11 -14.62 -8.49 14.15
C LEU B 11 -13.69 -8.94 13.02
N ALA B 12 -14.14 -9.97 12.31
CA ALA B 12 -13.46 -10.54 11.16
C ALA B 12 -14.38 -10.40 9.95
N VAL B 13 -13.84 -9.89 8.87
CA VAL B 13 -14.61 -9.57 7.68
C VAL B 13 -13.80 -9.96 6.44
N SER B 14 -14.46 -10.53 5.44
CA SER B 14 -13.82 -10.73 4.14
C SER B 14 -13.57 -9.39 3.46
N ALA B 15 -12.48 -9.34 2.68
CA ALA B 15 -12.22 -8.13 1.91
C ALA B 15 -13.38 -7.90 0.95
N GLY B 16 -13.84 -6.66 0.87
CA GLY B 16 -15.00 -6.34 0.08
C GLY B 16 -16.31 -6.33 0.84
N GLU B 17 -16.37 -6.94 2.02
CA GLU B 17 -17.59 -6.86 2.82
C GLU B 17 -17.69 -5.48 3.46
N LYS B 18 -18.87 -5.18 3.97
CA LYS B 18 -19.09 -3.94 4.71
C LYS B 18 -18.74 -4.14 6.18
N VAL B 19 -18.10 -3.14 6.76
CA VAL B 19 -17.70 -3.15 8.17
C VAL B 19 -18.46 -2.04 8.88
N THR B 20 -18.93 -2.33 10.09
CA THR B 20 -19.69 -1.37 10.90
C THR B 20 -19.21 -1.41 12.34
N VAL B 21 -18.87 -0.24 12.89
CA VAL B 21 -18.40 -0.10 14.26
C VAL B 21 -19.27 0.95 14.94
N ASN B 22 -19.75 0.61 16.14
CA ASN B 22 -20.72 1.40 16.87
C ASN B 22 -20.10 1.98 18.14
N CYS B 23 -20.51 3.21 18.47
CA CYS B 23 -19.98 3.94 19.60
C CYS B 23 -21.15 4.61 20.31
N LYS B 24 -21.33 4.30 21.60
CA LYS B 24 -22.38 4.92 22.41
C LYS B 24 -21.73 5.82 23.45
N SER B 25 -22.16 7.07 23.51
CA SER B 25 -21.72 7.99 24.55
C SER B 25 -22.74 8.03 25.67
N SER B 26 -22.26 8.09 26.91
CA SER B 26 -23.14 8.13 28.07
C SER B 26 -23.97 9.40 28.14
N GLN B 27 -23.48 10.47 27.53
CA GLN B 27 -24.20 11.74 27.44
C GLN B 27 -24.09 12.23 26.02
N SER B 28 -25.02 13.09 25.63
CA SER B 28 -24.97 13.67 24.30
C SER B 28 -23.66 14.41 24.09
N VAL B 29 -23.15 14.35 22.87
CA VAL B 29 -22.02 15.18 22.48
C VAL B 29 -22.43 16.13 21.34
N LEU B 30 -23.74 16.28 21.14
CA LEU B 30 -24.26 17.29 20.23
C LEU B 30 -24.35 18.61 20.98
N TYR B 31 -23.48 19.56 20.62
CA TYR B 31 -23.50 20.89 21.22
C TYR B 31 -24.67 21.68 20.62
N SER B 32 -25.61 22.08 21.46
CA SER B 32 -26.88 22.57 20.95
C SER B 32 -26.75 23.89 20.21
N SER B 33 -25.78 24.75 20.54
CA SER B 33 -25.74 26.04 19.87
C SER B 33 -25.09 25.99 18.49
N ASN B 34 -24.28 24.99 18.18
CA ASN B 34 -23.75 24.90 16.82
C ASN B 34 -24.15 23.62 16.10
N GLN B 35 -24.97 22.78 16.73
CA GLN B 35 -25.55 21.59 16.09
C GLN B 35 -24.47 20.67 15.53
N MET B 36 -23.32 20.63 16.18
CA MET B 36 -22.20 19.78 15.79
C MET B 36 -21.98 18.70 16.85
N ASN B 37 -21.78 17.47 16.39
CA ASN B 37 -21.43 16.35 17.27
C ASN B 37 -19.93 16.30 17.49
N TYR B 38 -19.52 16.31 18.77
CA TYR B 38 -18.09 16.42 19.12
C TYR B 38 -17.49 15.03 19.24
N LEU B 39 -17.34 14.40 18.07
CA LEU B 39 -17.00 13.00 17.99
C LEU B 39 -16.07 12.75 16.81
N ALA B 40 -14.97 12.05 17.08
CA ALA B 40 -14.00 11.69 16.06
C ALA B 40 -13.83 10.17 16.03
N TRP B 41 -13.35 9.66 14.90
CA TRP B 41 -13.06 8.26 14.70
C TRP B 41 -11.60 8.13 14.25
N TYR B 42 -10.87 7.18 14.85
CA TYR B 42 -9.46 7.00 14.57
C TYR B 42 -9.15 5.58 14.11
N GLN B 43 -8.15 5.47 13.24
CA GLN B 43 -7.54 4.22 12.86
C GLN B 43 -6.13 4.15 13.46
N GLN B 44 -5.78 3.02 14.06
CA GLN B 44 -4.41 2.87 14.55
C GLN B 44 -3.86 1.51 14.16
N LYS B 45 -2.65 1.50 13.61
CA LYS B 45 -1.97 0.31 13.16
C LYS B 45 -0.71 0.11 13.99
N PRO B 46 -0.21 -1.13 14.06
CA PRO B 46 0.87 -1.45 15.02
C PRO B 46 2.07 -0.51 14.89
N GLY B 47 2.54 -0.02 16.03
CA GLY B 47 3.71 0.84 16.06
C GLY B 47 3.49 2.26 15.58
N GLN B 48 2.27 2.64 15.23
CA GLN B 48 2.01 3.97 14.71
C GLN B 48 1.19 4.80 15.70
N SER B 49 1.23 6.11 15.53
CA SER B 49 0.27 6.89 16.26
C SER B 49 -1.07 6.82 15.54
N PRO B 50 -2.18 7.01 16.25
CA PRO B 50 -3.50 6.92 15.60
C PRO B 50 -3.69 7.99 14.53
N LYS B 51 -4.48 7.63 13.53
CA LYS B 51 -4.71 8.44 12.33
C LYS B 51 -6.17 8.85 12.29
N LEU B 52 -6.43 10.15 12.22
CA LEU B 52 -7.79 10.65 12.22
C LEU B 52 -8.49 10.32 10.90
N LEU B 53 -9.67 9.71 11.01
CA LEU B 53 -10.49 9.40 9.85
C LEU B 53 -11.64 10.39 9.66
N ILE B 54 -12.36 10.67 10.74
CA ILE B 54 -13.62 11.39 10.67
C ILE B 54 -13.74 12.22 11.94
N TYR B 55 -14.27 13.43 11.78
CA TYR B 55 -14.53 14.31 12.90
C TYR B 55 -15.87 15.02 12.65
N TRP B 56 -16.35 15.70 13.69
CA TRP B 56 -17.74 16.18 13.76
C TRP B 56 -18.71 15.08 13.36
N ALA B 57 -18.38 13.84 13.72
CA ALA B 57 -19.18 12.63 13.50
C ALA B 57 -19.25 12.16 12.04
N SER B 58 -19.03 13.05 11.06
CA SER B 58 -19.31 12.62 9.69
C SER B 58 -18.54 13.38 8.61
N THR B 59 -17.60 14.23 9.01
CA THR B 59 -16.69 14.87 8.09
C THR B 59 -15.42 14.04 7.96
N ARG B 60 -15.01 13.74 6.73
CA ARG B 60 -13.79 13.01 6.49
C ARG B 60 -12.57 13.91 6.62
N GLU B 61 -11.50 13.41 7.25
CA GLU B 61 -10.23 14.09 7.16
C GLU B 61 -9.73 14.06 5.72
N SER B 62 -8.94 15.07 5.34
CA SER B 62 -8.39 15.07 3.99
C SER B 62 -7.49 13.87 3.76
N GLY B 63 -7.53 13.34 2.53
CA GLY B 63 -6.76 12.19 2.14
C GLY B 63 -7.33 10.86 2.58
N VAL B 64 -8.42 10.86 3.33
CA VAL B 64 -9.04 9.64 3.81
C VAL B 64 -9.94 9.08 2.71
N PRO B 65 -9.83 7.80 2.37
CA PRO B 65 -10.59 7.27 1.24
C PRO B 65 -12.08 7.29 1.49
N ASP B 66 -12.83 7.28 0.38
CA ASP B 66 -14.29 7.35 0.39
C ASP B 66 -14.95 6.24 1.18
N ARG B 67 -14.32 5.06 1.25
CA ARG B 67 -14.97 3.92 1.89
C ARG B 67 -15.19 4.13 3.39
N PHE B 68 -14.55 5.12 3.99
CA PHE B 68 -14.73 5.44 5.41
C PHE B 68 -15.77 6.56 5.54
N THR B 69 -16.87 6.28 6.23
CA THR B 69 -17.85 7.32 6.50
C THR B 69 -18.35 7.21 7.94
N GLY B 70 -18.64 8.35 8.54
CA GLY B 70 -19.18 8.42 9.88
C GLY B 70 -20.62 8.90 9.83
N SER B 71 -21.43 8.41 10.75
CA SER B 71 -22.81 8.85 10.85
C SER B 71 -23.25 8.80 12.30
N GLY B 72 -24.45 9.31 12.54
CA GLY B 72 -25.04 9.33 13.86
C GLY B 72 -25.12 10.73 14.43
N SER B 73 -25.75 10.82 15.59
CA SER B 73 -25.81 12.10 16.30
C SER B 73 -26.33 11.83 17.70
N GLY B 74 -25.98 12.73 18.63
CA GLY B 74 -26.38 12.62 20.02
C GLY B 74 -25.55 11.66 20.84
N THR B 75 -26.03 10.42 20.97
CA THR B 75 -25.30 9.38 21.69
C THR B 75 -24.91 8.19 20.83
N ASP B 76 -25.52 7.99 19.65
CA ASP B 76 -25.28 6.83 18.80
C ASP B 76 -24.43 7.23 17.62
N PHE B 77 -23.30 6.55 17.43
CA PHE B 77 -22.41 6.87 16.32
C PHE B 77 -21.91 5.58 15.69
N THR B 78 -21.67 5.65 14.38
CA THR B 78 -21.17 4.49 13.64
C THR B 78 -20.12 4.92 12.62
N LEU B 79 -19.04 4.16 12.58
CA LEU B 79 -18.06 4.24 11.52
C LEU B 79 -18.32 3.08 10.58
N THR B 80 -18.51 3.38 9.30
CA THR B 80 -18.77 2.38 8.27
C THR B 80 -17.58 2.31 7.32
N ILE B 81 -17.15 1.10 7.02
CA ILE B 81 -16.23 0.88 5.90
C ILE B 81 -17.03 0.14 4.85
N SER B 82 -17.36 0.82 3.76
CA SER B 82 -18.34 0.27 2.84
C SER B 82 -17.82 -0.95 2.10
N SER B 83 -16.52 -0.98 1.81
CA SER B 83 -15.92 -2.12 1.09
C SER B 83 -14.52 -2.29 1.67
N VAL B 84 -14.40 -3.11 2.72
CA VAL B 84 -13.16 -3.15 3.47
C VAL B 84 -12.06 -3.66 2.56
N GLN B 85 -10.92 -2.99 2.61
CA GLN B 85 -9.74 -3.38 1.83
C GLN B 85 -8.79 -4.20 2.71
N THR B 86 -7.93 -4.97 2.06
CA THR B 86 -7.05 -5.88 2.80
C THR B 86 -6.16 -5.14 3.80
N GLU B 87 -5.77 -3.91 3.49
CA GLU B 87 -4.85 -3.17 4.35
C GLU B 87 -5.55 -2.44 5.50
N ASP B 88 -6.88 -2.55 5.62
CA ASP B 88 -7.63 -1.86 6.64
C ASP B 88 -7.60 -2.56 7.99
N LEU B 89 -7.01 -3.75 8.10
CA LEU B 89 -6.86 -4.37 9.40
C LEU B 89 -6.15 -3.41 10.37
N ALA B 90 -6.76 -3.21 11.54
CA ALA B 90 -6.31 -2.18 12.48
C ALA B 90 -7.19 -2.21 13.72
N VAL B 91 -6.90 -1.32 14.68
CA VAL B 91 -7.79 -1.02 15.79
C VAL B 91 -8.41 0.36 15.54
N TYR B 92 -9.73 0.44 15.64
CA TYR B 92 -10.45 1.67 15.40
C TYR B 92 -10.98 2.21 16.73
N TYR B 93 -10.78 3.51 16.98
CA TYR B 93 -11.23 4.17 18.21
C TYR B 93 -12.17 5.32 17.88
N CYS B 94 -13.29 5.40 18.60
CA CYS B 94 -14.03 6.65 18.63
C CYS B 94 -13.51 7.51 19.78
N LEU B 95 -13.71 8.82 19.66
CA LEU B 95 -13.30 9.78 20.67
C LEU B 95 -14.34 10.86 20.77
N GLN B 96 -14.82 11.11 22.00
CA GLN B 96 -15.60 12.29 22.32
C GLN B 96 -14.62 13.38 22.75
N TYR B 97 -14.80 14.59 22.22
CA TYR B 97 -13.98 15.71 22.66
C TYR B 97 -14.83 16.91 23.05
N LEU B 98 -16.06 16.68 23.53
CA LEU B 98 -16.88 17.80 23.98
C LEU B 98 -16.47 18.28 25.38
N SER B 99 -16.28 17.36 26.31
CA SER B 99 -15.93 17.71 27.69
C SER B 99 -14.74 16.82 28.06
N SER B 100 -13.54 17.39 28.03
CA SER B 100 -12.31 16.60 28.01
C SER B 100 -12.33 15.62 26.83
N TRP B 101 -11.43 14.64 26.83
CA TRP B 101 -11.40 13.57 25.85
C TRP B 101 -11.75 12.24 26.50
N THR B 102 -12.51 11.41 25.78
CA THR B 102 -12.67 10.02 26.18
C THR B 102 -12.61 9.16 24.93
N PHE B 103 -11.71 8.18 24.95
CA PHE B 103 -11.58 7.23 23.87
C PHE B 103 -12.47 6.03 24.13
N GLY B 104 -13.00 5.45 23.06
CA GLY B 104 -13.64 4.15 23.16
C GLY B 104 -12.64 3.06 23.49
N GLY B 105 -13.16 1.85 23.70
CA GLY B 105 -12.30 0.74 24.05
C GLY B 105 -11.47 0.24 22.90
N GLY B 106 -11.84 0.59 21.68
CA GLY B 106 -11.21 0.17 20.42
C GLY B 106 -11.85 -1.08 19.85
N THR B 107 -11.85 -1.16 18.51
CA THR B 107 -12.36 -2.32 17.81
C THR B 107 -11.30 -2.86 16.86
N LYS B 108 -10.85 -4.08 17.11
CA LYS B 108 -9.83 -4.71 16.28
C LYS B 108 -10.49 -5.36 15.08
N LEU B 109 -10.03 -5.01 13.89
CA LEU B 109 -10.57 -5.51 12.64
C LEU B 109 -9.58 -6.47 11.99
N GLU B 110 -10.03 -7.67 11.65
CA GLU B 110 -9.19 -8.60 10.89
C GLU B 110 -9.91 -9.03 9.62
N ILE B 111 -9.14 -9.62 8.72
CA ILE B 111 -9.59 -9.96 7.37
C ILE B 111 -9.76 -11.47 7.28
N LYS B 112 -10.87 -11.92 6.68
CA LYS B 112 -11.01 -13.33 6.33
C LYS B 112 -10.74 -13.52 4.84
N ARG B 113 -10.29 -14.73 4.49
CA ARG B 113 -9.95 -15.08 3.12
C ARG B 113 -10.07 -16.59 2.96
N THR B 114 -9.82 -17.08 1.75
CA THR B 114 -9.87 -18.52 1.49
C THR B 114 -8.78 -19.23 2.30
N VAL B 115 -9.10 -20.45 2.74
CA VAL B 115 -8.16 -21.26 3.49
C VAL B 115 -6.86 -21.39 2.69
N ALA B 116 -5.73 -21.41 3.39
CA ALA B 116 -4.43 -21.52 2.74
C ALA B 116 -3.50 -22.29 3.67
N ALA B 117 -3.04 -23.45 3.23
CA ALA B 117 -2.29 -24.36 4.10
C ALA B 117 -0.87 -23.84 4.32
N PRO B 118 -0.31 -24.02 5.52
CA PRO B 118 1.07 -23.58 5.74
C PRO B 118 2.09 -24.48 5.05
N SER B 119 3.21 -23.88 4.68
CA SER B 119 4.46 -24.60 4.51
C SER B 119 5.11 -24.69 5.87
N VAL B 120 5.62 -25.87 6.20
CA VAL B 120 6.25 -26.12 7.49
C VAL B 120 7.72 -26.35 7.27
N PHE B 121 8.55 -25.80 8.16
CA PHE B 121 9.98 -26.02 8.16
C PHE B 121 10.43 -26.18 9.61
N ILE B 122 11.44 -27.01 9.83
CA ILE B 122 12.00 -27.24 11.14
C ILE B 122 13.50 -26.95 11.09
N PHE B 123 14.00 -26.26 12.13
CA PHE B 123 15.39 -25.89 12.19
C PHE B 123 16.03 -26.52 13.42
N PRO B 124 17.13 -27.23 13.29
CA PRO B 124 17.84 -27.71 14.48
C PRO B 124 18.58 -26.58 15.17
N PRO B 125 18.98 -26.76 16.42
CA PRO B 125 19.81 -25.76 17.08
C PRO B 125 21.18 -25.71 16.42
N SER B 126 21.72 -24.51 16.29
CA SER B 126 23.04 -24.41 15.69
C SER B 126 24.11 -24.82 16.70
N ASP B 127 25.27 -25.18 16.17
CA ASP B 127 26.36 -25.61 17.03
C ASP B 127 26.86 -24.45 17.89
N GLU B 128 26.91 -23.26 17.30
CA GLU B 128 27.31 -22.06 18.02
C GLU B 128 26.48 -21.88 19.29
N GLN B 129 25.17 -22.11 19.20
CA GLN B 129 24.32 -22.00 20.38
C GLN B 129 24.59 -23.13 21.36
N LEU B 130 24.83 -24.35 20.85
CA LEU B 130 25.05 -25.49 21.73
C LEU B 130 26.26 -25.30 22.63
N LYS B 131 27.29 -24.59 22.15
CA LYS B 131 28.41 -24.23 23.01
C LYS B 131 27.96 -23.38 24.20
N SER B 132 26.97 -22.51 23.99
CA SER B 132 26.49 -21.64 25.07
C SER B 132 25.69 -22.38 26.12
N GLY B 133 25.24 -23.60 25.83
CA GLY B 133 24.59 -24.43 26.83
C GLY B 133 23.09 -24.57 26.69
N THR B 134 22.49 -23.94 25.67
CA THR B 134 21.06 -23.95 25.43
C THR B 134 20.79 -24.46 24.02
N ALA B 135 19.66 -25.15 23.83
CA ALA B 135 19.28 -25.67 22.52
C ALA B 135 17.90 -25.14 22.15
N SER B 136 17.85 -24.35 21.07
CA SER B 136 16.61 -23.82 20.52
C SER B 136 16.26 -24.56 19.23
N VAL B 137 15.05 -25.10 19.16
CA VAL B 137 14.56 -25.76 17.96
C VAL B 137 13.34 -24.99 17.49
N VAL B 138 13.33 -24.64 16.20
CA VAL B 138 12.35 -23.70 15.66
C VAL B 138 11.51 -24.39 14.60
N CYS B 139 10.21 -24.22 14.68
CA CYS B 139 9.27 -24.68 13.68
C CYS B 139 8.58 -23.47 13.05
N LEU B 140 8.60 -23.40 11.72
CA LEU B 140 8.02 -22.28 10.98
C LEU B 140 6.81 -22.77 10.18
N LEU B 141 5.70 -22.05 10.31
CA LEU B 141 4.51 -22.23 9.48
C LEU B 141 4.35 -20.95 8.66
N ASN B 142 4.35 -21.09 7.34
CA ASN B 142 4.56 -19.94 6.47
C ASN B 142 3.34 -19.65 5.62
N ASN B 143 2.83 -18.40 5.72
CA ASN B 143 1.87 -17.80 4.78
C ASN B 143 0.57 -18.61 4.66
N PHE B 144 -0.11 -18.77 5.79
CA PHE B 144 -1.32 -19.58 5.87
C PHE B 144 -2.47 -18.76 6.42
N TYR B 145 -3.68 -19.29 6.21
CA TYR B 145 -4.94 -18.76 6.73
C TYR B 145 -5.86 -19.96 6.94
N PRO B 146 -6.60 -20.02 8.07
CA PRO B 146 -6.71 -19.07 9.18
C PRO B 146 -5.58 -19.19 10.21
N ARG B 147 -5.58 -18.30 11.22
CA ARG B 147 -4.49 -18.27 12.19
C ARG B 147 -4.51 -19.52 13.07
N GLU B 148 -5.66 -20.13 13.29
CA GLU B 148 -5.76 -21.28 14.19
C GLU B 148 -4.89 -22.44 13.70
N ALA B 149 -3.97 -22.88 14.56
CA ALA B 149 -3.08 -23.95 14.20
C ALA B 149 -2.56 -24.62 15.46
N LYS B 150 -2.43 -25.94 15.39
CA LYS B 150 -1.89 -26.76 16.47
C LYS B 150 -0.49 -27.19 16.06
N VAL B 151 0.50 -26.85 16.90
CA VAL B 151 1.89 -27.22 16.67
C VAL B 151 2.36 -27.99 17.89
N GLN B 152 2.54 -29.31 17.74
CA GLN B 152 2.96 -30.20 18.82
C GLN B 152 4.43 -30.57 18.66
N TRP B 153 5.18 -30.48 19.76
CA TRP B 153 6.58 -30.87 19.77
C TRP B 153 6.72 -32.26 20.38
N LYS B 154 7.50 -33.12 19.72
CA LYS B 154 7.82 -34.42 20.25
C LYS B 154 9.33 -34.60 20.20
N VAL B 155 9.90 -35.12 21.29
CA VAL B 155 11.32 -35.44 21.38
C VAL B 155 11.44 -36.90 21.75
N ASP B 156 11.96 -37.70 20.81
CA ASP B 156 11.95 -39.16 20.92
C ASP B 156 10.57 -39.65 21.34
N ASN B 157 9.55 -39.09 20.72
CA ASN B 157 8.14 -39.46 20.92
C ASN B 157 7.59 -39.02 22.27
N ALA B 158 8.20 -38.03 22.93
CA ALA B 158 7.70 -37.52 24.20
C ALA B 158 7.08 -36.14 23.97
N LEU B 159 5.77 -36.02 24.21
CA LEU B 159 5.08 -34.76 24.03
C LEU B 159 5.69 -33.68 24.91
N GLN B 160 6.11 -32.57 24.30
CA GLN B 160 6.68 -31.47 25.05
C GLN B 160 5.55 -30.49 25.40
N SER B 161 5.32 -30.27 26.68
CA SER B 161 4.31 -29.34 27.12
C SER B 161 4.96 -28.28 27.98
N GLY B 162 4.86 -27.02 27.56
CA GLY B 162 5.19 -25.89 28.40
C GLY B 162 6.59 -25.34 28.26
N ASN B 163 7.37 -25.80 27.30
CA ASN B 163 8.74 -25.34 27.12
C ASN B 163 8.93 -24.82 25.69
N SER B 164 7.86 -24.28 25.12
CA SER B 164 7.89 -23.70 23.79
C SER B 164 7.05 -22.43 23.79
N GLN B 165 7.48 -21.46 23.01
CA GLN B 165 6.73 -20.22 22.84
C GLN B 165 6.41 -20.01 21.37
N GLU B 166 5.20 -19.56 21.09
CA GLU B 166 4.74 -19.32 19.73
C GLU B 166 4.77 -17.82 19.45
N SER B 167 5.01 -17.45 18.19
CA SER B 167 4.93 -16.06 17.77
C SER B 167 4.27 -15.98 16.40
N VAL B 168 3.39 -15.00 16.22
CA VAL B 168 2.61 -14.83 14.99
C VAL B 168 2.84 -13.44 14.41
N THR B 169 3.15 -13.39 13.12
CA THR B 169 3.27 -12.12 12.43
C THR B 169 1.92 -11.40 12.38
N GLU B 170 1.99 -10.08 12.20
CA GLU B 170 0.79 -9.35 11.78
C GLU B 170 0.24 -9.95 10.49
N GLN B 171 -1.09 -10.00 10.40
CA GLN B 171 -1.75 -10.44 9.19
C GLN B 171 -1.27 -9.60 8.00
N ASP B 172 -0.98 -10.27 6.90
CA ASP B 172 -0.41 -9.58 5.74
C ASP B 172 -1.41 -8.61 5.12
N SER B 173 -1.00 -7.37 4.85
CA SER B 173 -2.01 -6.41 4.44
C SER B 173 -2.32 -6.47 2.94
N LYS B 174 -1.64 -7.35 2.20
CA LYS B 174 -1.91 -7.58 0.79
C LYS B 174 -2.69 -8.87 0.55
N ASP B 175 -2.22 -10.01 1.08
CA ASP B 175 -2.86 -11.30 0.82
C ASP B 175 -3.47 -11.94 2.06
N SER B 176 -3.40 -11.29 3.22
CA SER B 176 -4.17 -11.61 4.41
C SER B 176 -3.77 -12.93 5.10
N THR B 177 -2.53 -13.40 4.94
CA THR B 177 -2.09 -14.61 5.62
C THR B 177 -1.21 -14.28 6.82
N TYR B 178 -0.96 -15.31 7.63
CA TYR B 178 -0.09 -15.21 8.78
C TYR B 178 1.08 -16.16 8.59
N SER B 179 2.15 -15.90 9.31
CA SER B 179 3.17 -16.89 9.56
C SER B 179 3.34 -17.03 11.06
N LEU B 180 3.75 -18.22 11.49
CA LEU B 180 3.81 -18.59 12.89
C LEU B 180 5.12 -19.33 13.13
N SER B 181 5.77 -19.02 14.25
CA SER B 181 6.96 -19.74 14.68
C SER B 181 6.70 -20.33 16.06
N SER B 182 7.14 -21.57 16.26
CA SER B 182 7.16 -22.18 17.58
C SER B 182 8.58 -22.58 17.87
N THR B 183 9.07 -22.22 19.05
CA THR B 183 10.46 -22.42 19.42
C THR B 183 10.49 -23.24 20.70
N LEU B 184 11.13 -24.42 20.63
CA LEU B 184 11.29 -25.32 21.75
C LEU B 184 12.67 -25.10 22.37
N THR B 185 12.71 -24.73 23.64
CA THR B 185 13.98 -24.57 24.34
C THR B 185 14.29 -25.83 25.16
N LEU B 186 15.55 -26.27 25.10
CA LEU B 186 16.07 -27.34 25.95
C LEU B 186 17.48 -26.99 26.40
N SER B 187 17.94 -27.68 27.43
CA SER B 187 19.34 -27.58 27.81
C SER B 187 20.21 -28.34 26.82
N LYS B 188 21.48 -27.95 26.76
CA LYS B 188 22.43 -28.66 25.90
C LYS B 188 22.50 -30.13 26.29
N ALA B 189 22.57 -30.42 27.60
CA ALA B 189 22.65 -31.81 28.05
C ALA B 189 21.40 -32.58 27.65
N ASP B 190 20.22 -31.97 27.79
CA ASP B 190 19.00 -32.67 27.41
C ASP B 190 18.97 -32.90 25.91
N TYR B 191 19.27 -31.86 25.12
CA TYR B 191 19.22 -31.99 23.67
C TYR B 191 20.08 -33.15 23.19
N GLU B 192 21.34 -33.19 23.62
CA GLU B 192 22.30 -34.20 23.18
C GLU B 192 21.99 -35.59 23.75
N LYS B 193 20.90 -35.73 24.48
CA LYS B 193 20.50 -37.02 25.01
C LYS B 193 19.40 -37.68 24.20
N HIS B 194 18.95 -37.05 23.12
CA HIS B 194 17.83 -37.58 22.36
C HIS B 194 18.14 -37.49 20.87
N LYS B 195 17.31 -38.16 20.08
CA LYS B 195 17.57 -38.34 18.67
C LYS B 195 16.56 -37.62 17.78
N VAL B 196 15.29 -37.93 17.93
CA VAL B 196 14.27 -37.54 16.95
C VAL B 196 13.53 -36.32 17.47
N TYR B 197 13.72 -35.20 16.79
CA TYR B 197 13.04 -33.96 17.12
C TYR B 197 12.00 -33.71 16.03
N ALA B 198 10.73 -33.64 16.42
CA ALA B 198 9.63 -33.60 15.47
C ALA B 198 8.68 -32.47 15.79
N CYS B 199 8.18 -31.83 14.73
CA CYS B 199 7.22 -30.74 14.80
C CYS B 199 5.97 -31.18 14.05
N GLU B 200 4.87 -31.44 14.76
CA GLU B 200 3.63 -31.89 14.14
C GLU B 200 2.64 -30.73 14.01
N VAL B 201 2.18 -30.48 12.79
CA VAL B 201 1.33 -29.33 12.48
C VAL B 201 -0.03 -29.82 12.04
N THR B 202 -1.08 -29.39 12.74
CA THR B 202 -2.45 -29.63 12.33
C THR B 202 -3.06 -28.29 11.95
N HIS B 203 -3.75 -28.25 10.79
CA HIS B 203 -4.32 -27.01 10.28
C HIS B 203 -5.44 -27.34 9.30
N GLN B 204 -6.45 -26.46 9.27
CA GLN B 204 -7.62 -26.68 8.43
C GLN B 204 -7.26 -26.87 6.95
N GLY B 205 -6.13 -26.32 6.51
CA GLY B 205 -5.77 -26.43 5.11
C GLY B 205 -5.02 -27.69 4.71
N LEU B 206 -4.50 -28.47 5.66
CA LEU B 206 -3.77 -29.69 5.34
C LEU B 206 -4.72 -30.88 5.46
N SER B 207 -4.78 -31.71 4.40
CA SER B 207 -5.69 -32.84 4.40
C SER B 207 -5.41 -33.82 5.54
N SER B 208 -4.25 -33.74 6.17
CA SER B 208 -3.90 -34.55 7.33
C SER B 208 -2.68 -33.91 7.99
N PRO B 209 -2.46 -34.15 9.29
CA PRO B 209 -1.37 -33.46 9.98
C PRO B 209 -0.04 -33.71 9.28
N VAL B 210 0.82 -32.69 9.31
CA VAL B 210 2.13 -32.75 8.68
C VAL B 210 3.17 -32.71 9.78
N THR B 211 4.18 -33.56 9.66
CA THR B 211 5.27 -33.66 10.61
C THR B 211 6.58 -33.34 9.90
N LYS B 212 7.28 -32.32 10.36
CA LYS B 212 8.64 -32.10 9.94
C LYS B 212 9.53 -32.49 11.09
N SER B 213 10.61 -33.23 10.80
CA SER B 213 11.44 -33.77 11.86
C SER B 213 12.87 -33.95 11.37
N PHE B 214 13.79 -34.05 12.32
CA PHE B 214 15.18 -34.35 12.05
C PHE B 214 15.74 -35.25 13.16
N ASN B 215 16.70 -36.10 12.78
CA ASN B 215 17.52 -36.81 13.74
C ASN B 215 18.74 -35.95 14.08
N ARG B 216 19.00 -35.76 15.37
CA ARG B 216 20.15 -34.97 15.81
C ARG B 216 21.45 -35.58 15.31
N GLY B 217 21.96 -35.09 14.18
CA GLY B 217 23.22 -35.59 13.65
C GLY B 217 23.19 -35.90 12.16
N GLU B 218 22.15 -35.45 11.48
CA GLU B 218 22.01 -35.73 10.06
C GLU B 218 22.40 -34.51 9.23
N GLN C 1 18.80 -33.32 -4.49
CA GLN C 1 18.27 -34.64 -4.21
C GLN C 1 16.77 -34.73 -4.50
N ILE C 2 16.40 -34.74 -5.77
CA ILE C 2 15.02 -35.03 -6.13
C ILE C 2 14.83 -36.54 -6.19
N GLN C 3 13.78 -37.03 -5.53
CA GLN C 3 13.54 -38.46 -5.40
C GLN C 3 12.04 -38.74 -5.53
N LEU C 4 11.72 -39.88 -6.12
CA LEU C 4 10.37 -40.41 -6.11
C LEU C 4 10.42 -41.80 -5.49
N VAL C 5 9.70 -41.98 -4.39
CA VAL C 5 9.77 -43.19 -3.58
C VAL C 5 8.40 -43.84 -3.60
N GLN C 6 8.32 -45.01 -4.21
CA GLN C 6 7.07 -45.73 -4.31
C GLN C 6 6.92 -46.70 -3.13
N SER C 7 5.68 -47.09 -2.87
CA SER C 7 5.39 -48.10 -1.86
C SER C 7 5.94 -49.47 -2.29
N GLY C 8 5.87 -50.44 -1.37
CA GLY C 8 6.49 -51.73 -1.55
C GLY C 8 5.61 -52.75 -2.25
N PRO C 9 6.18 -53.91 -2.54
CA PRO C 9 5.47 -54.91 -3.33
C PRO C 9 4.16 -55.32 -2.70
N GLU C 10 3.25 -55.75 -3.55
CA GLU C 10 1.91 -56.16 -3.15
C GLU C 10 1.61 -57.52 -3.73
N LEU C 11 0.89 -58.33 -2.96
CA LEU C 11 0.38 -59.62 -3.43
C LEU C 11 -1.13 -59.60 -3.24
N LYS C 12 -1.86 -59.85 -4.32
CA LYS C 12 -3.32 -59.76 -4.30
C LYS C 12 -3.91 -60.95 -5.04
N LYS C 13 -5.12 -61.23 -4.72
CA LYS C 13 -6.01 -62.18 -5.36
C LYS C 13 -6.91 -61.45 -6.35
N PRO C 14 -7.42 -62.16 -7.37
CA PRO C 14 -8.23 -61.51 -8.39
C PRO C 14 -9.51 -60.91 -7.79
N GLY C 15 -9.92 -59.75 -8.33
CA GLY C 15 -11.10 -59.09 -7.83
C GLY C 15 -10.86 -58.20 -6.63
N GLU C 16 -9.65 -58.20 -6.07
CA GLU C 16 -9.33 -57.32 -4.96
C GLU C 16 -8.90 -55.95 -5.51
N THR C 17 -8.46 -55.09 -4.61
CA THR C 17 -8.09 -53.73 -4.95
C THR C 17 -6.72 -53.42 -4.35
N VAL C 18 -5.87 -52.78 -5.13
CA VAL C 18 -4.57 -52.35 -4.64
C VAL C 18 -4.45 -50.83 -4.82
N LYS C 19 -3.71 -50.19 -3.92
CA LYS C 19 -3.45 -48.76 -4.00
C LYS C 19 -1.96 -48.49 -3.82
N ILE C 20 -1.34 -47.88 -4.83
CA ILE C 20 0.10 -47.66 -4.92
C ILE C 20 0.37 -46.18 -4.69
N SER C 21 1.44 -45.89 -3.96
CA SER C 21 1.80 -44.55 -3.57
C SER C 21 3.14 -44.15 -4.19
N CYS C 22 3.26 -42.87 -4.53
CA CYS C 22 4.48 -42.25 -5.06
C CYS C 22 4.78 -40.98 -4.27
N LYS C 23 5.81 -41.02 -3.42
CA LYS C 23 6.16 -39.88 -2.58
C LYS C 23 7.29 -39.11 -3.24
N ALA C 24 7.02 -37.84 -3.59
CA ALA C 24 7.96 -36.98 -4.28
C ALA C 24 8.63 -36.04 -3.31
N SER C 25 9.95 -35.91 -3.43
CA SER C 25 10.68 -34.98 -2.60
C SER C 25 11.68 -34.23 -3.47
N GLY C 26 11.98 -33.00 -3.07
CA GLY C 26 13.08 -32.24 -3.63
C GLY C 26 12.69 -31.09 -4.53
N TYR C 27 11.42 -30.95 -4.86
CA TYR C 27 11.02 -29.92 -5.80
C TYR C 27 9.58 -29.56 -5.48
N THR C 28 9.09 -28.53 -6.17
CA THR C 28 7.73 -28.04 -5.96
C THR C 28 6.75 -29.03 -6.59
N PHE C 29 6.07 -29.80 -5.73
CA PHE C 29 5.24 -30.93 -6.18
C PHE C 29 4.18 -30.52 -7.19
N LYS C 30 3.51 -29.39 -6.96
CA LYS C 30 2.41 -28.98 -7.82
C LYS C 30 2.85 -28.41 -9.17
N ASN C 31 4.13 -28.08 -9.33
CA ASN C 31 4.61 -27.50 -10.58
C ASN C 31 4.92 -28.55 -11.68
N TYR C 32 4.81 -29.85 -11.40
CA TYR C 32 5.17 -30.86 -12.39
C TYR C 32 4.14 -31.99 -12.37
N GLY C 33 3.54 -32.27 -13.53
CA GLY C 33 2.65 -33.41 -13.64
C GLY C 33 3.37 -34.73 -13.40
N MET C 34 2.58 -35.74 -13.03
CA MET C 34 3.07 -37.07 -12.71
C MET C 34 2.47 -38.10 -13.66
N ASN C 35 3.33 -38.93 -14.25
CA ASN C 35 2.89 -39.99 -15.12
C ASN C 35 2.94 -41.33 -14.39
N TRP C 36 2.09 -42.25 -14.83
CA TRP C 36 2.12 -43.63 -14.39
C TRP C 36 2.42 -44.53 -15.59
N VAL C 37 3.22 -45.57 -15.37
CA VAL C 37 3.77 -46.41 -16.43
C VAL C 37 3.75 -47.85 -15.97
N LYS C 38 3.16 -48.74 -16.77
CA LYS C 38 3.05 -50.16 -16.46
C LYS C 38 4.09 -50.95 -17.25
N GLN C 39 4.74 -51.92 -16.59
CA GLN C 39 5.68 -52.83 -17.25
C GLN C 39 5.36 -54.28 -16.86
N ALA C 40 4.59 -54.97 -17.69
CA ALA C 40 4.27 -56.37 -17.42
C ALA C 40 5.53 -57.24 -17.55
N PRO C 41 5.56 -58.40 -16.88
CA PRO C 41 6.77 -59.24 -16.90
C PRO C 41 7.29 -59.51 -18.31
N GLY C 42 8.54 -59.13 -18.56
CA GLY C 42 9.13 -59.31 -19.87
C GLY C 42 8.61 -58.41 -20.97
N LYS C 43 7.83 -57.38 -20.64
CA LYS C 43 7.22 -56.55 -21.67
C LYS C 43 7.82 -55.16 -21.65
N GLY C 44 7.37 -54.30 -22.61
CA GLY C 44 7.84 -52.94 -22.66
C GLY C 44 7.16 -52.05 -21.65
N LEU C 45 7.62 -50.80 -21.58
CA LEU C 45 6.94 -49.77 -20.80
C LEU C 45 5.73 -49.26 -21.57
N LYS C 46 4.59 -49.13 -20.88
CA LYS C 46 3.36 -48.64 -21.47
C LYS C 46 2.87 -47.48 -20.62
N TRP C 47 2.78 -46.30 -21.20
CA TRP C 47 2.26 -45.16 -20.49
C TRP C 47 0.82 -45.41 -20.09
N MET C 48 0.50 -45.10 -18.84
CA MET C 48 -0.84 -45.38 -18.34
C MET C 48 -1.71 -44.14 -18.31
N GLY C 49 -1.12 -43.01 -17.97
CA GLY C 49 -1.87 -41.78 -17.84
C GLY C 49 -1.06 -40.75 -17.06
N TRP C 50 -1.70 -39.63 -16.82
CA TRP C 50 -1.05 -38.45 -16.25
C TRP C 50 -2.03 -37.78 -15.28
N ILE C 51 -1.51 -37.16 -14.23
CA ILE C 51 -2.33 -36.41 -13.28
C ILE C 51 -1.72 -35.02 -13.08
N ASN C 52 -2.54 -33.99 -13.26
CA ASN C 52 -2.23 -32.63 -12.79
C ASN C 52 -2.00 -32.61 -11.28
N THR C 53 -0.77 -32.32 -10.83
CA THR C 53 -0.50 -32.32 -9.40
C THR C 53 -0.99 -31.06 -8.69
N TYR C 54 -1.58 -30.13 -9.43
CA TYR C 54 -2.17 -28.95 -8.82
C TYR C 54 -3.67 -29.17 -8.60
N THR C 55 -4.39 -29.51 -9.67
CA THR C 55 -5.83 -29.61 -9.59
C THR C 55 -6.33 -31.02 -9.37
N GLY C 56 -5.44 -32.01 -9.45
CA GLY C 56 -5.83 -33.40 -9.32
C GLY C 56 -6.47 -33.99 -10.54
N GLN C 57 -6.65 -33.23 -11.62
CA GLN C 57 -7.32 -33.71 -12.82
C GLN C 57 -6.53 -34.86 -13.44
N PRO C 58 -7.15 -36.04 -13.63
CA PRO C 58 -6.42 -37.18 -14.21
C PRO C 58 -6.72 -37.34 -15.69
N ILE C 59 -5.76 -37.86 -16.45
CA ILE C 59 -5.94 -38.18 -17.86
C ILE C 59 -5.45 -39.60 -18.10
N TYR C 60 -6.27 -40.42 -18.75
CA TYR C 60 -6.01 -41.85 -18.91
C TYR C 60 -5.73 -42.22 -20.36
N ALA C 61 -4.71 -43.04 -20.56
CA ALA C 61 -4.52 -43.73 -21.84
C ALA C 61 -5.69 -44.66 -22.10
N ASN C 62 -5.87 -45.00 -23.39
CA ASN C 62 -7.05 -45.75 -23.81
C ASN C 62 -7.14 -47.11 -23.12
N ASP C 63 -6.02 -47.74 -22.80
CA ASP C 63 -6.09 -49.08 -22.22
C ASP C 63 -6.38 -49.07 -20.74
N PHE C 64 -6.35 -47.91 -20.08
CA PHE C 64 -6.48 -47.88 -18.64
C PHE C 64 -7.63 -46.97 -18.23
N LYS C 65 -8.80 -47.24 -18.78
CA LYS C 65 -9.93 -46.35 -18.57
C LYS C 65 -10.80 -46.80 -17.39
N GLY C 66 -11.41 -47.97 -17.49
CA GLY C 66 -12.36 -48.40 -16.47
C GLY C 66 -11.86 -48.53 -15.03
N ARG C 67 -10.87 -49.38 -14.80
CA ARG C 67 -10.59 -49.88 -13.47
C ARG C 67 -9.51 -49.08 -12.72
N PHE C 68 -8.88 -48.09 -13.35
CA PHE C 68 -7.74 -47.40 -12.79
C PHE C 68 -8.11 -45.99 -12.35
N ALA C 69 -7.47 -45.52 -11.28
CA ALA C 69 -7.81 -44.22 -10.69
C ALA C 69 -6.55 -43.57 -10.15
N PHE C 70 -6.20 -42.38 -10.67
CA PHE C 70 -5.09 -41.60 -10.15
C PHE C 70 -5.60 -40.58 -9.14
N SER C 71 -4.86 -40.39 -8.05
CA SER C 71 -5.26 -39.42 -7.05
C SER C 71 -4.04 -38.84 -6.36
N LEU C 72 -4.28 -37.78 -5.59
CA LEU C 72 -3.22 -37.03 -4.92
C LEU C 72 -3.43 -37.04 -3.42
N GLU C 73 -2.34 -36.81 -2.70
CA GLU C 73 -2.38 -36.28 -1.34
C GLU C 73 -1.39 -35.13 -1.33
N THR C 74 -1.87 -33.92 -1.65
CA THR C 74 -0.95 -32.82 -1.85
C THR C 74 -0.25 -32.40 -0.56
N SER C 75 -0.91 -32.55 0.59
CA SER C 75 -0.21 -32.23 1.82
C SER C 75 0.99 -33.15 2.04
N ALA C 76 0.98 -34.36 1.46
CA ALA C 76 2.08 -35.28 1.60
C ALA C 76 2.95 -35.37 0.34
N SER C 77 2.73 -34.51 -0.66
CA SER C 77 3.47 -34.55 -1.92
C SER C 77 3.44 -35.96 -2.51
N THR C 78 2.25 -36.55 -2.54
CA THR C 78 2.10 -37.98 -2.80
C THR C 78 1.08 -38.20 -3.88
N ALA C 79 1.44 -39.00 -4.89
CA ALA C 79 0.55 -39.42 -5.96
C ALA C 79 0.12 -40.86 -5.72
N TYR C 80 -1.15 -41.16 -5.95
CA TYR C 80 -1.68 -42.50 -5.70
C TYR C 80 -2.18 -43.13 -6.99
N LEU C 81 -1.95 -44.44 -7.13
CA LEU C 81 -2.52 -45.22 -8.22
C LEU C 81 -3.32 -46.36 -7.60
N GLN C 82 -4.62 -46.39 -7.89
CA GLN C 82 -5.50 -47.45 -7.42
C GLN C 82 -5.98 -48.27 -8.60
N ILE C 83 -6.00 -49.58 -8.43
CA ILE C 83 -6.50 -50.51 -9.43
C ILE C 83 -7.60 -51.31 -8.77
N ASN C 84 -8.79 -51.27 -9.36
CA ASN C 84 -9.94 -51.99 -8.86
C ASN C 84 -10.22 -53.22 -9.70
N ASN C 85 -10.91 -54.19 -9.09
CA ASN C 85 -11.28 -55.45 -9.73
C ASN C 85 -10.07 -56.13 -10.40
N LEU C 86 -9.03 -56.34 -9.59
CA LEU C 86 -7.76 -56.87 -10.08
C LEU C 86 -7.92 -58.16 -10.89
N LYS C 87 -7.16 -58.25 -11.98
CA LYS C 87 -7.11 -59.43 -12.83
C LYS C 87 -5.66 -59.92 -12.92
N ASN C 88 -5.51 -61.18 -13.34
CA ASN C 88 -4.17 -61.75 -13.48
C ASN C 88 -3.27 -60.86 -14.32
N GLU C 89 -3.85 -60.22 -15.33
CA GLU C 89 -3.15 -59.40 -16.31
C GLU C 89 -2.73 -58.04 -15.76
N ASP C 90 -3.12 -57.72 -14.54
CA ASP C 90 -2.56 -56.55 -13.88
C ASP C 90 -1.22 -56.82 -13.20
N THR C 91 -0.79 -58.08 -13.13
CA THR C 91 0.53 -58.39 -12.58
C THR C 91 1.58 -57.63 -13.38
N ALA C 92 2.36 -56.80 -12.71
CA ALA C 92 3.30 -55.92 -13.40
C ALA C 92 4.07 -55.12 -12.34
N THR C 93 5.08 -54.40 -12.81
CA THR C 93 5.73 -53.35 -12.03
C THR C 93 5.20 -52.00 -12.51
N TYR C 94 4.68 -51.21 -11.60
CA TYR C 94 4.18 -49.89 -11.95
C TYR C 94 5.18 -48.85 -11.50
N PHE C 95 5.43 -47.87 -12.36
CA PHE C 95 6.28 -46.73 -12.07
C PHE C 95 5.48 -45.43 -12.07
N CYS C 96 5.92 -44.48 -11.25
CA CYS C 96 5.58 -43.08 -11.40
C CYS C 96 6.76 -42.34 -12.01
N ALA C 97 6.47 -41.34 -12.83
CA ALA C 97 7.53 -40.67 -13.56
C ALA C 97 7.13 -39.23 -13.78
N ARG C 98 7.95 -38.31 -13.29
CA ARG C 98 7.62 -36.90 -13.29
C ARG C 98 7.85 -36.32 -14.67
N ASP C 99 7.02 -35.34 -15.02
CA ASP C 99 7.25 -34.54 -16.21
C ASP C 99 8.61 -33.88 -16.14
N TRP C 100 9.34 -33.93 -17.26
CA TRP C 100 10.55 -33.15 -17.50
C TRP C 100 11.76 -33.72 -16.76
N GLY C 101 12.75 -34.17 -17.53
CA GLY C 101 13.97 -34.70 -16.98
C GLY C 101 13.88 -36.18 -16.68
N PRO C 102 14.75 -36.66 -15.78
CA PRO C 102 14.98 -38.11 -15.64
C PRO C 102 14.27 -38.81 -14.48
N TYR C 103 13.33 -38.18 -13.77
CA TYR C 103 12.91 -38.66 -12.45
C TYR C 103 11.84 -39.73 -12.55
N TRP C 104 12.17 -40.91 -12.04
CA TRP C 104 11.32 -42.09 -12.01
C TRP C 104 11.35 -42.64 -10.59
N GLY C 105 10.23 -43.16 -10.12
CA GLY C 105 10.25 -44.03 -8.96
C GLY C 105 11.00 -45.32 -9.27
N GLN C 106 11.15 -46.16 -8.22
CA GLN C 106 11.84 -47.44 -8.34
C GLN C 106 10.93 -48.56 -8.78
N GLY C 107 9.65 -48.31 -8.97
CA GLY C 107 8.71 -49.35 -9.35
C GLY C 107 8.06 -49.99 -8.14
N THR C 108 6.81 -50.38 -8.31
CA THR C 108 6.08 -51.16 -7.32
C THR C 108 5.61 -52.47 -7.94
N LEU C 109 6.08 -53.60 -7.44
CA LEU C 109 5.68 -54.90 -7.99
C LEU C 109 4.33 -55.34 -7.44
N VAL C 110 3.38 -55.62 -8.32
CA VAL C 110 2.04 -56.09 -7.93
C VAL C 110 1.83 -57.46 -8.57
N ILE C 111 1.74 -58.51 -7.75
CA ILE C 111 1.38 -59.85 -8.19
C ILE C 111 -0.10 -60.05 -7.95
N VAL C 112 -0.85 -60.44 -8.98
CA VAL C 112 -2.22 -60.88 -8.84
C VAL C 112 -2.30 -62.35 -9.23
N SER C 113 -2.85 -63.17 -8.34
CA SER C 113 -2.89 -64.60 -8.58
C SER C 113 -3.86 -65.25 -7.61
N ALA C 114 -4.48 -66.33 -8.08
CA ALA C 114 -5.28 -67.19 -7.21
C ALA C 114 -4.45 -67.91 -6.19
N ALA C 115 -3.13 -68.00 -6.39
CA ALA C 115 -2.32 -68.88 -5.56
C ALA C 115 -2.10 -68.26 -4.18
N SER C 116 -1.76 -69.12 -3.23
CA SER C 116 -1.45 -68.72 -1.87
C SER C 116 0.02 -68.97 -1.57
N THR C 117 0.62 -68.03 -0.84
CA THR C 117 2.01 -68.13 -0.42
C THR C 117 2.37 -69.53 0.05
N LYS C 118 3.57 -69.99 -0.32
CA LYS C 118 4.06 -71.30 0.06
C LYS C 118 5.57 -71.28 -0.09
N GLY C 119 6.28 -71.68 0.97
CA GLY C 119 7.71 -71.79 0.91
C GLY C 119 8.14 -72.97 0.07
N PRO C 120 9.40 -72.99 -0.38
CA PRO C 120 9.87 -74.06 -1.27
C PRO C 120 10.53 -75.23 -0.53
N SER C 121 10.55 -76.38 -1.21
CA SER C 121 11.44 -77.47 -0.86
C SER C 121 12.75 -77.27 -1.61
N VAL C 122 13.85 -77.62 -0.96
CA VAL C 122 15.17 -77.51 -1.56
C VAL C 122 15.77 -78.90 -1.61
N PHE C 123 16.09 -79.36 -2.82
CA PHE C 123 16.70 -80.64 -3.06
C PHE C 123 18.09 -80.45 -3.67
N PRO C 124 19.04 -81.33 -3.34
CA PRO C 124 20.38 -81.20 -3.92
C PRO C 124 20.43 -81.70 -5.36
N LEU C 125 21.28 -81.05 -6.14
CA LEU C 125 21.77 -81.57 -7.43
C LEU C 125 23.23 -81.92 -7.19
N ALA C 126 23.50 -83.19 -7.10
CA ALA C 126 24.77 -83.69 -6.58
C ALA C 126 25.79 -83.90 -7.70
N PRO C 127 27.07 -83.65 -7.41
CA PRO C 127 28.12 -83.90 -8.40
C PRO C 127 28.21 -85.37 -8.78
N SER C 128 28.39 -85.61 -10.09
CA SER C 128 28.37 -86.94 -10.66
C SER C 128 29.70 -87.66 -10.47
N SER C 129 29.62 -89.00 -10.38
CA SER C 129 30.75 -89.94 -10.26
C SER C 129 31.94 -89.39 -9.48
N GLY C 135 39.69 -81.81 -14.81
CA GLY C 135 38.28 -81.65 -15.12
C GLY C 135 37.58 -80.84 -14.06
N THR C 136 36.36 -80.40 -14.36
CA THR C 136 35.56 -79.65 -13.39
C THR C 136 34.19 -80.30 -13.27
N ALA C 137 33.54 -80.09 -12.12
CA ALA C 137 32.27 -80.72 -11.80
C ALA C 137 31.20 -79.65 -11.59
N ALA C 138 29.95 -80.08 -11.70
CA ALA C 138 28.83 -79.18 -11.50
C ALA C 138 27.95 -79.71 -10.38
N LEU C 139 27.38 -78.79 -9.60
CA LEU C 139 26.45 -79.12 -8.53
C LEU C 139 25.51 -77.94 -8.34
N GLY C 140 24.43 -78.18 -7.62
CA GLY C 140 23.49 -77.12 -7.42
C GLY C 140 22.35 -77.51 -6.50
N CYS C 141 21.30 -76.69 -6.56
CA CYS C 141 20.13 -76.85 -5.70
C CYS C 141 18.88 -76.62 -6.53
N LEU C 142 17.89 -77.48 -6.34
CA LEU C 142 16.58 -77.33 -6.93
C LEU C 142 15.67 -76.71 -5.87
N VAL C 143 15.21 -75.49 -6.13
CA VAL C 143 14.27 -74.78 -5.27
C VAL C 143 12.89 -74.92 -5.90
N LYS C 144 12.02 -75.73 -5.30
CA LYS C 144 10.83 -76.21 -5.98
C LYS C 144 9.55 -75.80 -5.24
N ASP C 145 8.52 -75.45 -6.04
CA ASP C 145 7.12 -75.36 -5.57
C ASP C 145 6.89 -74.23 -4.57
N TYR C 146 7.34 -73.03 -4.91
CA TYR C 146 7.07 -71.87 -4.07
C TYR C 146 6.20 -70.87 -4.81
N PHE C 147 5.67 -69.92 -4.05
CA PHE C 147 4.89 -68.80 -4.53
C PHE C 147 4.84 -67.79 -3.40
N PRO C 148 4.97 -66.49 -3.69
CA PRO C 148 5.28 -66.04 -5.06
C PRO C 148 6.77 -65.81 -5.21
N GLU C 149 7.14 -65.16 -6.30
CA GLU C 149 8.50 -64.70 -6.47
C GLU C 149 8.80 -63.59 -5.46
N PRO C 150 10.08 -63.38 -5.13
CA PRO C 150 11.21 -64.19 -5.58
C PRO C 150 11.80 -65.02 -4.45
N VAL C 151 12.58 -66.04 -4.79
CA VAL C 151 13.56 -66.61 -3.88
C VAL C 151 14.92 -66.08 -4.30
N THR C 152 15.78 -65.84 -3.32
CA THR C 152 17.18 -65.56 -3.57
C THR C 152 18.00 -66.79 -3.20
N VAL C 153 19.15 -66.94 -3.85
CA VAL C 153 20.03 -68.08 -3.63
C VAL C 153 21.45 -67.56 -3.59
N SER C 154 22.20 -67.96 -2.57
CA SER C 154 23.63 -67.69 -2.52
C SER C 154 24.34 -68.99 -2.22
N TRP C 155 25.63 -69.02 -2.49
CA TRP C 155 26.45 -70.20 -2.23
C TRP C 155 27.48 -69.87 -1.18
N ASN C 156 27.58 -70.75 -0.18
CA ASN C 156 28.55 -70.62 0.90
C ASN C 156 28.48 -69.25 1.53
N SER C 157 27.26 -68.85 1.89
CA SER C 157 27.02 -67.54 2.52
C SER C 157 27.66 -66.39 1.72
N GLY C 158 27.58 -66.49 0.40
CA GLY C 158 28.11 -65.43 -0.45
C GLY C 158 29.61 -65.42 -0.62
N ALA C 159 30.31 -66.47 -0.19
CA ALA C 159 31.74 -66.59 -0.42
C ALA C 159 32.07 -67.27 -1.74
N LEU C 160 31.08 -67.87 -2.39
CA LEU C 160 31.24 -68.55 -3.67
C LEU C 160 30.33 -67.84 -4.68
N THR C 161 30.95 -67.18 -5.67
CA THR C 161 30.19 -66.47 -6.70
C THR C 161 30.68 -66.73 -8.11
N SER C 162 31.93 -67.16 -8.30
CA SER C 162 32.41 -67.55 -9.62
C SER C 162 31.75 -68.85 -10.06
N GLY C 163 31.41 -68.94 -11.34
CA GLY C 163 30.75 -70.11 -11.87
C GLY C 163 29.31 -70.30 -11.49
N VAL C 164 28.75 -69.43 -10.64
CA VAL C 164 27.35 -69.58 -10.21
C VAL C 164 26.42 -69.16 -11.34
N HIS C 165 25.37 -69.95 -11.56
CA HIS C 165 24.23 -69.55 -12.38
C HIS C 165 22.97 -69.93 -11.59
N THR C 166 22.25 -68.91 -11.12
CA THR C 166 20.89 -69.09 -10.63
C THR C 166 19.93 -68.76 -11.76
N PHE C 167 19.17 -69.75 -12.21
CA PHE C 167 18.33 -69.61 -13.38
C PHE C 167 17.06 -68.83 -13.04
N PRO C 168 16.44 -68.19 -14.04
CA PRO C 168 15.11 -67.61 -13.83
C PRO C 168 14.08 -68.69 -13.50
N ALA C 169 13.23 -68.40 -12.51
CA ALA C 169 12.19 -69.35 -12.14
C ALA C 169 11.32 -69.67 -13.35
N VAL C 170 10.64 -70.80 -13.30
CA VAL C 170 9.64 -71.13 -14.31
C VAL C 170 8.33 -71.45 -13.60
N LEU C 171 7.23 -71.06 -14.24
CA LEU C 171 5.91 -71.33 -13.71
C LEU C 171 5.48 -72.71 -14.15
N GLN C 172 5.08 -73.53 -13.18
CA GLN C 172 4.61 -74.88 -13.47
C GLN C 172 3.09 -74.87 -13.62
N SER C 173 2.54 -75.99 -14.07
CA SER C 173 1.09 -76.08 -14.22
C SER C 173 0.39 -75.92 -12.88
N SER C 174 1.06 -76.30 -11.78
CA SER C 174 0.51 -76.20 -10.44
C SER C 174 0.29 -74.76 -9.99
N GLY C 175 0.81 -73.77 -10.72
CA GLY C 175 0.73 -72.39 -10.30
C GLY C 175 1.82 -71.95 -9.34
N LEU C 176 2.72 -72.85 -8.97
CA LEU C 176 3.86 -72.49 -8.13
C LEU C 176 5.09 -72.33 -9.01
N TYR C 177 6.13 -71.73 -8.44
CA TYR C 177 7.37 -71.55 -9.18
C TYR C 177 8.40 -72.58 -8.76
N SER C 178 9.40 -72.74 -9.63
CA SER C 178 10.52 -73.62 -9.40
C SER C 178 11.72 -73.06 -10.16
N LEU C 179 12.90 -73.13 -9.54
CA LEU C 179 14.15 -72.75 -10.20
C LEU C 179 15.27 -73.65 -9.71
N SER C 180 16.42 -73.57 -10.40
CA SER C 180 17.66 -74.17 -9.93
C SER C 180 18.76 -73.13 -9.88
N SER C 181 19.71 -73.35 -8.97
CA SER C 181 20.97 -72.62 -8.95
C SER C 181 22.10 -73.64 -9.01
N VAL C 182 23.06 -73.40 -9.89
CA VAL C 182 24.16 -74.33 -10.11
C VAL C 182 25.46 -73.54 -9.98
N VAL C 183 26.55 -74.30 -9.86
CA VAL C 183 27.91 -73.75 -9.91
C VAL C 183 28.84 -74.86 -10.40
N THR C 184 29.85 -74.47 -11.16
CA THR C 184 30.94 -75.39 -11.52
C THR C 184 32.12 -75.15 -10.59
N VAL C 185 32.68 -76.24 -10.08
CA VAL C 185 33.84 -76.20 -9.19
C VAL C 185 34.82 -77.27 -9.62
N PRO C 186 36.09 -77.14 -9.23
CA PRO C 186 37.08 -78.14 -9.64
C PRO C 186 36.84 -79.50 -8.98
N SER C 187 37.06 -80.56 -9.75
CA SER C 187 36.77 -81.92 -9.29
C SER C 187 37.57 -82.29 -8.05
N SER C 188 38.84 -81.90 -8.00
CA SER C 188 39.67 -82.23 -6.84
C SER C 188 39.11 -81.65 -5.54
N SER C 189 38.30 -80.60 -5.62
CA SER C 189 37.77 -79.94 -4.44
C SER C 189 36.62 -80.71 -3.77
N LEU C 190 35.94 -81.59 -4.49
CA LEU C 190 34.86 -82.35 -3.88
C LEU C 190 35.40 -83.26 -2.79
N GLY C 191 34.62 -83.43 -1.72
CA GLY C 191 35.09 -84.17 -0.57
C GLY C 191 36.15 -83.47 0.25
N THR C 192 36.72 -82.37 -0.24
CA THR C 192 37.55 -81.45 0.53
C THR C 192 36.81 -80.17 0.90
N GLN C 193 36.10 -79.57 -0.04
CA GLN C 193 35.41 -78.31 0.17
C GLN C 193 33.91 -78.54 0.33
N THR C 194 33.33 -77.91 1.35
CA THR C 194 31.89 -77.98 1.57
C THR C 194 31.17 -76.94 0.70
N TYR C 195 30.03 -77.33 0.14
CA TYR C 195 29.21 -76.44 -0.71
C TYR C 195 27.80 -76.39 -0.16
N ILE C 196 27.33 -75.18 0.14
CA ILE C 196 26.02 -74.95 0.75
C ILE C 196 25.31 -73.88 -0.05
N CYS C 197 24.12 -74.19 -0.57
CA CYS C 197 23.26 -73.16 -1.12
C CYS C 197 22.36 -72.62 -0.01
N ASN C 198 22.24 -71.30 0.06
CA ASN C 198 21.40 -70.61 1.02
C ASN C 198 20.18 -70.10 0.27
N VAL C 199 19.01 -70.61 0.64
CA VAL C 199 17.75 -70.30 -0.03
C VAL C 199 16.95 -69.43 0.92
N ASN C 200 16.38 -68.34 0.39
CA ASN C 200 15.62 -67.40 1.21
C ASN C 200 14.35 -67.04 0.44
N HIS C 201 13.20 -67.42 1.00
CA HIS C 201 11.90 -67.08 0.43
C HIS C 201 11.24 -66.14 1.42
N LYS C 202 11.61 -64.87 1.34
CA LYS C 202 11.10 -63.86 2.28
C LYS C 202 9.58 -63.83 2.40
N PRO C 203 8.78 -64.00 1.34
CA PRO C 203 7.32 -63.95 1.53
C PRO C 203 6.80 -64.98 2.52
N SER C 204 7.09 -66.25 2.32
CA SER C 204 6.66 -67.28 3.26
C SER C 204 7.56 -67.40 4.49
N ASN C 205 8.58 -66.54 4.62
CA ASN C 205 9.53 -66.59 5.75
C ASN C 205 10.26 -67.93 5.85
N THR C 206 10.62 -68.50 4.70
CA THR C 206 11.34 -69.76 4.61
C THR C 206 12.82 -69.51 4.33
N LYS C 207 13.66 -69.90 5.27
CA LYS C 207 15.11 -69.86 5.11
C LYS C 207 15.67 -71.27 5.26
N VAL C 208 16.37 -71.75 4.23
CA VAL C 208 16.92 -73.10 4.19
C VAL C 208 18.37 -73.02 3.75
N ASP C 209 19.25 -73.70 4.48
CA ASP C 209 20.64 -73.94 4.10
C ASP C 209 20.80 -75.40 3.73
N LYS C 210 21.31 -75.67 2.52
CA LYS C 210 21.32 -77.03 2.00
C LYS C 210 22.72 -77.40 1.56
N LYS C 211 23.35 -78.34 2.28
CA LYS C 211 24.66 -78.83 1.90
C LYS C 211 24.53 -79.79 0.72
N VAL C 212 25.39 -79.63 -0.28
CA VAL C 212 25.32 -80.41 -1.53
C VAL C 212 26.64 -81.14 -1.69
N GLU C 213 26.57 -82.47 -1.77
CA GLU C 213 27.75 -83.31 -1.70
C GLU C 213 27.55 -84.54 -2.56
N PRO C 214 28.63 -85.24 -2.94
CA PRO C 214 28.46 -86.46 -3.75
C PRO C 214 27.80 -87.59 -2.96
N ASN D 1 -3.84 -40.46 -31.32
CA ASN D 1 -2.62 -40.89 -30.64
C ASN D 1 -1.42 -40.78 -31.57
N ILE D 2 -0.23 -40.64 -31.00
CA ILE D 2 1.02 -40.70 -31.75
C ILE D 2 1.63 -42.08 -31.56
N MET D 3 1.62 -42.89 -32.63
CA MET D 3 2.17 -44.25 -32.60
C MET D 3 3.69 -44.22 -32.70
N MET D 4 4.35 -45.13 -31.97
CA MET D 4 5.82 -45.20 -31.92
C MET D 4 6.31 -46.58 -32.36
N THR D 5 6.99 -46.65 -33.53
CA THR D 5 7.52 -47.89 -34.08
C THR D 5 9.03 -47.94 -33.88
N GLN D 6 9.49 -48.84 -33.02
CA GLN D 6 10.91 -48.97 -32.74
C GLN D 6 11.45 -50.23 -33.40
N SER D 7 12.68 -50.13 -33.91
CA SER D 7 13.23 -51.27 -34.64
C SER D 7 14.75 -51.20 -34.56
N PRO D 8 15.45 -52.37 -34.58
CA PRO D 8 14.83 -53.70 -34.52
C PRO D 8 14.45 -54.08 -33.09
N SER D 9 13.71 -55.18 -32.88
CA SER D 9 13.38 -55.61 -31.53
C SER D 9 14.62 -56.02 -30.75
N SER D 10 15.54 -56.73 -31.39
CA SER D 10 16.75 -57.18 -30.72
C SER D 10 17.92 -57.03 -31.68
N LEU D 11 19.11 -56.85 -31.11
CA LEU D 11 20.32 -56.56 -31.86
C LEU D 11 21.49 -57.23 -31.17
N ALA D 12 22.44 -57.73 -31.97
CA ALA D 12 23.67 -58.27 -31.44
C ALA D 12 24.82 -57.75 -32.28
N VAL D 13 25.79 -57.09 -31.63
CA VAL D 13 27.04 -56.69 -32.25
C VAL D 13 28.19 -57.13 -31.37
N SER D 14 29.36 -57.24 -31.99
CA SER D 14 30.58 -57.52 -31.24
C SER D 14 31.01 -56.29 -30.44
N ALA D 15 31.68 -56.55 -29.32
CA ALA D 15 32.15 -55.49 -28.44
C ALA D 15 33.03 -54.52 -29.22
N GLY D 16 32.77 -53.23 -29.07
CA GLY D 16 33.51 -52.22 -29.80
C GLY D 16 32.92 -51.82 -31.12
N GLU D 17 31.94 -52.56 -31.63
CA GLU D 17 31.30 -52.18 -32.88
C GLU D 17 30.22 -51.14 -32.61
N LYS D 18 29.58 -50.71 -33.68
CA LYS D 18 28.61 -49.63 -33.69
C LYS D 18 27.21 -50.22 -33.78
N VAL D 19 26.24 -49.57 -33.14
CA VAL D 19 24.84 -49.99 -33.25
C VAL D 19 23.97 -48.78 -33.46
N THR D 20 22.88 -48.97 -34.20
CA THR D 20 21.84 -47.96 -34.30
C THR D 20 20.47 -48.57 -34.00
N VAL D 21 19.67 -47.80 -33.28
CA VAL D 21 18.28 -48.11 -32.99
C VAL D 21 17.42 -47.07 -33.68
N ASN D 22 16.31 -47.52 -34.25
CA ASN D 22 15.47 -46.64 -35.03
C ASN D 22 14.14 -46.47 -34.32
N CYS D 23 13.54 -45.29 -34.48
CA CYS D 23 12.22 -45.02 -33.92
C CYS D 23 11.49 -44.11 -34.88
N LYS D 24 10.32 -44.55 -35.31
CA LYS D 24 9.47 -43.77 -36.20
C LYS D 24 8.21 -43.39 -35.44
N SER D 25 7.92 -42.09 -35.36
CA SER D 25 6.64 -41.63 -34.84
C SER D 25 5.63 -41.54 -35.98
N SER D 26 4.35 -41.73 -35.64
CA SER D 26 3.28 -41.64 -36.63
C SER D 26 2.92 -40.21 -37.01
N GLN D 27 3.30 -39.22 -36.22
CA GLN D 27 3.19 -37.81 -36.58
C GLN D 27 4.43 -37.10 -36.07
N SER D 28 4.67 -35.92 -36.61
CA SER D 28 5.83 -35.12 -36.23
C SER D 28 5.77 -34.74 -34.76
N VAL D 29 6.89 -34.95 -34.06
CA VAL D 29 7.07 -34.48 -32.69
C VAL D 29 7.99 -33.25 -32.65
N LEU D 30 8.18 -32.59 -33.80
CA LEU D 30 8.90 -31.34 -33.88
C LEU D 30 7.90 -30.20 -33.70
N TYR D 31 7.95 -29.53 -32.54
CA TYR D 31 7.06 -28.41 -32.27
C TYR D 31 7.52 -27.18 -33.06
N SER D 32 6.64 -26.63 -33.90
CA SER D 32 7.09 -25.60 -34.83
C SER D 32 7.56 -24.34 -34.10
N SER D 33 6.87 -23.95 -33.02
CA SER D 33 7.19 -22.70 -32.34
C SER D 33 8.63 -22.66 -31.84
N ASN D 34 9.09 -23.75 -31.21
CA ASN D 34 10.44 -23.74 -30.64
C ASN D 34 11.43 -24.64 -31.37
N GLN D 35 11.00 -25.29 -32.45
CA GLN D 35 11.87 -26.16 -33.25
C GLN D 35 12.61 -27.21 -32.40
N MET D 36 11.92 -27.79 -31.42
CA MET D 36 12.46 -28.90 -30.65
C MET D 36 11.69 -30.18 -30.98
N ASN D 37 12.42 -31.30 -31.01
CA ASN D 37 11.82 -32.62 -31.13
C ASN D 37 11.52 -33.16 -29.74
N TYR D 38 10.26 -33.51 -29.50
CA TYR D 38 9.84 -33.97 -28.17
C TYR D 38 10.07 -35.48 -28.08
N LEU D 39 11.35 -35.84 -28.00
CA LEU D 39 11.75 -37.22 -28.15
C LEU D 39 12.87 -37.55 -27.18
N ALA D 40 12.74 -38.68 -26.47
CA ALA D 40 13.74 -39.12 -25.53
C ALA D 40 14.15 -40.57 -25.81
N TRP D 41 15.36 -40.92 -25.36
CA TRP D 41 15.84 -42.29 -25.38
C TRP D 41 16.18 -42.71 -23.97
N TYR D 42 15.77 -43.93 -23.59
CA TYR D 42 16.04 -44.51 -22.29
C TYR D 42 16.75 -45.86 -22.39
N GLN D 43 17.56 -46.16 -21.37
CA GLN D 43 18.27 -47.42 -21.19
C GLN D 43 17.73 -48.09 -19.93
N GLN D 44 17.35 -49.36 -20.05
CA GLN D 44 16.81 -50.07 -18.90
C GLN D 44 17.48 -51.42 -18.75
N LYS D 45 18.01 -51.68 -17.56
CA LYS D 45 18.62 -52.95 -17.21
C LYS D 45 17.75 -53.72 -16.23
N PRO D 46 17.91 -55.03 -16.13
CA PRO D 46 17.05 -55.83 -15.22
C PRO D 46 16.99 -55.22 -13.83
N GLY D 47 15.78 -55.19 -13.28
CA GLY D 47 15.57 -54.76 -11.91
C GLY D 47 15.60 -53.28 -11.65
N GLN D 48 15.86 -52.45 -12.67
CA GLN D 48 16.01 -51.01 -12.48
C GLN D 48 14.92 -50.26 -13.24
N SER D 49 14.73 -48.99 -12.87
CA SER D 49 13.87 -48.13 -13.67
C SER D 49 14.66 -47.58 -14.85
N PRO D 50 13.96 -47.19 -15.93
CA PRO D 50 14.67 -46.67 -17.11
C PRO D 50 15.51 -45.44 -16.75
N LYS D 51 16.69 -45.37 -17.39
CA LYS D 51 17.60 -44.24 -17.27
C LYS D 51 17.41 -43.37 -18.49
N LEU D 52 17.24 -42.07 -18.29
CA LEU D 52 17.19 -41.17 -19.43
C LEU D 52 18.58 -41.06 -20.06
N LEU D 53 18.66 -41.24 -21.37
CA LEU D 53 19.95 -41.09 -22.04
C LEU D 53 20.03 -39.78 -22.80
N ILE D 54 18.99 -39.49 -23.56
CA ILE D 54 18.97 -38.42 -24.55
C ILE D 54 17.57 -37.82 -24.55
N TYR D 55 17.50 -36.50 -24.59
CA TYR D 55 16.20 -35.84 -24.72
C TYR D 55 16.33 -34.69 -25.72
N TRP D 56 15.18 -34.14 -26.12
CA TRP D 56 15.08 -33.22 -27.27
C TRP D 56 15.78 -33.80 -28.49
N ALA D 57 15.70 -35.15 -28.62
CA ALA D 57 16.27 -35.97 -29.70
C ALA D 57 17.79 -36.02 -29.68
N SER D 58 18.43 -34.98 -29.17
CA SER D 58 19.83 -34.76 -29.42
C SER D 58 20.65 -34.47 -28.19
N THR D 59 20.03 -34.07 -27.09
CA THR D 59 20.78 -33.60 -25.93
C THR D 59 21.08 -34.75 -24.99
N ARG D 60 22.33 -34.86 -24.61
CA ARG D 60 22.80 -35.88 -23.69
C ARG D 60 22.48 -35.49 -22.26
N GLU D 61 21.85 -36.39 -21.52
CA GLU D 61 21.63 -36.20 -20.10
C GLU D 61 22.97 -36.16 -19.35
N SER D 62 22.99 -35.45 -18.23
CA SER D 62 24.20 -35.34 -17.44
C SER D 62 24.73 -36.70 -17.04
N GLY D 63 26.02 -36.94 -17.28
CA GLY D 63 26.66 -38.19 -16.94
C GLY D 63 26.67 -39.25 -18.02
N VAL D 64 25.92 -39.07 -19.10
CA VAL D 64 25.84 -40.10 -20.13
C VAL D 64 27.12 -40.05 -20.94
N PRO D 65 27.72 -41.18 -21.29
CA PRO D 65 28.93 -41.16 -22.12
C PRO D 65 28.66 -40.54 -23.49
N ASP D 66 29.73 -40.02 -24.10
CA ASP D 66 29.57 -39.35 -25.39
C ASP D 66 29.35 -40.31 -26.54
N ARG D 67 29.65 -41.60 -26.35
CA ARG D 67 29.44 -42.58 -27.40
C ARG D 67 27.97 -42.87 -27.65
N PHE D 68 27.08 -42.41 -26.78
CA PHE D 68 25.64 -42.37 -27.06
C PHE D 68 25.29 -41.07 -27.80
N THR D 69 24.58 -41.20 -28.92
CA THR D 69 24.22 -40.06 -29.76
C THR D 69 22.80 -40.22 -30.23
N GLY D 70 22.01 -39.16 -30.09
CA GLY D 70 20.70 -39.08 -30.70
C GLY D 70 20.74 -38.20 -31.94
N SER D 71 19.97 -38.59 -32.96
CA SER D 71 19.95 -37.88 -34.22
C SER D 71 18.54 -37.96 -34.80
N GLY D 72 18.30 -37.18 -35.85
CA GLY D 72 17.02 -37.23 -36.52
C GLY D 72 16.12 -36.06 -36.18
N SER D 73 14.90 -36.11 -36.72
CA SER D 73 14.04 -34.95 -36.65
C SER D 73 12.66 -35.23 -37.25
N GLY D 74 11.61 -34.67 -36.66
CA GLY D 74 10.30 -34.83 -37.24
C GLY D 74 9.68 -36.19 -36.95
N THR D 75 9.85 -37.16 -37.84
CA THR D 75 9.22 -38.45 -37.66
C THR D 75 10.19 -39.61 -37.51
N ASP D 76 11.47 -39.44 -37.82
CA ASP D 76 12.43 -40.52 -37.80
C ASP D 76 13.59 -40.18 -36.88
N PHE D 77 13.93 -41.09 -35.98
CA PHE D 77 14.94 -40.80 -34.97
C PHE D 77 15.86 -42.00 -34.80
N THR D 78 17.10 -41.71 -34.42
CA THR D 78 18.14 -42.73 -34.40
C THR D 78 19.02 -42.56 -33.18
N LEU D 79 19.12 -43.62 -32.37
CA LEU D 79 20.09 -43.71 -31.29
C LEU D 79 21.33 -44.46 -31.78
N THR D 80 22.52 -43.90 -31.50
CA THR D 80 23.77 -44.51 -31.93
C THR D 80 24.68 -44.71 -30.73
N ILE D 81 25.19 -45.93 -30.58
CA ILE D 81 26.20 -46.29 -29.60
C ILE D 81 27.46 -46.58 -30.40
N SER D 82 28.42 -45.66 -30.38
CA SER D 82 29.49 -45.70 -31.36
C SER D 82 30.46 -46.86 -31.13
N SER D 83 30.66 -47.27 -29.88
CA SER D 83 31.60 -48.36 -29.59
C SER D 83 31.06 -49.10 -28.37
N VAL D 84 30.41 -50.24 -28.61
CA VAL D 84 29.60 -50.90 -27.60
C VAL D 84 30.49 -51.55 -26.55
N GLN D 85 30.17 -51.30 -25.28
CA GLN D 85 30.79 -51.94 -24.14
C GLN D 85 29.83 -52.97 -23.57
N THR D 86 30.38 -53.97 -22.85
CA THR D 86 29.51 -54.98 -22.23
C THR D 86 28.53 -54.33 -21.25
N GLU D 87 28.94 -53.24 -20.59
CA GLU D 87 28.02 -52.50 -19.73
C GLU D 87 26.84 -51.88 -20.49
N ASP D 88 26.84 -51.90 -21.83
CA ASP D 88 25.70 -51.39 -22.60
C ASP D 88 24.67 -52.47 -22.92
N LEU D 89 24.86 -53.70 -22.47
CA LEU D 89 23.81 -54.70 -22.53
C LEU D 89 22.62 -54.23 -21.71
N ALA D 90 21.50 -54.01 -22.37
CA ALA D 90 20.32 -53.39 -21.77
C ALA D 90 19.22 -53.39 -22.83
N VAL D 91 18.05 -52.87 -22.45
CA VAL D 91 16.97 -52.60 -23.38
C VAL D 91 16.78 -51.09 -23.48
N TYR D 92 16.64 -50.62 -24.71
CA TYR D 92 16.53 -49.21 -25.05
C TYR D 92 15.11 -48.90 -25.53
N TYR D 93 14.58 -47.78 -25.07
CA TYR D 93 13.25 -47.34 -25.48
C TYR D 93 13.31 -45.89 -25.95
N CYS D 94 12.62 -45.59 -27.03
CA CYS D 94 12.31 -44.19 -27.33
C CYS D 94 10.96 -43.82 -26.76
N LEU D 95 10.78 -42.52 -26.55
CA LEU D 95 9.57 -41.95 -25.95
C LEU D 95 9.27 -40.63 -26.63
N GLN D 96 8.06 -40.48 -27.13
CA GLN D 96 7.57 -39.16 -27.53
C GLN D 96 6.79 -38.58 -26.36
N TYR D 97 7.02 -37.30 -26.08
CA TYR D 97 6.30 -36.64 -24.99
C TYR D 97 5.69 -35.34 -25.48
N LEU D 98 5.38 -35.28 -26.77
CA LEU D 98 4.75 -34.08 -27.31
C LEU D 98 3.26 -34.07 -27.00
N SER D 99 2.60 -35.20 -27.20
CA SER D 99 1.17 -35.34 -26.96
C SER D 99 1.03 -36.65 -26.17
N SER D 100 0.80 -36.51 -24.87
CA SER D 100 0.90 -37.58 -23.88
C SER D 100 2.29 -38.22 -23.96
N TRP D 101 2.38 -39.49 -23.52
CA TRP D 101 3.58 -40.28 -23.66
C TRP D 101 3.29 -41.47 -24.56
N THR D 102 4.20 -41.78 -25.47
CA THR D 102 4.18 -43.07 -26.15
C THR D 102 5.60 -43.60 -26.19
N PHE D 103 5.80 -44.77 -25.59
CA PHE D 103 7.08 -45.48 -25.64
C PHE D 103 7.12 -46.36 -26.88
N GLY D 104 8.29 -46.43 -27.51
CA GLY D 104 8.55 -47.50 -28.47
C GLY D 104 8.47 -48.89 -27.84
N GLY D 105 8.51 -49.90 -28.70
CA GLY D 105 8.40 -51.27 -28.25
C GLY D 105 9.62 -51.74 -27.49
N GLY D 106 10.73 -51.05 -27.65
CA GLY D 106 11.97 -51.43 -27.02
C GLY D 106 12.87 -52.23 -27.95
N THR D 107 14.18 -52.12 -27.71
CA THR D 107 15.17 -52.89 -28.47
C THR D 107 16.19 -53.48 -27.50
N LYS D 108 16.35 -54.80 -27.55
CA LYS D 108 17.28 -55.49 -26.66
C LYS D 108 18.63 -55.61 -27.34
N LEU D 109 19.66 -55.10 -26.69
CA LEU D 109 21.01 -55.16 -27.21
C LEU D 109 21.80 -56.24 -26.49
N GLU D 110 22.31 -57.20 -27.26
CA GLU D 110 23.17 -58.26 -26.75
C GLU D 110 24.50 -58.24 -27.50
N ILE D 111 25.47 -58.97 -26.96
CA ILE D 111 26.84 -58.98 -27.47
C ILE D 111 27.08 -60.21 -28.34
N LYS D 112 27.75 -60.01 -29.47
CA LYS D 112 28.22 -61.12 -30.28
C LYS D 112 29.61 -61.52 -29.84
N ARG D 113 29.89 -62.82 -29.94
CA ARG D 113 31.15 -63.41 -29.51
C ARG D 113 31.37 -64.70 -30.29
N THR D 114 32.59 -65.23 -30.19
CA THR D 114 32.91 -66.45 -30.91
C THR D 114 32.13 -67.64 -30.35
N VAL D 115 32.00 -68.68 -31.17
CA VAL D 115 31.21 -69.83 -30.76
C VAL D 115 31.87 -70.50 -29.56
N ALA D 116 31.05 -70.90 -28.60
CA ALA D 116 31.51 -71.57 -27.39
C ALA D 116 30.56 -72.71 -27.10
N ALA D 117 31.05 -73.93 -27.20
CA ALA D 117 30.16 -75.06 -27.00
C ALA D 117 29.96 -75.32 -25.50
N PRO D 118 28.80 -75.87 -25.12
CA PRO D 118 28.52 -76.07 -23.69
C PRO D 118 29.25 -77.26 -23.07
N SER D 119 29.45 -77.14 -21.76
CA SER D 119 29.63 -78.31 -20.91
C SER D 119 28.25 -78.77 -20.48
N VAL D 120 27.99 -80.07 -20.63
CA VAL D 120 26.70 -80.66 -20.31
C VAL D 120 26.84 -81.54 -19.07
N PHE D 121 25.86 -81.43 -18.17
CA PHE D 121 25.79 -82.23 -16.96
C PHE D 121 24.35 -82.67 -16.73
N ILE D 122 24.16 -83.91 -16.33
CA ILE D 122 22.83 -84.41 -16.02
C ILE D 122 22.76 -84.73 -14.53
N PHE D 123 21.61 -84.45 -13.92
CA PHE D 123 21.41 -84.72 -12.49
C PHE D 123 20.18 -85.58 -12.30
N PRO D 124 20.30 -86.68 -11.54
CA PRO D 124 19.12 -87.46 -11.19
C PRO D 124 18.39 -86.82 -10.03
N PRO D 125 17.10 -87.14 -9.86
CA PRO D 125 16.37 -86.68 -8.67
C PRO D 125 17.06 -87.13 -7.39
N SER D 126 16.97 -86.29 -6.37
CA SER D 126 17.44 -86.68 -5.05
C SER D 126 16.59 -87.79 -4.47
N ASP D 127 17.17 -88.55 -3.55
CA ASP D 127 16.37 -89.55 -2.84
C ASP D 127 15.29 -88.88 -2.00
N GLU D 128 15.52 -87.64 -1.53
CA GLU D 128 14.52 -86.92 -0.72
C GLU D 128 13.31 -86.56 -1.54
N GLN D 129 13.51 -86.08 -2.77
CA GLN D 129 12.39 -85.67 -3.59
C GLN D 129 11.52 -86.86 -3.97
N LEU D 130 12.14 -88.01 -4.22
CA LEU D 130 11.37 -89.23 -4.46
C LEU D 130 10.41 -89.52 -3.31
N LYS D 131 10.85 -89.30 -2.08
CA LYS D 131 9.97 -89.50 -0.92
C LYS D 131 8.81 -88.51 -0.90
N SER D 132 8.84 -87.47 -1.73
CA SER D 132 7.74 -86.54 -1.88
C SER D 132 6.69 -87.02 -2.88
N GLY D 133 7.06 -87.93 -3.77
CA GLY D 133 6.14 -88.44 -4.78
C GLY D 133 6.42 -87.95 -6.19
N THR D 134 7.51 -87.21 -6.39
CA THR D 134 7.84 -86.67 -7.70
C THR D 134 9.34 -86.80 -7.94
N ALA D 135 9.73 -86.78 -9.21
CA ALA D 135 11.14 -86.88 -9.60
C ALA D 135 11.45 -85.81 -10.65
N SER D 136 12.49 -85.04 -10.41
CA SER D 136 12.94 -84.01 -11.34
C SER D 136 14.30 -84.45 -11.86
N VAL D 137 14.45 -84.54 -13.18
CA VAL D 137 15.74 -84.77 -13.82
C VAL D 137 16.16 -83.45 -14.46
N VAL D 138 17.39 -83.06 -14.23
CA VAL D 138 17.88 -81.75 -14.65
C VAL D 138 19.10 -81.93 -15.52
N CYS D 139 19.09 -81.26 -16.66
CA CYS D 139 20.20 -81.25 -17.61
C CYS D 139 20.74 -79.83 -17.72
N LEU D 140 22.04 -79.65 -17.51
CA LEU D 140 22.66 -78.35 -17.45
C LEU D 140 23.57 -78.14 -18.65
N LEU D 141 23.36 -77.04 -19.36
CA LEU D 141 24.24 -76.60 -20.45
C LEU D 141 24.92 -75.32 -19.96
N ASN D 142 26.24 -75.40 -19.75
CA ASN D 142 26.97 -74.37 -19.04
C ASN D 142 27.84 -73.55 -19.99
N ASN D 143 27.61 -72.23 -20.02
CA ASN D 143 28.52 -71.24 -20.61
C ASN D 143 28.77 -71.50 -22.10
N PHE D 144 27.72 -71.27 -22.87
CA PHE D 144 27.78 -71.51 -24.31
C PHE D 144 27.32 -70.28 -25.09
N TYR D 145 27.72 -70.25 -26.36
CA TYR D 145 27.32 -69.24 -27.30
C TYR D 145 27.41 -69.86 -28.69
N PRO D 146 26.40 -69.67 -29.55
CA PRO D 146 25.24 -68.80 -29.27
C PRO D 146 24.12 -69.43 -28.43
N ARG D 147 23.06 -68.62 -28.28
CA ARG D 147 21.93 -68.96 -27.41
C ARG D 147 21.23 -70.23 -27.87
N GLU D 148 21.09 -70.39 -29.18
CA GLU D 148 20.24 -71.42 -29.76
C GLU D 148 20.82 -72.81 -29.50
N ALA D 149 20.01 -73.67 -28.90
CA ALA D 149 20.44 -75.01 -28.51
C ALA D 149 19.23 -75.92 -28.55
N LYS D 150 19.49 -77.20 -28.78
CA LYS D 150 18.47 -78.25 -28.78
C LYS D 150 18.74 -79.17 -27.60
N VAL D 151 17.72 -79.41 -26.78
CA VAL D 151 17.86 -80.35 -25.68
C VAL D 151 16.75 -81.38 -25.82
N GLN D 152 17.14 -82.63 -25.98
CA GLN D 152 16.23 -83.74 -26.20
C GLN D 152 16.34 -84.74 -25.07
N TRP D 153 15.21 -85.02 -24.41
CA TRP D 153 15.14 -86.00 -23.34
C TRP D 153 14.72 -87.35 -23.92
N LYS D 154 15.41 -88.42 -23.51
CA LYS D 154 15.04 -89.79 -23.83
C LYS D 154 14.99 -90.60 -22.55
N VAL D 155 13.94 -91.40 -22.40
CA VAL D 155 13.79 -92.31 -21.27
C VAL D 155 13.62 -93.72 -21.83
N ASP D 156 14.59 -94.59 -21.55
CA ASP D 156 14.63 -95.92 -22.16
C ASP D 156 14.43 -95.82 -23.67
N ASN D 157 15.03 -94.77 -24.25
CA ASN D 157 15.07 -94.48 -25.67
C ASN D 157 13.73 -94.02 -26.25
N ALA D 158 12.78 -93.64 -25.40
CA ALA D 158 11.57 -92.96 -25.86
C ALA D 158 11.79 -91.45 -25.84
N LEU D 159 11.47 -90.79 -26.95
CA LEU D 159 11.58 -89.34 -27.01
C LEU D 159 10.54 -88.71 -26.07
N GLN D 160 11.02 -87.87 -25.15
CA GLN D 160 10.13 -87.10 -24.29
C GLN D 160 9.68 -85.83 -24.99
N SER D 161 8.38 -85.57 -24.95
CA SER D 161 7.82 -84.41 -25.62
C SER D 161 6.73 -83.83 -24.73
N GLY D 162 6.98 -82.65 -24.15
CA GLY D 162 5.97 -81.92 -23.42
C GLY D 162 6.03 -81.98 -21.91
N ASN D 163 7.08 -82.56 -21.33
CA ASN D 163 7.16 -82.63 -19.88
C ASN D 163 8.50 -82.11 -19.40
N SER D 164 9.09 -81.19 -20.15
CA SER D 164 10.30 -80.51 -19.72
C SER D 164 10.05 -79.02 -19.79
N GLN D 165 10.90 -78.26 -19.08
CA GLN D 165 10.83 -76.82 -19.10
C GLN D 165 12.25 -76.27 -19.06
N GLU D 166 12.47 -75.22 -19.82
CA GLU D 166 13.80 -74.68 -20.02
C GLU D 166 13.90 -73.32 -19.37
N SER D 167 15.12 -72.99 -18.98
CA SER D 167 15.40 -71.72 -18.34
C SER D 167 16.78 -71.30 -18.78
N VAL D 168 16.90 -70.05 -19.21
CA VAL D 168 18.15 -69.53 -19.76
C VAL D 168 18.58 -68.34 -18.92
N THR D 169 19.88 -68.23 -18.69
CA THR D 169 20.40 -67.07 -18.01
C THR D 169 20.55 -65.92 -19.00
N GLU D 170 20.66 -64.72 -18.44
CA GLU D 170 21.08 -63.61 -19.26
C GLU D 170 22.57 -63.74 -19.56
N GLN D 171 23.01 -63.06 -20.62
CA GLN D 171 24.40 -63.14 -21.04
C GLN D 171 25.35 -62.77 -19.91
N ASP D 172 26.42 -63.54 -19.78
CA ASP D 172 27.35 -63.37 -18.67
C ASP D 172 28.18 -62.11 -18.87
N SER D 173 28.28 -61.29 -17.82
CA SER D 173 28.98 -60.01 -17.99
C SER D 173 30.46 -60.21 -18.25
N LYS D 174 31.05 -61.30 -17.76
CA LYS D 174 32.49 -61.52 -17.92
C LYS D 174 32.83 -62.07 -19.30
N ASP D 175 32.13 -63.12 -19.75
CA ASP D 175 32.49 -63.82 -20.97
C ASP D 175 31.38 -63.93 -22.01
N SER D 176 30.22 -63.32 -21.77
CA SER D 176 29.16 -63.16 -22.76
C SER D 176 28.47 -64.47 -23.14
N THR D 177 28.51 -65.47 -22.29
CA THR D 177 27.88 -66.75 -22.60
C THR D 177 26.53 -66.87 -21.91
N TYR D 178 25.76 -67.83 -22.39
CA TYR D 178 24.50 -68.22 -21.78
C TYR D 178 24.68 -69.53 -21.03
N SER D 179 23.76 -69.80 -20.13
CA SER D 179 23.64 -71.11 -19.54
C SER D 179 22.16 -71.46 -19.54
N LEU D 180 21.89 -72.75 -19.55
CA LEU D 180 20.54 -73.23 -19.72
C LEU D 180 20.34 -74.48 -18.88
N SER D 181 19.14 -74.61 -18.34
CA SER D 181 18.72 -75.81 -17.64
C SER D 181 17.48 -76.37 -18.31
N SER D 182 17.43 -77.69 -18.40
CA SER D 182 16.23 -78.40 -18.82
C SER D 182 15.81 -79.33 -17.68
N THR D 183 14.58 -79.19 -17.24
CA THR D 183 14.05 -79.98 -16.12
C THR D 183 12.95 -80.85 -16.67
N LEU D 184 13.17 -82.15 -16.64
CA LEU D 184 12.15 -83.14 -16.96
C LEU D 184 11.51 -83.65 -15.67
N THR D 185 10.19 -83.68 -15.64
CA THR D 185 9.44 -84.01 -14.42
C THR D 185 8.60 -85.25 -14.64
N LEU D 186 8.74 -86.22 -13.73
CA LEU D 186 8.00 -87.47 -13.72
C LEU D 186 7.36 -87.68 -12.35
N SER D 187 6.36 -88.54 -12.31
CA SER D 187 5.90 -89.06 -11.04
C SER D 187 6.91 -90.08 -10.52
N LYS D 188 6.95 -90.23 -9.20
CA LYS D 188 7.84 -91.22 -8.60
C LYS D 188 7.62 -92.60 -9.24
N ALA D 189 6.36 -93.00 -9.41
CA ALA D 189 6.06 -94.31 -9.96
C ALA D 189 6.51 -94.42 -11.42
N ASP D 190 6.34 -93.35 -12.19
CA ASP D 190 6.79 -93.39 -13.59
C ASP D 190 8.30 -93.41 -13.66
N TYR D 191 8.96 -92.70 -12.74
CA TYR D 191 10.42 -92.71 -12.72
C TYR D 191 10.95 -94.09 -12.33
N GLU D 192 10.27 -94.76 -11.40
CA GLU D 192 10.78 -96.03 -10.89
C GLU D 192 10.60 -97.19 -11.86
N LYS D 193 9.83 -97.04 -12.93
CA LYS D 193 9.62 -98.14 -13.85
C LYS D 193 10.49 -98.05 -15.10
N HIS D 194 11.47 -97.15 -15.11
CA HIS D 194 12.38 -96.98 -16.25
C HIS D 194 13.82 -96.89 -15.75
N LYS D 195 14.76 -97.22 -16.64
CA LYS D 195 16.18 -97.37 -16.30
C LYS D 195 17.05 -96.23 -16.84
N VAL D 196 17.06 -96.01 -18.15
CA VAL D 196 18.02 -95.09 -18.77
C VAL D 196 17.38 -93.71 -18.97
N TYR D 197 17.95 -92.71 -18.30
CA TYR D 197 17.54 -91.31 -18.43
C TYR D 197 18.66 -90.56 -19.14
N ALA D 198 18.32 -89.93 -20.27
CA ALA D 198 19.32 -89.43 -21.20
C ALA D 198 18.94 -88.02 -21.65
N CYS D 199 19.93 -87.13 -21.62
CA CYS D 199 19.81 -85.76 -22.08
C CYS D 199 20.73 -85.59 -23.28
N GLU D 200 20.18 -85.18 -24.42
CA GLU D 200 20.94 -85.09 -25.67
C GLU D 200 20.95 -83.65 -26.18
N VAL D 201 22.14 -83.09 -26.35
CA VAL D 201 22.35 -81.67 -26.64
C VAL D 201 22.92 -81.52 -28.05
N THR D 202 22.24 -80.73 -28.89
CA THR D 202 22.81 -80.27 -30.16
C THR D 202 23.12 -78.78 -30.08
N HIS D 203 24.32 -78.39 -30.51
CA HIS D 203 24.71 -76.98 -30.53
C HIS D 203 25.68 -76.74 -31.67
N GLN D 204 25.75 -75.47 -32.11
CA GLN D 204 26.62 -75.10 -33.22
C GLN D 204 28.07 -75.49 -32.98
N GLY D 205 28.52 -75.38 -31.73
CA GLY D 205 29.89 -75.70 -31.40
C GLY D 205 30.14 -77.15 -31.07
N LEU D 206 29.14 -78.03 -31.21
CA LEU D 206 29.31 -79.46 -30.95
C LEU D 206 29.34 -80.21 -32.26
N SER D 207 30.49 -80.83 -32.57
CA SER D 207 30.61 -81.51 -33.85
C SER D 207 29.57 -82.62 -34.02
N SER D 208 29.05 -83.14 -32.92
CA SER D 208 27.99 -84.14 -32.89
C SER D 208 27.12 -83.85 -31.67
N PRO D 209 25.89 -84.37 -31.65
CA PRO D 209 25.08 -84.22 -30.42
C PRO D 209 25.73 -84.93 -29.25
N VAL D 210 25.72 -84.28 -28.10
CA VAL D 210 26.32 -84.82 -26.88
C VAL D 210 25.22 -85.35 -25.99
N THR D 211 25.42 -86.54 -25.45
CA THR D 211 24.45 -87.22 -24.60
C THR D 211 25.08 -87.49 -23.24
N LYS D 212 24.46 -86.95 -22.20
CA LYS D 212 24.75 -87.32 -20.82
C LYS D 212 23.59 -88.16 -20.30
N SER D 213 23.92 -89.25 -19.61
CA SER D 213 22.89 -90.21 -19.25
C SER D 213 23.23 -90.85 -17.92
N PHE D 214 22.23 -91.49 -17.32
CA PHE D 214 22.50 -92.29 -16.13
C PHE D 214 21.49 -93.43 -16.08
N ASN D 215 21.89 -94.50 -15.41
CA ASN D 215 20.98 -95.59 -15.08
C ASN D 215 20.44 -95.34 -13.67
N ARG D 216 19.12 -95.28 -13.56
CA ARG D 216 18.47 -95.08 -12.28
C ARG D 216 18.95 -96.13 -11.30
N GLY D 217 19.62 -95.69 -10.24
CA GLY D 217 20.14 -96.59 -9.24
C GLY D 217 21.63 -96.88 -9.31
N GLU D 218 22.42 -96.07 -10.01
CA GLU D 218 23.84 -96.34 -10.16
C GLU D 218 24.68 -95.10 -9.84
N GLN E 1 -1.28 37.29 6.88
CA GLN E 1 -2.25 38.28 6.42
C GLN E 1 -3.67 37.68 6.42
N ILE E 2 -4.26 37.54 7.60
CA ILE E 2 -5.66 37.12 7.72
C ILE E 2 -6.54 38.37 7.68
N GLN E 3 -7.46 38.43 6.72
CA GLN E 3 -8.42 39.53 6.77
C GLN E 3 -9.76 39.11 6.20
N LEU E 4 -10.77 39.89 6.56
CA LEU E 4 -12.14 39.75 6.09
C LEU E 4 -12.52 41.05 5.39
N VAL E 5 -12.89 40.96 4.11
CA VAL E 5 -13.17 42.12 3.28
C VAL E 5 -14.63 42.07 2.84
N GLN E 6 -15.41 43.04 3.28
CA GLN E 6 -16.84 43.05 2.95
C GLN E 6 -17.11 43.89 1.71
N SER E 7 -18.30 43.71 1.15
CA SER E 7 -18.72 44.52 0.02
C SER E 7 -19.06 45.95 0.47
N GLY E 8 -19.34 46.81 -0.52
CA GLY E 8 -19.41 48.23 -0.29
C GLY E 8 -20.76 48.68 0.23
N PRO E 9 -20.82 49.98 0.57
CA PRO E 9 -22.07 50.59 1.05
C PRO E 9 -23.24 50.28 0.14
N GLU E 10 -24.42 50.18 0.73
CA GLU E 10 -25.64 49.88 0.01
C GLU E 10 -26.71 50.91 0.33
N LEU E 11 -27.41 51.36 -0.70
CA LEU E 11 -28.57 52.22 -0.55
C LEU E 11 -29.75 51.54 -1.21
N LYS E 12 -30.80 51.27 -0.44
CA LYS E 12 -31.94 50.53 -0.95
C LYS E 12 -33.23 51.19 -0.46
N LYS E 13 -34.34 50.93 -1.22
CA LYS E 13 -35.69 51.37 -0.86
C LYS E 13 -36.43 50.26 -0.13
N PRO E 14 -37.34 50.62 0.77
CA PRO E 14 -38.14 49.62 1.50
C PRO E 14 -38.74 48.59 0.55
N GLY E 15 -38.67 47.32 0.96
CA GLY E 15 -39.20 46.25 0.16
C GLY E 15 -38.23 45.62 -0.83
N GLU E 16 -37.08 46.26 -1.10
CA GLU E 16 -36.06 45.67 -1.95
C GLU E 16 -35.26 44.62 -1.17
N THR E 17 -34.26 44.05 -1.83
CA THR E 17 -33.43 42.98 -1.27
C THR E 17 -31.97 43.35 -1.41
N VAL E 18 -31.16 42.99 -0.42
CA VAL E 18 -29.73 43.29 -0.46
C VAL E 18 -28.93 42.06 -0.05
N LYS E 19 -27.76 41.90 -0.67
CA LYS E 19 -26.91 40.73 -0.47
C LYS E 19 -25.46 41.18 -0.23
N ILE E 20 -25.00 41.04 1.00
CA ILE E 20 -23.67 41.47 1.44
C ILE E 20 -22.71 40.29 1.39
N SER E 21 -21.50 40.52 0.90
CA SER E 21 -20.46 39.49 0.87
C SER E 21 -19.37 39.76 1.90
N CYS E 22 -18.80 38.68 2.42
CA CYS E 22 -17.62 38.69 3.28
C CYS E 22 -16.59 37.78 2.65
N LYS E 23 -15.52 38.33 2.09
CA LYS E 23 -14.47 37.52 1.46
C LYS E 23 -13.34 37.31 2.46
N ALA E 24 -13.16 36.05 2.87
CA ALA E 24 -12.11 35.67 3.83
C ALA E 24 -10.87 35.20 3.11
N SER E 25 -9.71 35.51 3.70
CA SER E 25 -8.42 35.08 3.17
C SER E 25 -7.44 34.89 4.32
N GLY E 26 -6.40 34.09 4.08
CA GLY E 26 -5.30 33.93 5.00
C GLY E 26 -5.35 32.69 5.86
N TYR E 27 -6.45 31.96 5.85
CA TYR E 27 -6.61 30.78 6.68
C TYR E 27 -7.54 29.85 5.94
N THR E 28 -7.72 28.66 6.51
CA THR E 28 -8.55 27.63 5.91
C THR E 28 -10.00 27.98 6.16
N PHE E 29 -10.70 28.38 5.08
CA PHE E 29 -12.04 28.96 5.20
C PHE E 29 -13.01 28.05 5.94
N LYS E 30 -12.96 26.74 5.65
CA LYS E 30 -13.96 25.82 6.17
C LYS E 30 -13.66 25.34 7.59
N ASN E 31 -12.56 25.78 8.22
CA ASN E 31 -12.26 25.34 9.58
C ASN E 31 -12.82 26.29 10.65
N TYR E 32 -13.31 27.48 10.29
CA TYR E 32 -13.81 28.46 11.27
C TYR E 32 -15.19 28.94 10.86
N GLY E 33 -16.17 28.78 11.75
CA GLY E 33 -17.47 29.36 11.52
C GLY E 33 -17.41 30.88 11.41
N MET E 34 -18.43 31.43 10.75
CA MET E 34 -18.57 32.85 10.49
C MET E 34 -19.80 33.38 11.22
N ASN E 35 -19.64 34.49 11.94
CA ASN E 35 -20.76 35.14 12.60
C ASN E 35 -21.17 36.39 11.82
N TRP E 36 -22.43 36.80 11.99
CA TRP E 36 -22.91 38.05 11.44
C TRP E 36 -23.41 38.94 12.58
N VAL E 37 -23.09 40.23 12.52
CA VAL E 37 -23.34 41.17 13.62
C VAL E 37 -23.91 42.47 13.06
N LYS E 38 -25.06 42.89 13.59
CA LYS E 38 -25.76 44.09 13.15
C LYS E 38 -25.54 45.23 14.15
N GLN E 39 -25.31 46.44 13.62
CA GLN E 39 -25.11 47.64 14.45
C GLN E 39 -25.93 48.79 13.88
N ALA E 40 -27.14 48.97 14.40
CA ALA E 40 -27.98 50.09 13.99
C ALA E 40 -27.35 51.42 14.42
N PRO E 41 -27.64 52.51 13.71
CA PRO E 41 -27.01 53.80 14.04
C PRO E 41 -27.15 54.17 15.50
N GLY E 42 -26.02 54.43 16.17
CA GLY E 42 -26.01 54.76 17.57
C GLY E 42 -26.30 53.61 18.53
N LYS E 43 -26.51 52.39 18.04
CA LYS E 43 -26.87 51.27 18.87
C LYS E 43 -25.66 50.37 19.08
N GLY E 44 -25.85 49.30 19.86
CA GLY E 44 -24.78 48.38 20.17
C GLY E 44 -24.71 47.22 19.19
N LEU E 45 -23.72 46.37 19.38
CA LEU E 45 -23.58 45.20 18.53
C LEU E 45 -24.63 44.15 18.89
N LYS E 46 -25.30 43.61 17.89
CA LYS E 46 -26.32 42.58 18.07
C LYS E 46 -25.96 41.38 17.20
N TRP E 47 -25.54 40.30 17.85
CA TRP E 47 -25.22 39.08 17.11
C TRP E 47 -26.44 38.60 16.34
N MET E 48 -26.26 38.35 15.05
CA MET E 48 -27.35 37.94 14.17
C MET E 48 -27.44 36.42 14.02
N GLY E 49 -26.30 35.74 14.04
CA GLY E 49 -26.30 34.31 13.86
C GLY E 49 -24.96 33.84 13.37
N TRP E 50 -24.92 32.59 12.93
CA TRP E 50 -23.68 31.88 12.65
C TRP E 50 -23.92 30.90 11.51
N ILE E 51 -22.92 30.73 10.65
CA ILE E 51 -22.98 29.74 9.57
C ILE E 51 -21.75 28.84 9.64
N ASN E 52 -22.00 27.53 9.62
CA ASN E 52 -20.93 26.55 9.45
C ASN E 52 -20.33 26.67 8.05
N THR E 53 -19.05 27.06 7.95
CA THR E 53 -18.42 27.29 6.66
C THR E 53 -17.98 25.99 5.98
N TYR E 54 -18.28 24.84 6.57
CA TYR E 54 -18.02 23.58 5.91
C TYR E 54 -19.28 23.05 5.22
N THR E 55 -20.37 22.97 5.97
CA THR E 55 -21.61 22.38 5.49
C THR E 55 -22.59 23.44 5.00
N GLY E 56 -22.30 24.72 5.21
CA GLY E 56 -23.20 25.79 4.86
C GLY E 56 -24.39 25.98 5.80
N GLN E 57 -24.46 25.23 6.90
CA GLN E 57 -25.69 25.25 7.67
C GLN E 57 -25.73 26.47 8.59
N PRO E 58 -26.83 27.20 8.58
CA PRO E 58 -26.90 28.44 9.36
C PRO E 58 -27.67 28.28 10.65
N ILE E 59 -27.40 29.15 11.60
CA ILE E 59 -28.11 29.23 12.88
C ILE E 59 -28.44 30.71 13.13
N TYR E 60 -29.72 31.03 13.30
CA TYR E 60 -30.18 32.42 13.41
C TYR E 60 -30.59 32.75 14.84
N ALA E 61 -30.11 33.90 15.33
CA ALA E 61 -30.62 34.50 16.55
C ALA E 61 -32.13 34.73 16.41
N ASN E 62 -32.82 34.77 17.55
CA ASN E 62 -34.27 34.85 17.51
C ASN E 62 -34.79 36.12 16.84
N ASP E 63 -34.05 37.23 16.92
CA ASP E 63 -34.49 38.45 16.21
C ASP E 63 -34.36 38.32 14.70
N PHE E 64 -33.51 37.43 14.21
CA PHE E 64 -33.18 37.45 12.79
C PHE E 64 -33.62 36.16 12.13
N LYS E 65 -34.86 35.77 12.39
CA LYS E 65 -35.50 34.65 11.72
C LYS E 65 -36.61 35.19 10.83
N GLY E 66 -36.58 34.83 9.55
CA GLY E 66 -37.62 35.28 8.64
C GLY E 66 -37.08 35.82 7.34
N ARG E 67 -36.57 37.05 7.38
CA ARG E 67 -36.13 37.75 6.19
C ARG E 67 -34.62 37.69 5.99
N PHE E 68 -33.89 36.97 6.84
CA PHE E 68 -32.43 36.94 6.80
C PHE E 68 -31.97 35.57 6.34
N ALA E 69 -30.89 35.54 5.56
CA ALA E 69 -30.37 34.29 4.99
C ALA E 69 -28.86 34.36 4.87
N PHE E 70 -28.16 33.44 5.54
CA PHE E 70 -26.72 33.26 5.42
C PHE E 70 -26.44 32.20 4.38
N SER E 71 -25.49 32.45 3.47
CA SER E 71 -25.05 31.43 2.52
C SER E 71 -23.56 31.58 2.24
N LEU E 72 -23.02 30.61 1.49
CA LEU E 72 -21.60 30.55 1.20
C LEU E 72 -21.39 30.48 -0.29
N GLU E 73 -20.27 31.03 -0.75
CA GLU E 73 -19.65 30.61 -2.02
C GLU E 73 -18.33 29.94 -1.64
N THR E 74 -18.39 28.63 -1.48
CA THR E 74 -17.23 27.92 -0.95
C THR E 74 -16.01 28.06 -1.85
N SER E 75 -16.20 28.07 -3.17
CA SER E 75 -15.03 28.17 -4.06
C SER E 75 -14.36 29.54 -3.98
N ALA E 76 -15.03 30.55 -3.44
CA ALA E 76 -14.46 31.88 -3.32
C ALA E 76 -14.19 32.29 -1.87
N SER E 77 -14.27 31.35 -0.93
CA SER E 77 -14.07 31.64 0.50
C SER E 77 -14.86 32.86 0.93
N THR E 78 -16.13 32.89 0.53
CA THR E 78 -16.97 34.06 0.73
C THR E 78 -18.25 33.66 1.43
N ALA E 79 -18.58 34.38 2.49
CA ALA E 79 -19.88 34.25 3.16
C ALA E 79 -20.80 35.38 2.73
N TYR E 80 -22.08 35.09 2.62
CA TYR E 80 -23.06 36.04 2.15
C TYR E 80 -24.16 36.27 3.20
N LEU E 81 -24.68 37.50 3.24
CA LEU E 81 -25.84 37.84 4.06
C LEU E 81 -26.87 38.51 3.17
N GLN E 82 -28.07 37.94 3.11
CA GLN E 82 -29.15 38.48 2.31
C GLN E 82 -30.26 38.94 3.21
N ILE E 83 -30.79 40.13 2.94
CA ILE E 83 -31.93 40.65 3.67
C ILE E 83 -33.05 40.85 2.68
N ASN E 84 -34.12 40.09 2.81
CA ASN E 84 -35.28 40.20 1.94
C ASN E 84 -36.29 41.20 2.50
N ASN E 85 -36.97 41.89 1.60
CA ASN E 85 -38.09 42.77 1.94
C ASN E 85 -37.66 43.80 2.98
N LEU E 86 -36.75 44.66 2.55
CA LEU E 86 -36.08 45.59 3.45
C LEU E 86 -37.06 46.54 4.14
N LYS E 87 -36.75 46.85 5.40
CA LYS E 87 -37.49 47.79 6.21
C LYS E 87 -36.56 48.92 6.62
N ASN E 88 -37.15 50.03 7.08
CA ASN E 88 -36.35 51.13 7.64
C ASN E 88 -35.47 50.63 8.78
N GLU E 89 -36.02 49.76 9.63
CA GLU E 89 -35.35 49.20 10.79
C GLU E 89 -34.10 48.39 10.43
N ASP E 90 -33.92 48.02 9.16
CA ASP E 90 -32.72 47.31 8.73
C ASP E 90 -31.55 48.23 8.41
N THR E 91 -31.75 49.56 8.46
CA THR E 91 -30.65 50.48 8.24
C THR E 91 -29.61 50.31 9.34
N ALA E 92 -28.40 49.90 8.95
CA ALA E 92 -27.39 49.54 9.94
C ALA E 92 -26.07 49.29 9.22
N THR E 93 -25.02 49.10 10.01
CA THR E 93 -23.76 48.57 9.54
C THR E 93 -23.70 47.09 9.93
N TYR E 94 -23.44 46.23 8.95
CA TYR E 94 -23.40 44.80 9.16
C TYR E 94 -21.96 44.31 9.10
N PHE E 95 -21.58 43.46 10.05
CA PHE E 95 -20.23 42.92 10.17
C PHE E 95 -20.26 41.40 10.06
N CYS E 96 -19.22 40.86 9.44
CA CYS E 96 -18.87 39.45 9.60
C CYS E 96 -17.68 39.35 10.57
N ALA E 97 -17.69 38.30 11.38
CA ALA E 97 -16.67 38.13 12.39
C ALA E 97 -16.40 36.64 12.55
N ARG E 98 -15.13 36.26 12.40
CA ARG E 98 -14.76 34.85 12.41
C ARG E 98 -14.72 34.31 13.82
N ASP E 99 -15.06 33.02 13.96
CA ASP E 99 -14.80 32.31 15.20
C ASP E 99 -13.33 32.37 15.55
N TRP E 100 -13.05 32.65 16.82
CA TRP E 100 -11.74 32.51 17.44
C TRP E 100 -10.78 33.62 17.03
N GLY E 101 -10.42 34.47 18.01
CA GLY E 101 -9.50 35.55 17.77
C GLY E 101 -10.19 36.87 17.48
N PRO E 102 -9.49 37.78 16.78
CA PRO E 102 -9.95 39.17 16.65
C PRO E 102 -10.47 39.57 15.29
N TYR E 103 -10.81 38.62 14.44
CA TYR E 103 -10.95 38.90 13.01
C TYR E 103 -12.38 39.35 12.69
N TRP E 104 -12.49 40.58 12.19
CA TRP E 104 -13.75 41.20 11.81
C TRP E 104 -13.59 41.80 10.42
N GLY E 105 -14.68 41.85 9.67
CA GLY E 105 -14.72 42.71 8.49
C GLY E 105 -14.78 44.19 8.87
N GLN E 106 -14.64 45.05 7.85
CA GLN E 106 -14.72 46.48 8.08
C GLN E 106 -16.15 46.98 8.21
N GLY E 107 -17.15 46.12 7.95
CA GLY E 107 -18.56 46.45 7.99
C GLY E 107 -19.08 46.87 6.63
N THR E 108 -20.39 46.66 6.42
CA THR E 108 -21.13 47.11 5.25
C THR E 108 -22.30 47.97 5.70
N LEU E 109 -22.27 49.27 5.41
CA LEU E 109 -23.42 50.12 5.69
C LEU E 109 -24.54 49.86 4.68
N VAL E 110 -25.75 49.63 5.20
CA VAL E 110 -26.96 49.50 4.39
C VAL E 110 -27.92 50.62 4.82
N ILE E 111 -28.27 51.49 3.89
CA ILE E 111 -29.27 52.55 4.12
C ILE E 111 -30.57 52.11 3.45
N VAL E 112 -31.65 52.01 4.23
CA VAL E 112 -32.96 51.73 3.69
C VAL E 112 -33.84 52.95 3.92
N SER E 113 -34.34 53.55 2.83
CA SER E 113 -35.20 54.72 2.93
C SER E 113 -35.81 55.01 1.57
N ALA E 114 -36.96 55.68 1.61
CA ALA E 114 -37.71 56.08 0.42
C ALA E 114 -37.12 57.28 -0.28
N ALA E 115 -36.17 57.96 0.33
CA ALA E 115 -35.60 59.16 -0.26
C ALA E 115 -34.75 58.83 -1.48
N SER E 116 -34.72 59.76 -2.42
CA SER E 116 -33.95 59.63 -3.64
C SER E 116 -32.71 60.51 -3.54
N THR E 117 -31.56 59.96 -3.92
CA THR E 117 -30.30 60.68 -3.92
C THR E 117 -30.47 62.10 -4.42
N LYS E 118 -29.84 63.04 -3.72
CA LYS E 118 -29.84 64.44 -4.10
C LYS E 118 -28.61 65.09 -3.49
N GLY E 119 -27.92 65.91 -4.30
CA GLY E 119 -26.79 66.68 -3.82
C GLY E 119 -27.21 67.90 -3.04
N PRO E 120 -26.28 68.48 -2.27
CA PRO E 120 -26.62 69.62 -1.40
C PRO E 120 -26.46 70.98 -2.08
N SER E 121 -27.08 71.98 -1.46
CA SER E 121 -26.77 73.39 -1.66
C SER E 121 -25.87 73.84 -0.53
N VAL E 122 -24.85 74.64 -0.85
CA VAL E 122 -23.87 75.08 0.14
C VAL E 122 -24.03 76.58 0.33
N PHE E 123 -24.30 76.97 1.57
CA PHE E 123 -24.49 78.36 1.89
C PHE E 123 -23.42 78.83 2.86
N PRO E 124 -23.04 80.10 2.82
CA PRO E 124 -22.04 80.60 3.77
C PRO E 124 -22.63 80.93 5.14
N LEU E 125 -21.79 80.78 6.15
CA LEU E 125 -22.02 81.32 7.50
C LEU E 125 -20.94 82.38 7.69
N ALA E 126 -21.27 83.62 7.35
CA ALA E 126 -20.26 84.66 7.27
C ALA E 126 -19.83 85.14 8.65
N PRO E 127 -18.58 85.58 8.79
CA PRO E 127 -18.15 86.21 10.04
C PRO E 127 -18.85 87.54 10.30
N SER E 128 -19.06 87.84 11.58
CA SER E 128 -19.89 88.95 12.03
C SER E 128 -19.11 90.26 12.06
N SER E 129 -19.80 91.32 12.48
CA SER E 129 -19.24 92.68 12.61
C SER E 129 -18.56 93.13 11.33
N SER E 133 -13.06 92.86 14.88
CA SER E 133 -13.68 92.49 16.15
C SER E 133 -12.66 92.52 17.31
N GLY E 134 -12.29 91.35 17.82
CA GLY E 134 -11.42 91.24 18.97
C GLY E 134 -9.95 91.00 18.63
N GLY E 135 -9.53 89.74 18.66
CA GLY E 135 -10.39 88.64 19.07
C GLY E 135 -10.31 87.40 18.21
N THR E 136 -11.44 86.71 18.10
CA THR E 136 -11.56 85.46 17.36
C THR E 136 -12.94 85.47 16.70
N ALA E 137 -13.00 84.98 15.46
CA ALA E 137 -14.24 84.98 14.70
C ALA E 137 -14.59 83.56 14.29
N ALA E 138 -15.88 83.34 14.09
CA ALA E 138 -16.42 82.05 13.63
C ALA E 138 -17.06 82.26 12.28
N LEU E 139 -16.90 81.25 11.41
CA LEU E 139 -17.49 81.23 10.08
C LEU E 139 -17.64 79.78 9.66
N GLY E 140 -18.47 79.54 8.66
CA GLY E 140 -18.65 78.18 8.24
C GLY E 140 -19.47 78.05 6.98
N CYS E 141 -19.87 76.81 6.72
CA CYS E 141 -20.69 76.46 5.58
C CYS E 141 -21.88 75.63 6.04
N LEU E 142 -23.03 75.93 5.48
CA LEU E 142 -24.25 75.17 5.69
C LEU E 142 -24.40 74.24 4.50
N VAL E 143 -24.29 72.94 4.72
CA VAL E 143 -24.49 71.94 3.68
C VAL E 143 -25.90 71.39 3.88
N LYS E 144 -26.83 71.82 3.04
CA LYS E 144 -28.25 71.63 3.29
C LYS E 144 -28.90 70.75 2.23
N ASP E 145 -29.83 69.89 2.68
CA ASP E 145 -30.76 69.16 1.82
C ASP E 145 -30.08 68.18 0.86
N TYR E 146 -29.41 67.16 1.42
CA TYR E 146 -28.76 66.11 0.64
C TYR E 146 -29.16 64.74 1.17
N PHE E 147 -28.99 63.73 0.31
CA PHE E 147 -29.26 62.34 0.65
C PHE E 147 -28.53 61.45 -0.34
N PRO E 148 -27.89 60.36 0.11
CA PRO E 148 -27.77 60.06 1.54
C PRO E 148 -26.44 60.55 2.11
N GLU E 149 -26.11 60.09 3.30
CA GLU E 149 -24.80 60.34 3.87
C GLU E 149 -23.75 59.50 3.13
N PRO E 150 -22.48 59.90 3.18
CA PRO E 150 -21.96 61.08 3.88
C PRO E 150 -21.61 62.21 2.92
N VAL E 151 -21.50 63.40 3.46
CA VAL E 151 -20.75 64.47 2.83
C VAL E 151 -19.45 64.63 3.61
N THR E 152 -18.37 64.86 2.89
CA THR E 152 -17.14 65.32 3.51
C THR E 152 -16.93 66.82 3.27
N VAL E 153 -16.25 67.44 4.21
CA VAL E 153 -15.99 68.87 4.18
C VAL E 153 -14.56 69.09 4.64
N SER E 154 -13.83 69.92 3.92
CA SER E 154 -12.54 70.40 4.39
C SER E 154 -12.51 71.90 4.20
N TRP E 155 -11.44 72.53 4.69
CA TRP E 155 -11.22 73.95 4.51
C TRP E 155 -9.88 74.18 3.83
N ASN E 156 -9.88 75.02 2.80
CA ASN E 156 -8.67 75.44 2.14
C ASN E 156 -7.90 74.24 1.61
N SER E 157 -8.64 73.35 0.93
CA SER E 157 -8.07 72.16 0.31
C SER E 157 -7.22 71.37 1.31
N GLY E 158 -7.67 71.32 2.56
CA GLY E 158 -6.99 70.57 3.59
C GLY E 158 -5.98 71.34 4.43
N ALA E 159 -5.57 72.53 4.00
CA ALA E 159 -4.53 73.26 4.72
C ALA E 159 -5.01 73.91 6.00
N LEU E 160 -6.31 73.88 6.30
CA LEU E 160 -6.83 74.51 7.51
C LEU E 160 -7.63 73.48 8.28
N THR E 161 -7.12 73.07 9.46
CA THR E 161 -7.74 72.01 10.26
C THR E 161 -7.92 72.40 11.73
N SER E 162 -6.97 73.17 12.27
CA SER E 162 -7.09 73.58 13.65
C SER E 162 -8.33 74.45 13.84
N GLY E 163 -9.13 74.13 14.86
CA GLY E 163 -10.36 74.83 15.14
C GLY E 163 -11.55 74.44 14.32
N VAL E 164 -11.43 73.45 13.42
CA VAL E 164 -12.56 73.04 12.60
C VAL E 164 -13.49 72.13 13.39
N HIS E 165 -14.78 72.33 13.20
CA HIS E 165 -15.80 71.41 13.72
C HIS E 165 -16.82 71.20 12.60
N THR E 166 -16.87 69.99 12.07
CA THR E 166 -17.92 69.60 11.14
C THR E 166 -18.91 68.73 11.90
N PHE E 167 -20.13 69.21 12.05
CA PHE E 167 -21.10 68.57 12.92
C PHE E 167 -21.71 67.32 12.28
N PRO E 168 -22.11 66.35 13.09
CA PRO E 168 -22.91 65.23 12.55
C PRO E 168 -24.15 65.75 11.84
N ALA E 169 -24.50 65.12 10.73
CA ALA E 169 -25.66 65.60 9.98
C ALA E 169 -26.94 65.38 10.78
N VAL E 170 -28.00 66.03 10.33
CA VAL E 170 -29.27 66.02 11.05
C VAL E 170 -30.35 65.69 10.05
N LEU E 171 -31.09 64.61 10.32
CA LEU E 171 -32.17 64.19 9.44
C LEU E 171 -33.34 65.15 9.61
N GLN E 172 -33.60 65.98 8.60
CA GLN E 172 -34.72 66.91 8.65
C GLN E 172 -36.01 66.19 8.29
N SER E 173 -37.13 66.89 8.51
CA SER E 173 -38.44 66.30 8.26
C SER E 173 -38.65 65.97 6.79
N SER E 174 -37.93 66.64 5.89
CA SER E 174 -38.03 66.40 4.46
C SER E 174 -37.44 65.06 4.02
N GLY E 175 -36.86 64.28 4.94
CA GLY E 175 -36.13 63.08 4.56
C GLY E 175 -34.71 63.31 4.14
N LEU E 176 -34.28 64.56 4.00
CA LEU E 176 -32.92 64.89 3.60
C LEU E 176 -32.10 65.28 4.82
N TYR E 177 -30.79 65.14 4.69
CA TYR E 177 -29.87 65.49 5.76
C TYR E 177 -29.35 66.90 5.56
N SER E 178 -28.68 67.41 6.60
CA SER E 178 -28.19 68.77 6.60
C SER E 178 -27.16 68.89 7.72
N LEU E 179 -26.02 69.52 7.43
CA LEU E 179 -25.02 69.74 8.46
C LEU E 179 -24.32 71.07 8.23
N SER E 180 -23.49 71.43 9.20
CA SER E 180 -22.64 72.60 9.13
C SER E 180 -21.21 72.21 9.43
N SER E 181 -20.29 72.91 8.81
CA SER E 181 -18.89 72.90 9.23
C SER E 181 -18.53 74.33 9.60
N VAL E 182 -17.88 74.50 10.73
CA VAL E 182 -17.45 75.81 11.18
C VAL E 182 -15.98 75.73 11.52
N VAL E 183 -15.36 76.91 11.64
CA VAL E 183 -13.98 77.04 12.07
C VAL E 183 -13.83 78.40 12.75
N THR E 184 -13.06 78.44 13.84
CA THR E 184 -12.73 79.69 14.51
C THR E 184 -11.37 80.18 14.00
N VAL E 185 -11.31 81.45 13.62
CA VAL E 185 -10.05 82.00 13.11
C VAL E 185 -9.81 83.34 13.82
N PRO E 186 -8.59 83.89 13.73
CA PRO E 186 -8.35 85.23 14.30
C PRO E 186 -9.02 86.32 13.48
N SER E 187 -9.52 87.35 14.19
CA SER E 187 -10.29 88.40 13.52
C SER E 187 -9.44 89.21 12.55
N SER E 188 -8.18 89.48 12.92
CA SER E 188 -7.29 90.22 12.03
C SER E 188 -7.06 89.46 10.72
N SER E 189 -7.15 88.13 10.76
CA SER E 189 -6.92 87.32 9.56
C SER E 189 -8.01 87.49 8.52
N LEU E 190 -9.16 88.03 8.89
CA LEU E 190 -10.20 88.31 7.90
C LEU E 190 -9.79 89.48 7.03
N GLY E 191 -10.30 89.50 5.80
CA GLY E 191 -9.93 90.52 4.84
C GLY E 191 -8.59 90.33 4.18
N THR E 192 -7.73 89.47 4.73
CA THR E 192 -6.48 89.10 4.10
C THR E 192 -6.41 87.63 3.70
N GLN E 193 -7.05 86.74 4.46
CA GLN E 193 -6.95 85.31 4.26
C GLN E 193 -8.27 84.74 3.77
N THR E 194 -8.26 84.10 2.61
CA THR E 194 -9.46 83.48 2.06
C THR E 194 -9.79 82.19 2.82
N TYR E 195 -11.08 81.84 2.83
CA TYR E 195 -11.57 80.60 3.47
C TYR E 195 -12.57 79.92 2.55
N ILE E 196 -12.21 78.74 2.06
CA ILE E 196 -13.06 77.96 1.16
C ILE E 196 -13.36 76.64 1.84
N CYS E 197 -14.64 76.34 2.03
CA CYS E 197 -15.01 74.97 2.36
C CYS E 197 -15.17 74.16 1.08
N ASN E 198 -14.60 72.96 1.09
CA ASN E 198 -14.68 72.03 -0.03
C ASN E 198 -15.66 70.94 0.36
N VAL E 199 -16.79 70.90 -0.32
CA VAL E 199 -17.88 69.98 -0.01
C VAL E 199 -17.88 68.90 -1.08
N ASN E 200 -18.13 67.66 -0.65
CA ASN E 200 -18.03 66.51 -1.56
C ASN E 200 -19.10 65.51 -1.19
N HIS E 201 -20.04 65.28 -2.11
CA HIS E 201 -21.15 64.34 -1.91
C HIS E 201 -21.08 63.33 -3.05
N LYS E 202 -20.43 62.20 -2.78
CA LYS E 202 -20.20 61.18 -3.81
C LYS E 202 -21.49 60.60 -4.39
N PRO E 203 -22.50 60.21 -3.61
CA PRO E 203 -23.69 59.61 -4.21
C PRO E 203 -24.40 60.48 -5.24
N SER E 204 -24.07 61.77 -5.32
CA SER E 204 -24.61 62.63 -6.36
C SER E 204 -23.53 63.22 -7.27
N ASN E 205 -22.27 62.88 -7.03
CA ASN E 205 -21.11 63.40 -7.77
C ASN E 205 -20.94 64.92 -7.61
N THR E 206 -21.52 65.49 -6.57
CA THR E 206 -21.50 66.93 -6.34
C THR E 206 -20.28 67.32 -5.52
N LYS E 207 -19.37 68.10 -6.12
CA LYS E 207 -18.35 68.83 -5.39
C LYS E 207 -18.55 70.32 -5.62
N VAL E 208 -18.65 71.08 -4.54
CA VAL E 208 -18.70 72.54 -4.62
C VAL E 208 -17.66 73.12 -3.67
N ASP E 209 -17.01 74.20 -4.10
CA ASP E 209 -16.13 75.02 -3.27
C ASP E 209 -16.84 76.33 -2.98
N LYS E 210 -16.86 76.72 -1.72
CA LYS E 210 -17.62 77.89 -1.30
C LYS E 210 -16.68 78.83 -0.57
N LYS E 211 -16.35 79.97 -1.18
CA LYS E 211 -15.60 81.00 -0.47
C LYS E 211 -16.51 81.67 0.55
N VAL E 212 -16.01 81.84 1.78
CA VAL E 212 -16.77 82.40 2.89
C VAL E 212 -16.08 83.66 3.36
N GLU E 213 -16.82 84.77 3.40
CA GLU E 213 -16.26 86.06 3.76
C GLU E 213 -17.38 86.94 4.31
N PRO E 214 -17.04 88.02 5.01
CA PRO E 214 -18.09 88.94 5.46
C PRO E 214 -18.75 89.67 4.30
N ASN F 1 -31.01 30.86 26.39
CA ASN F 1 -30.07 31.89 25.94
C ASN F 1 -29.32 32.50 27.12
N ILE F 2 -28.12 33.00 26.86
CA ILE F 2 -27.27 33.62 27.87
C ILE F 2 -27.34 35.12 27.68
N MET F 3 -27.96 35.83 28.62
CA MET F 3 -28.09 37.28 28.53
C MET F 3 -26.92 37.97 29.22
N MET F 4 -26.59 39.17 28.74
CA MET F 4 -25.41 39.90 29.20
C MET F 4 -25.79 41.31 29.64
N THR F 5 -25.57 41.60 30.92
CA THR F 5 -25.88 42.91 31.49
C THR F 5 -24.58 43.67 31.71
N GLN F 6 -24.39 44.74 30.96
CA GLN F 6 -23.20 45.56 31.12
C GLN F 6 -23.55 46.78 31.94
N SER F 7 -22.55 47.30 32.66
CA SER F 7 -22.84 48.35 33.62
C SER F 7 -21.54 49.03 34.01
N PRO F 8 -21.52 50.36 34.15
CA PRO F 8 -22.65 51.26 33.86
C PRO F 8 -22.77 51.47 32.35
N SER F 9 -23.84 52.15 31.94
CA SER F 9 -24.02 52.35 30.51
C SER F 9 -23.09 53.44 29.97
N SER F 10 -22.67 54.38 30.81
CA SER F 10 -21.74 55.41 30.39
C SER F 10 -20.96 55.93 31.60
N LEU F 11 -19.85 56.58 31.30
CA LEU F 11 -18.75 56.67 32.25
C LEU F 11 -17.89 57.87 31.89
N ALA F 12 -17.52 58.67 32.88
CA ALA F 12 -16.63 59.80 32.64
C ALA F 12 -15.63 59.88 33.78
N VAL F 13 -14.34 59.85 33.44
CA VAL F 13 -13.29 60.01 34.44
C VAL F 13 -12.21 60.93 33.88
N SER F 14 -11.53 61.63 34.79
CA SER F 14 -10.44 62.53 34.42
C SER F 14 -9.26 61.74 33.84
N ALA F 15 -8.49 62.40 32.98
CA ALA F 15 -7.36 61.77 32.34
C ALA F 15 -6.36 61.28 33.39
N GLY F 16 -5.95 60.01 33.29
CA GLY F 16 -5.01 59.44 34.22
C GLY F 16 -5.65 58.67 35.36
N GLU F 17 -6.97 58.79 35.54
CA GLU F 17 -7.66 58.03 36.56
C GLU F 17 -7.95 56.62 36.08
N LYS F 18 -8.46 55.80 36.99
CA LYS F 18 -8.82 54.42 36.73
C LYS F 18 -10.31 54.33 36.46
N VAL F 19 -10.70 53.33 35.66
CA VAL F 19 -12.11 53.12 35.35
C VAL F 19 -12.41 51.63 35.39
N THR F 20 -13.68 51.31 35.63
CA THR F 20 -14.11 49.93 35.82
C THR F 20 -15.40 49.69 35.07
N VAL F 21 -15.43 48.61 34.32
CA VAL F 21 -16.58 48.22 33.51
C VAL F 21 -17.00 46.82 33.93
N ASN F 22 -18.29 46.61 34.08
CA ASN F 22 -18.76 45.35 34.64
C ASN F 22 -19.75 44.69 33.71
N CYS F 23 -19.73 43.36 33.76
CA CYS F 23 -20.56 42.53 32.91
C CYS F 23 -20.94 41.31 33.74
N LYS F 24 -22.25 41.03 33.80
CA LYS F 24 -22.78 39.85 34.45
C LYS F 24 -23.51 39.02 33.39
N SER F 25 -23.13 37.74 33.25
CA SER F 25 -23.86 36.83 32.38
C SER F 25 -24.98 36.15 33.16
N SER F 26 -26.05 35.80 32.44
CA SER F 26 -27.20 35.17 33.09
C SER F 26 -26.95 33.74 33.51
N GLN F 27 -25.97 33.07 32.89
CA GLN F 27 -25.49 31.73 33.27
C GLN F 27 -23.97 31.74 33.21
N SER F 28 -23.37 30.77 33.88
CA SER F 28 -21.90 30.72 33.96
C SER F 28 -21.30 30.47 32.58
N VAL F 29 -20.25 31.22 32.26
CA VAL F 29 -19.50 31.01 31.01
C VAL F 29 -18.13 30.39 31.28
N LEU F 30 -17.96 29.82 32.47
CA LEU F 30 -16.79 29.00 32.81
C LEU F 30 -17.05 27.54 32.40
N TYR F 31 -16.32 27.06 31.41
CA TYR F 31 -16.49 25.70 30.90
C TYR F 31 -15.70 24.78 31.81
N SER F 32 -16.41 23.91 32.53
CA SER F 32 -15.79 23.25 33.67
C SER F 32 -14.58 22.41 33.25
N SER F 33 -14.69 21.72 32.12
CA SER F 33 -13.66 20.76 31.72
C SER F 33 -12.31 21.40 31.37
N ASN F 34 -12.25 22.67 30.98
CA ASN F 34 -10.96 23.31 30.74
C ASN F 34 -10.72 24.54 31.61
N GLN F 35 -11.66 24.89 32.49
CA GLN F 35 -11.50 25.99 33.44
C GLN F 35 -11.18 27.31 32.72
N MET F 36 -11.82 27.55 31.58
CA MET F 36 -11.70 28.81 30.86
C MET F 36 -13.04 29.53 30.85
N ASN F 37 -13.00 30.84 31.02
CA ASN F 37 -14.18 31.70 30.88
C ASN F 37 -14.33 32.16 29.44
N TYR F 38 -15.52 31.95 28.87
CA TYR F 38 -15.73 32.20 27.45
C TYR F 38 -16.25 33.62 27.28
N LEU F 39 -15.34 34.57 27.49
CA LEU F 39 -15.72 35.95 27.67
C LEU F 39 -14.64 36.87 27.12
N ALA F 40 -15.06 37.86 26.34
CA ALA F 40 -14.13 38.79 25.70
C ALA F 40 -14.58 40.23 25.94
N TRP F 41 -13.64 41.15 25.78
CA TRP F 41 -13.90 42.57 25.86
C TRP F 41 -13.41 43.24 24.57
N TYR F 42 -14.21 44.19 24.07
CA TYR F 42 -13.93 44.88 22.83
C TYR F 42 -13.92 46.39 23.07
N GLN F 43 -13.19 47.09 22.21
CA GLN F 43 -13.16 48.55 22.20
C GLN F 43 -13.49 48.98 20.78
N GLN F 44 -14.60 49.70 20.62
CA GLN F 44 -15.01 50.18 19.31
C GLN F 44 -14.98 51.70 19.31
N LYS F 45 -14.20 52.29 18.41
CA LYS F 45 -14.25 53.71 18.14
C LYS F 45 -15.16 53.99 16.95
N PRO F 46 -15.62 55.23 16.79
CA PRO F 46 -16.50 55.56 15.66
C PRO F 46 -15.86 55.29 14.30
N GLY F 47 -16.65 54.70 13.41
CA GLY F 47 -16.20 54.40 12.08
C GLY F 47 -15.37 53.14 11.95
N GLN F 48 -14.98 52.52 13.06
CA GLN F 48 -14.13 51.33 13.04
C GLN F 48 -14.91 50.11 13.47
N SER F 49 -14.37 48.94 13.13
CA SER F 49 -14.91 47.70 13.64
C SER F 49 -14.47 47.49 15.08
N PRO F 50 -15.21 46.68 15.84
CA PRO F 50 -14.78 46.37 17.20
C PRO F 50 -13.40 45.74 17.19
N LYS F 51 -12.59 46.10 18.19
CA LYS F 51 -11.23 45.60 18.35
C LYS F 51 -11.17 44.77 19.63
N LEU F 52 -10.67 43.55 19.50
CA LEU F 52 -10.57 42.65 20.63
C LEU F 52 -9.49 43.12 21.60
N LEU F 53 -9.85 43.28 22.88
CA LEU F 53 -8.87 43.65 23.90
C LEU F 53 -8.43 42.45 24.73
N ILE F 54 -9.41 41.75 25.27
CA ILE F 54 -9.25 40.70 26.26
C ILE F 54 -10.07 39.51 25.79
N TYR F 55 -9.50 38.31 25.89
CA TYR F 55 -10.30 37.10 25.71
C TYR F 55 -9.94 36.10 26.80
N TRP F 56 -10.79 35.08 26.95
CA TRP F 56 -10.73 34.13 28.07
C TRP F 56 -10.78 34.86 29.42
N ALA F 57 -11.53 35.99 29.46
CA ALA F 57 -11.76 36.85 30.63
C ALA F 57 -10.54 37.70 30.99
N SER F 58 -9.32 37.17 30.79
CA SER F 58 -8.14 37.88 31.28
C SER F 58 -6.89 37.76 30.41
N THR F 59 -6.95 37.13 29.24
CA THR F 59 -5.80 37.13 28.33
C THR F 59 -5.85 38.36 27.45
N ARG F 60 -4.73 39.10 27.38
CA ARG F 60 -4.67 40.30 26.53
C ARG F 60 -4.29 39.93 25.10
N GLU F 61 -5.05 40.45 24.14
CA GLU F 61 -4.66 40.42 22.74
C GLU F 61 -3.31 41.12 22.55
N SER F 62 -2.52 40.65 21.59
CA SER F 62 -1.18 41.24 21.40
C SER F 62 -1.30 42.70 21.00
N GLY F 63 -0.39 43.51 21.52
CA GLY F 63 -0.44 44.95 21.37
C GLY F 63 -1.15 45.68 22.49
N VAL F 64 -2.08 45.02 23.18
CA VAL F 64 -2.95 45.65 24.17
C VAL F 64 -2.17 45.89 25.47
N PRO F 65 -2.02 47.14 25.89
CA PRO F 65 -1.14 47.46 27.03
C PRO F 65 -1.63 46.87 28.33
N ASP F 66 -0.75 46.87 29.32
CA ASP F 66 -1.07 46.24 30.60
C ASP F 66 -2.20 46.96 31.33
N ARG F 67 -2.36 48.28 31.09
CA ARG F 67 -3.39 49.06 31.77
C ARG F 67 -4.81 48.67 31.38
N PHE F 68 -4.97 47.80 30.38
CA PHE F 68 -6.24 47.11 30.14
C PHE F 68 -6.17 45.74 30.80
N THR F 69 -6.94 45.57 31.88
CA THR F 69 -6.93 44.33 32.64
C THR F 69 -8.32 43.72 32.68
N GLY F 70 -8.38 42.42 32.39
CA GLY F 70 -9.61 41.65 32.52
C GLY F 70 -9.53 40.78 33.76
N SER F 71 -10.65 40.68 34.46
CA SER F 71 -10.72 39.91 35.68
C SER F 71 -12.13 39.37 35.81
N GLY F 72 -12.30 38.40 36.71
CA GLY F 72 -13.60 37.82 37.01
C GLY F 72 -13.68 36.35 36.63
N SER F 73 -14.81 35.74 36.96
CA SER F 73 -14.94 34.31 36.77
C SER F 73 -16.41 33.93 36.86
N GLY F 74 -16.81 32.94 36.06
CA GLY F 74 -18.14 32.38 36.20
C GLY F 74 -19.21 33.29 35.64
N THR F 75 -19.88 34.08 36.48
CA THR F 75 -20.95 34.95 36.01
C THR F 75 -20.62 36.44 36.04
N ASP F 76 -19.48 36.86 36.58
CA ASP F 76 -19.24 38.26 36.88
C ASP F 76 -17.85 38.67 36.39
N PHE F 77 -17.80 39.68 35.54
CA PHE F 77 -16.54 40.03 34.88
C PHE F 77 -16.31 41.53 34.93
N THR F 78 -15.04 41.91 34.96
CA THR F 78 -14.64 43.30 35.14
C THR F 78 -13.51 43.64 34.19
N LEU F 79 -13.65 44.75 33.47
CA LEU F 79 -12.59 45.31 32.67
C LEU F 79 -12.10 46.59 33.35
N THR F 80 -10.81 46.64 33.65
CA THR F 80 -10.20 47.81 34.27
C THR F 80 -9.28 48.50 33.28
N ILE F 81 -9.41 49.83 33.18
CA ILE F 81 -8.53 50.69 32.43
C ILE F 81 -7.90 51.66 33.42
N SER F 82 -6.62 51.49 33.69
CA SER F 82 -5.92 52.45 34.54
C SER F 82 -5.23 53.49 33.69
N SER F 83 -4.96 54.65 34.30
CA SER F 83 -4.30 55.77 33.64
C SER F 83 -4.94 56.07 32.27
N VAL F 84 -6.23 56.44 32.34
CA VAL F 84 -7.04 56.65 31.15
C VAL F 84 -6.45 57.76 30.28
N GLN F 85 -6.47 57.54 28.97
CA GLN F 85 -6.01 58.49 27.96
C GLN F 85 -7.20 59.00 27.15
N THR F 86 -7.04 60.18 26.54
CA THR F 86 -8.07 60.65 25.62
C THR F 86 -8.32 59.65 24.51
N GLU F 87 -7.25 59.06 23.97
CA GLU F 87 -7.36 58.03 22.95
C GLU F 87 -8.14 56.79 23.42
N ASP F 88 -8.51 56.70 24.69
CA ASP F 88 -9.35 55.59 25.15
C ASP F 88 -10.85 55.89 25.04
N LEU F 89 -11.22 57.10 24.62
CA LEU F 89 -12.62 57.41 24.33
C LEU F 89 -13.14 56.44 23.29
N ALA F 90 -14.18 55.70 23.65
CA ALA F 90 -14.67 54.56 22.88
C ALA F 90 -15.87 53.99 23.60
N VAL F 91 -16.55 53.07 22.94
CA VAL F 91 -17.55 52.23 23.58
C VAL F 91 -16.93 50.85 23.79
N TYR F 92 -17.17 50.28 24.97
CA TYR F 92 -16.61 49.00 25.39
C TYR F 92 -17.72 47.97 25.50
N TYR F 93 -17.51 46.80 24.90
CA TYR F 93 -18.47 45.71 24.93
C TYR F 93 -17.81 44.48 25.53
N CYS F 94 -18.59 43.71 26.28
CA CYS F 94 -18.23 42.36 26.65
C CYS F 94 -18.99 41.41 25.76
N LEU F 95 -18.44 40.22 25.57
CA LEU F 95 -19.07 39.20 24.74
C LEU F 95 -18.90 37.85 25.42
N GLN F 96 -19.99 37.11 25.52
CA GLN F 96 -19.90 35.69 25.86
C GLN F 96 -19.93 34.90 24.55
N TYR F 97 -19.05 33.91 24.45
CA TYR F 97 -19.02 33.10 23.24
C TYR F 97 -19.00 31.62 23.60
N LEU F 98 -19.64 31.26 24.71
CA LEU F 98 -19.77 29.88 25.13
C LEU F 98 -20.93 29.19 24.42
N SER F 99 -22.06 29.87 24.30
CA SER F 99 -23.23 29.30 23.64
C SER F 99 -23.78 30.40 22.75
N SER F 100 -23.50 30.31 21.45
CA SER F 100 -23.76 31.40 20.52
C SER F 100 -22.97 32.64 20.94
N TRP F 101 -23.36 33.82 20.47
CA TRP F 101 -22.76 35.06 20.91
C TRP F 101 -23.80 35.95 21.58
N THR F 102 -23.44 36.59 22.68
CA THR F 102 -24.25 37.66 23.26
C THR F 102 -23.33 38.78 23.66
N PHE F 103 -23.51 39.95 23.04
CA PHE F 103 -22.79 41.15 23.43
C PHE F 103 -23.53 41.83 24.57
N GLY F 104 -22.76 42.48 25.45
CA GLY F 104 -23.33 43.43 26.38
C GLY F 104 -23.82 44.69 25.65
N GLY F 105 -24.50 45.54 26.42
CA GLY F 105 -25.14 46.71 25.82
C GLY F 105 -24.18 47.80 25.45
N GLY F 106 -22.95 47.77 25.98
CA GLY F 106 -21.91 48.76 25.75
C GLY F 106 -21.75 49.72 26.91
N THR F 107 -20.53 50.21 27.09
CA THR F 107 -20.28 51.29 28.05
C THR F 107 -19.50 52.38 27.33
N LYS F 108 -20.06 53.58 27.29
CA LYS F 108 -19.37 54.70 26.68
C LYS F 108 -18.45 55.31 27.72
N LEU F 109 -17.19 55.48 27.36
CA LEU F 109 -16.20 56.12 28.20
C LEU F 109 -15.96 57.52 27.66
N GLU F 110 -16.29 58.54 28.47
CA GLU F 110 -16.01 59.96 28.23
C GLU F 110 -14.86 60.42 29.12
N ILE F 111 -14.17 61.47 28.70
CA ILE F 111 -13.10 62.08 29.50
C ILE F 111 -13.69 63.22 30.36
N LYS F 112 -13.33 63.25 31.64
CA LYS F 112 -13.71 64.36 32.50
C LYS F 112 -12.64 65.44 32.46
N ARG F 113 -13.09 66.70 32.37
CA ARG F 113 -12.20 67.85 32.38
C ARG F 113 -12.87 68.99 33.14
N THR F 114 -12.09 70.05 33.39
CA THR F 114 -12.62 71.19 34.10
C THR F 114 -13.67 71.90 33.24
N VAL F 115 -14.48 72.73 33.90
CA VAL F 115 -15.56 73.41 33.18
C VAL F 115 -14.97 74.44 32.23
N ALA F 116 -15.57 74.53 31.05
CA ALA F 116 -15.17 75.53 30.05
C ALA F 116 -16.45 76.08 29.43
N ALA F 117 -16.70 77.36 29.64
CA ALA F 117 -17.86 78.01 29.03
C ALA F 117 -17.67 78.14 27.51
N PRO F 118 -18.76 78.02 26.74
CA PRO F 118 -18.65 78.17 25.29
C PRO F 118 -18.60 79.62 24.85
N SER F 119 -17.85 79.85 23.78
CA SER F 119 -18.01 81.09 23.04
C SER F 119 -19.14 80.86 22.04
N VAL F 120 -20.03 81.85 21.93
CA VAL F 120 -21.28 81.72 21.19
C VAL F 120 -21.27 82.69 20.03
N PHE F 121 -21.75 82.23 18.87
CA PHE F 121 -21.86 83.02 17.66
C PHE F 121 -23.20 82.74 16.98
N ILE F 122 -23.78 83.76 16.37
CA ILE F 122 -25.04 83.58 15.63
C ILE F 122 -24.82 83.96 14.18
N PHE F 123 -25.41 83.18 13.27
CA PHE F 123 -25.33 83.43 11.84
C PHE F 123 -26.71 83.65 11.28
N PRO F 124 -26.93 84.74 10.54
CA PRO F 124 -28.18 84.90 9.82
C PRO F 124 -28.17 84.08 8.55
N PRO F 125 -29.34 83.75 8.00
CA PRO F 125 -29.38 83.12 6.67
C PRO F 125 -28.68 83.98 5.63
N SER F 126 -28.07 83.31 4.66
CA SER F 126 -27.42 84.02 3.57
C SER F 126 -28.45 84.61 2.62
N ASP F 127 -28.02 85.61 1.85
CA ASP F 127 -28.87 86.14 0.81
C ASP F 127 -29.25 85.07 -0.20
N GLU F 128 -28.36 84.10 -0.42
CA GLU F 128 -28.55 83.12 -1.47
C GLU F 128 -29.58 82.07 -1.07
N GLN F 129 -29.56 81.66 0.20
CA GLN F 129 -30.60 80.75 0.69
C GLN F 129 -31.96 81.39 0.68
N LEU F 130 -32.04 82.66 1.10
CA LEU F 130 -33.30 83.38 1.03
C LEU F 130 -33.89 83.33 -0.38
N LYS F 131 -33.04 83.46 -1.42
CA LYS F 131 -33.54 83.31 -2.78
C LYS F 131 -34.29 81.99 -2.98
N SER F 132 -33.76 80.91 -2.42
CA SER F 132 -34.42 79.62 -2.52
C SER F 132 -35.71 79.54 -1.69
N GLY F 133 -36.01 80.56 -0.88
CA GLY F 133 -37.23 80.60 -0.11
C GLY F 133 -37.16 80.04 1.29
N THR F 134 -35.97 79.84 1.84
CA THR F 134 -35.80 79.23 3.15
C THR F 134 -34.81 80.06 3.97
N ALA F 135 -35.04 80.09 5.29
CA ALA F 135 -34.20 80.84 6.20
C ALA F 135 -33.69 79.90 7.28
N SER F 136 -32.37 79.77 7.39
CA SER F 136 -31.75 78.98 8.44
C SER F 136 -30.89 79.91 9.28
N VAL F 137 -31.27 80.07 10.55
CA VAL F 137 -30.48 80.80 11.54
C VAL F 137 -29.72 79.77 12.36
N VAL F 138 -28.42 79.96 12.48
CA VAL F 138 -27.54 79.00 13.14
C VAL F 138 -26.89 79.67 14.34
N CYS F 139 -26.94 78.97 15.49
CA CYS F 139 -26.32 79.38 16.74
C CYS F 139 -25.25 78.36 17.10
N LEU F 140 -24.00 78.81 17.26
CA LEU F 140 -22.88 77.92 17.48
C LEU F 140 -22.32 78.10 18.89
N LEU F 141 -22.16 76.99 19.60
CA LEU F 141 -21.52 76.94 20.92
C LEU F 141 -20.19 76.22 20.74
N ASN F 142 -19.09 76.94 20.92
CA ASN F 142 -17.77 76.43 20.57
C ASN F 142 -16.98 76.02 21.81
N ASN F 143 -16.53 74.76 21.82
CA ASN F 143 -15.45 74.31 22.70
C ASN F 143 -15.80 74.44 24.18
N PHE F 144 -16.84 73.72 24.62
CA PHE F 144 -17.30 73.82 26.00
C PHE F 144 -17.31 72.47 26.70
N TYR F 145 -17.37 72.53 28.04
CA TYR F 145 -17.53 71.37 28.91
C TYR F 145 -18.15 71.82 30.22
N PRO F 146 -19.11 71.07 30.79
CA PRO F 146 -19.62 69.80 30.25
C PRO F 146 -20.52 69.98 29.03
N ARG F 147 -21.07 68.87 28.53
CA ARG F 147 -21.88 68.87 27.32
C ARG F 147 -23.27 69.45 27.54
N GLU F 148 -23.77 69.44 28.77
CA GLU F 148 -25.13 69.89 29.01
C GLU F 148 -25.24 71.39 28.75
N ALA F 149 -26.15 71.75 27.86
CA ALA F 149 -26.40 73.15 27.52
C ALA F 149 -27.87 73.31 27.20
N LYS F 150 -28.34 74.55 27.29
CA LYS F 150 -29.68 74.93 26.85
C LYS F 150 -29.54 76.02 25.80
N VAL F 151 -30.15 75.80 24.64
CA VAL F 151 -30.14 76.79 23.56
C VAL F 151 -31.59 77.15 23.26
N GLN F 152 -31.97 78.38 23.60
CA GLN F 152 -33.33 78.85 23.44
C GLN F 152 -33.38 79.89 22.33
N TRP F 153 -34.29 79.68 21.38
CA TRP F 153 -34.49 80.61 20.29
C TRP F 153 -35.58 81.60 20.65
N LYS F 154 -35.28 82.89 20.51
CA LYS F 154 -36.25 83.97 20.66
C LYS F 154 -36.34 84.73 19.35
N VAL F 155 -37.56 84.86 18.83
CA VAL F 155 -37.82 85.67 17.64
C VAL F 155 -38.77 86.77 18.05
N ASP F 156 -38.26 87.99 18.12
CA ASP F 156 -39.01 89.14 18.62
C ASP F 156 -39.56 88.85 20.01
N ASN F 157 -38.72 88.24 20.85
CA ASN F 157 -39.02 87.91 22.24
C ASN F 157 -40.16 86.91 22.37
N ALA F 158 -40.37 86.08 21.34
CA ALA F 158 -41.28 84.97 21.39
C ALA F 158 -40.48 83.67 21.42
N LEU F 159 -40.81 82.80 22.37
CA LEU F 159 -40.13 81.51 22.51
C LEU F 159 -40.46 80.61 21.32
N GLN F 160 -39.45 79.91 20.83
CA GLN F 160 -39.63 78.99 19.72
C GLN F 160 -39.74 77.57 20.22
N SER F 161 -40.49 76.75 19.49
CA SER F 161 -40.75 75.36 19.90
C SER F 161 -40.95 74.51 18.66
N GLY F 162 -40.15 73.47 18.51
CA GLY F 162 -40.39 72.48 17.49
C GLY F 162 -40.05 72.87 16.08
N ASN F 163 -39.10 73.79 15.89
CA ASN F 163 -38.58 74.11 14.57
C ASN F 163 -37.08 74.35 14.62
N SER F 164 -36.38 73.65 15.52
CA SER F 164 -34.95 73.77 15.64
C SER F 164 -34.36 72.42 16.00
N GLN F 165 -33.22 72.11 15.40
CA GLN F 165 -32.50 70.88 15.71
C GLN F 165 -31.07 71.21 16.13
N GLU F 166 -30.57 70.42 17.05
CA GLU F 166 -29.21 70.58 17.54
C GLU F 166 -28.33 69.51 16.93
N SER F 167 -27.03 69.69 17.13
CA SER F 167 -26.09 68.65 16.76
C SER F 167 -24.81 68.92 17.55
N VAL F 168 -24.20 67.84 18.04
CA VAL F 168 -23.05 67.94 18.94
C VAL F 168 -21.86 67.20 18.34
N THR F 169 -20.68 67.80 18.43
CA THR F 169 -19.45 67.11 18.10
C THR F 169 -19.09 66.11 19.19
N GLU F 170 -18.42 65.02 18.81
CA GLU F 170 -17.86 64.16 19.83
C GLU F 170 -16.75 64.92 20.58
N GLN F 171 -16.30 64.34 21.70
CA GLN F 171 -15.32 65.05 22.52
C GLN F 171 -14.01 65.28 21.76
N ASP F 172 -13.43 66.46 21.94
CA ASP F 172 -12.23 66.85 21.21
C ASP F 172 -10.99 66.15 21.77
N SER F 173 -10.13 65.68 20.86
CA SER F 173 -8.98 64.86 21.26
C SER F 173 -7.93 65.66 22.02
N LYS F 174 -7.79 66.95 21.73
CA LYS F 174 -6.73 67.76 22.32
C LYS F 174 -7.14 68.40 23.64
N ASP F 175 -8.40 68.83 23.77
CA ASP F 175 -8.83 69.55 24.96
C ASP F 175 -10.14 69.04 25.55
N SER F 176 -10.70 67.95 25.02
CA SER F 176 -11.84 67.22 25.60
C SER F 176 -13.14 68.02 25.62
N THR F 177 -13.27 69.08 24.81
CA THR F 177 -14.51 69.85 24.84
C THR F 177 -15.50 69.37 23.79
N TYR F 178 -16.71 69.91 23.86
CA TYR F 178 -17.78 69.68 22.91
C TYR F 178 -18.08 70.97 22.16
N SER F 179 -18.57 70.83 20.94
CA SER F 179 -19.17 71.95 20.24
C SER F 179 -20.58 71.58 19.82
N LEU F 180 -21.43 72.59 19.72
CA LEU F 180 -22.83 72.36 19.43
C LEU F 180 -23.31 73.43 18.46
N SER F 181 -24.17 73.01 17.53
CA SER F 181 -24.91 73.91 16.68
C SER F 181 -26.39 73.79 16.99
N SER F 182 -27.12 74.87 16.77
CA SER F 182 -28.57 74.87 16.81
C SER F 182 -29.08 75.60 15.59
N THR F 183 -29.96 74.95 14.84
CA THR F 183 -30.46 75.50 13.58
C THR F 183 -31.97 75.73 13.68
N LEU F 184 -32.36 77.00 13.67
CA LEU F 184 -33.75 77.43 13.55
C LEU F 184 -34.08 77.62 12.07
N THR F 185 -35.11 76.93 11.58
CA THR F 185 -35.50 77.01 10.17
C THR F 185 -36.90 77.61 10.08
N LEU F 186 -37.02 78.70 9.32
CA LEU F 186 -38.28 79.31 8.98
C LEU F 186 -38.43 79.39 7.47
N SER F 187 -39.68 79.50 7.02
CA SER F 187 -39.93 79.90 5.65
C SER F 187 -39.46 81.32 5.44
N LYS F 188 -39.13 81.65 4.19
CA LYS F 188 -38.71 83.02 3.87
C LYS F 188 -39.74 84.03 4.32
N ALA F 189 -41.03 83.73 4.09
CA ALA F 189 -42.07 84.68 4.50
C ALA F 189 -42.13 84.81 6.02
N ASP F 190 -42.00 83.69 6.73
CA ASP F 190 -41.97 83.75 8.20
C ASP F 190 -40.80 84.61 8.68
N TYR F 191 -39.63 84.38 8.10
CA TYR F 191 -38.45 85.16 8.47
C TYR F 191 -38.68 86.65 8.26
N GLU F 192 -39.26 87.03 7.12
CA GLU F 192 -39.29 88.42 6.71
C GLU F 192 -40.25 89.28 7.53
N LYS F 193 -41.19 88.68 8.25
CA LYS F 193 -42.11 89.44 9.09
C LYS F 193 -41.60 89.64 10.52
N HIS F 194 -40.34 89.28 10.81
CA HIS F 194 -39.77 89.42 12.14
C HIS F 194 -38.43 90.16 12.05
N LYS F 195 -38.06 90.83 13.14
CA LYS F 195 -36.90 91.70 13.16
C LYS F 195 -35.74 91.11 13.96
N VAL F 196 -35.84 91.01 15.29
CA VAL F 196 -34.70 90.59 16.09
C VAL F 196 -34.66 89.07 16.19
N TYR F 197 -33.48 88.51 15.96
CA TYR F 197 -33.24 87.07 16.09
C TYR F 197 -32.16 86.88 17.12
N ALA F 198 -32.41 85.97 18.06
CA ALA F 198 -31.54 85.80 19.22
C ALA F 198 -31.61 84.36 19.71
N CYS F 199 -30.45 83.79 20.01
CA CYS F 199 -30.37 82.51 20.69
C CYS F 199 -29.84 82.74 22.08
N GLU F 200 -30.38 82.01 23.05
CA GLU F 200 -30.03 82.15 24.46
C GLU F 200 -29.35 80.88 24.94
N VAL F 201 -28.15 81.03 25.51
CA VAL F 201 -27.33 79.91 25.93
C VAL F 201 -27.11 80.00 27.43
N THR F 202 -27.63 79.00 28.17
CA THR F 202 -27.24 78.80 29.55
C THR F 202 -26.25 77.65 29.66
N HIS F 203 -25.24 77.82 30.50
CA HIS F 203 -24.25 76.77 30.70
C HIS F 203 -23.66 76.87 32.10
N GLN F 204 -22.96 75.80 32.49
CA GLN F 204 -22.36 75.76 33.82
C GLN F 204 -21.31 76.83 34.01
N GLY F 205 -20.58 77.17 32.94
CA GLY F 205 -19.49 78.11 33.05
C GLY F 205 -19.82 79.56 32.68
N LEU F 206 -21.10 79.92 32.64
CA LEU F 206 -21.51 81.27 32.27
C LEU F 206 -22.24 81.91 33.45
N SER F 207 -21.70 83.02 33.96
CA SER F 207 -22.27 83.68 35.13
C SER F 207 -23.73 84.06 34.93
N SER F 208 -24.14 84.25 33.68
CA SER F 208 -25.54 84.47 33.32
C SER F 208 -25.77 83.80 31.98
N PRO F 209 -27.03 83.53 31.62
CA PRO F 209 -27.32 83.12 30.24
C PRO F 209 -26.80 84.17 29.27
N VAL F 210 -26.27 83.69 28.15
CA VAL F 210 -25.64 84.53 27.14
C VAL F 210 -26.53 84.54 25.91
N THR F 211 -26.83 85.74 25.42
CA THR F 211 -27.70 85.91 24.26
C THR F 211 -26.91 86.53 23.13
N LYS F 212 -26.84 85.84 22.01
CA LYS F 212 -26.29 86.37 20.77
C LYS F 212 -27.46 86.70 19.85
N SER F 213 -27.45 87.91 19.30
CA SER F 213 -28.60 88.40 18.55
C SER F 213 -28.14 89.20 17.35
N PHE F 214 -29.05 89.37 16.40
CA PHE F 214 -28.86 90.29 15.30
C PHE F 214 -30.21 90.81 14.87
N ASN F 215 -30.20 91.94 14.18
CA ASN F 215 -31.40 92.44 13.53
C ASN F 215 -31.37 92.05 12.07
N ARG F 216 -32.52 91.65 11.54
CA ARG F 216 -32.63 91.20 10.16
C ARG F 216 -32.49 92.41 9.25
N GLY F 217 -31.28 92.64 8.73
CA GLY F 217 -31.03 93.74 7.83
C GLY F 217 -29.71 94.49 8.06
N GLU F 218 -28.76 93.86 8.75
CA GLU F 218 -27.48 94.51 9.09
C GLU F 218 -26.40 94.26 8.04
N GLN G 1 16.56 -16.64 -3.90
CA GLN G 1 15.96 -15.69 -4.82
C GLN G 1 16.40 -15.95 -6.27
N ILE G 2 15.44 -16.10 -7.17
CA ILE G 2 15.72 -16.12 -8.60
C ILE G 2 15.61 -14.69 -9.12
N GLN G 3 16.61 -14.25 -9.88
CA GLN G 3 16.62 -12.88 -10.40
C GLN G 3 17.04 -12.86 -11.86
N LEU G 4 16.48 -11.90 -12.58
CA LEU G 4 16.92 -11.51 -13.92
C LEU G 4 17.32 -10.04 -13.86
N VAL G 5 18.60 -9.74 -14.03
CA VAL G 5 19.13 -8.41 -13.84
C VAL G 5 19.61 -7.89 -15.20
N GLN G 6 18.88 -6.95 -15.75
CA GLN G 6 19.26 -6.36 -17.02
C GLN G 6 20.25 -5.21 -16.84
N SER G 7 20.99 -4.94 -17.92
CA SER G 7 21.95 -3.85 -17.99
C SER G 7 21.24 -2.50 -18.06
N GLY G 8 22.02 -1.42 -17.87
CA GLY G 8 21.48 -0.11 -17.62
C GLY G 8 21.00 0.61 -18.88
N PRO G 9 20.46 1.81 -18.67
CA PRO G 9 19.86 2.56 -19.80
C PRO G 9 20.88 2.98 -20.84
N GLU G 10 20.37 3.23 -22.03
CA GLU G 10 21.22 3.55 -23.15
C GLU G 10 20.62 4.71 -23.94
N LEU G 11 21.47 5.60 -24.41
CA LEU G 11 21.07 6.63 -25.37
C LEU G 11 21.95 6.48 -26.60
N LYS G 12 21.31 6.28 -27.75
CA LYS G 12 21.99 5.96 -29.00
C LYS G 12 21.42 6.80 -30.13
N LYS G 13 22.25 7.02 -31.17
CA LYS G 13 21.90 7.75 -32.39
C LYS G 13 21.39 6.78 -33.45
N PRO G 14 20.59 7.26 -34.40
CA PRO G 14 20.09 6.38 -35.46
C PRO G 14 21.24 5.74 -36.25
N GLY G 15 21.15 4.42 -36.44
CA GLY G 15 22.15 3.68 -37.18
C GLY G 15 23.20 2.99 -36.33
N GLU G 16 23.32 3.31 -35.04
CA GLU G 16 24.30 2.66 -34.19
C GLU G 16 23.83 1.27 -33.81
N THR G 17 24.60 0.60 -32.94
CA THR G 17 24.28 -0.74 -32.44
C THR G 17 24.21 -0.73 -30.90
N VAL G 18 23.24 -1.44 -30.34
CA VAL G 18 23.13 -1.60 -28.90
C VAL G 18 23.05 -3.10 -28.57
N LYS G 19 23.62 -3.46 -27.42
CA LYS G 19 23.60 -4.85 -26.95
C LYS G 19 23.20 -4.84 -25.49
N ILE G 20 22.03 -5.38 -25.19
CA ILE G 20 21.49 -5.44 -23.84
C ILE G 20 21.86 -6.79 -23.23
N SER G 21 22.14 -6.80 -21.93
CA SER G 21 22.47 -8.05 -21.25
C SER G 21 21.43 -8.35 -20.17
N CYS G 22 21.12 -9.63 -20.02
CA CYS G 22 20.15 -10.11 -19.04
C CYS G 22 20.79 -11.26 -18.27
N LYS G 23 21.24 -10.98 -17.04
CA LYS G 23 21.90 -11.99 -16.23
C LYS G 23 20.88 -12.68 -15.35
N ALA G 24 20.92 -14.01 -15.35
CA ALA G 24 19.99 -14.84 -14.59
C ALA G 24 20.71 -15.50 -13.44
N SER G 25 20.00 -15.72 -12.35
CA SER G 25 20.63 -16.36 -11.20
C SER G 25 19.57 -17.08 -10.38
N GLY G 26 20.01 -18.13 -9.67
CA GLY G 26 19.15 -18.88 -8.79
C GLY G 26 18.51 -20.14 -9.34
N TYR G 27 18.86 -20.55 -10.56
CA TYR G 27 18.28 -21.74 -11.17
C TYR G 27 19.20 -22.24 -12.29
N THR G 28 18.95 -23.46 -12.76
CA THR G 28 19.76 -24.03 -13.84
C THR G 28 19.48 -23.29 -15.13
N PHE G 29 20.41 -22.41 -15.52
CA PHE G 29 20.19 -21.49 -16.63
C PHE G 29 19.70 -22.18 -17.90
N LYS G 30 20.31 -23.30 -18.28
CA LYS G 30 20.02 -23.90 -19.59
C LYS G 30 18.73 -24.73 -19.62
N ASN G 31 18.01 -24.87 -18.52
CA ASN G 31 16.78 -25.65 -18.52
C ASN G 31 15.55 -24.82 -18.85
N TYR G 32 15.71 -23.52 -19.08
CA TYR G 32 14.61 -22.59 -19.31
C TYR G 32 14.95 -21.64 -20.44
N GLY G 33 14.13 -21.61 -21.48
CA GLY G 33 14.28 -20.60 -22.50
C GLY G 33 14.05 -19.20 -21.98
N MET G 34 14.60 -18.24 -22.71
CA MET G 34 14.53 -16.83 -22.37
C MET G 34 13.81 -16.09 -23.50
N ASN G 35 12.78 -15.33 -23.14
CA ASN G 35 12.04 -14.51 -24.07
C ASN G 35 12.50 -13.05 -23.97
N TRP G 36 12.37 -12.32 -25.07
CA TRP G 36 12.57 -10.88 -25.06
C TRP G 36 11.27 -10.20 -25.45
N VAL G 37 10.96 -9.10 -24.76
CA VAL G 37 9.71 -8.39 -24.95
C VAL G 37 10.00 -6.90 -25.12
N LYS G 38 9.34 -6.28 -26.08
CA LYS G 38 9.47 -4.85 -26.34
C LYS G 38 8.27 -4.12 -25.75
N GLN G 39 8.52 -2.92 -25.21
CA GLN G 39 7.43 -2.01 -24.84
C GLN G 39 7.86 -0.60 -25.19
N ALA G 40 7.26 -0.04 -26.23
CA ALA G 40 7.49 1.34 -26.64
C ALA G 40 6.77 2.28 -25.67
N PRO G 41 7.23 3.56 -25.54
CA PRO G 41 6.60 4.48 -24.58
C PRO G 41 5.10 4.55 -24.74
N GLY G 42 4.35 4.25 -23.68
CA GLY G 42 2.90 4.26 -23.72
C GLY G 42 2.24 3.08 -24.40
N LYS G 43 3.00 2.12 -24.93
CA LYS G 43 2.42 1.04 -25.72
C LYS G 43 2.28 -0.24 -24.91
N GLY G 44 1.68 -1.25 -25.54
CA GLY G 44 1.58 -2.56 -24.95
C GLY G 44 2.86 -3.38 -25.07
N LEU G 45 2.84 -4.55 -24.43
CA LEU G 45 3.96 -5.49 -24.52
C LEU G 45 3.89 -6.22 -25.87
N LYS G 46 5.04 -6.45 -26.48
CA LYS G 46 5.14 -7.20 -27.73
C LYS G 46 6.30 -8.17 -27.63
N TRP G 47 6.00 -9.45 -27.78
CA TRP G 47 7.03 -10.47 -27.81
C TRP G 47 7.92 -10.31 -29.04
N MET G 48 9.23 -10.31 -28.81
CA MET G 48 10.22 -10.23 -29.87
C MET G 48 10.76 -11.58 -30.31
N GLY G 49 10.86 -12.54 -29.40
CA GLY G 49 11.43 -13.82 -29.73
C GLY G 49 11.89 -14.54 -28.47
N TRP G 50 12.64 -15.62 -28.71
CA TRP G 50 12.96 -16.60 -27.69
C TRP G 50 14.29 -17.24 -28.06
N ILE G 51 15.12 -17.53 -27.06
CA ILE G 51 16.37 -18.23 -27.29
C ILE G 51 16.40 -19.49 -26.44
N ASN G 52 16.71 -20.61 -27.08
CA ASN G 52 17.07 -21.85 -26.41
C ASN G 52 18.35 -21.63 -25.61
N THR G 53 18.28 -21.70 -24.26
CA THR G 53 19.46 -21.38 -23.46
C THR G 53 20.47 -22.53 -23.39
N TYR G 54 20.09 -23.71 -23.86
CA TYR G 54 21.05 -24.80 -24.00
C TYR G 54 21.80 -24.71 -25.33
N THR G 55 21.06 -24.64 -26.44
CA THR G 55 21.66 -24.72 -27.78
C THR G 55 21.89 -23.37 -28.43
N GLY G 56 21.44 -22.29 -27.81
CA GLY G 56 21.61 -20.98 -28.41
C GLY G 56 20.72 -20.71 -29.60
N GLN G 57 19.82 -21.60 -29.96
CA GLN G 57 18.99 -21.39 -31.14
C GLN G 57 18.01 -20.25 -30.90
N PRO G 58 18.00 -19.22 -31.71
CA PRO G 58 17.00 -18.17 -31.56
C PRO G 58 15.80 -18.39 -32.47
N ILE G 59 14.65 -17.87 -32.06
CA ILE G 59 13.47 -17.81 -32.90
C ILE G 59 12.88 -16.41 -32.77
N TYR G 60 12.67 -15.76 -33.91
CA TYR G 60 12.33 -14.36 -33.97
C TYR G 60 10.87 -14.22 -34.35
N ALA G 61 10.13 -13.39 -33.61
CA ALA G 61 8.81 -13.01 -34.06
C ALA G 61 8.90 -12.34 -35.44
N ASN G 62 7.76 -12.31 -36.12
CA ASN G 62 7.69 -11.79 -37.47
C ASN G 62 8.08 -10.32 -37.58
N ASP G 63 7.85 -9.52 -36.54
CA ASP G 63 8.18 -8.11 -36.65
C ASP G 63 9.62 -7.80 -36.24
N PHE G 64 10.40 -8.81 -35.89
CA PHE G 64 11.77 -8.61 -35.39
C PHE G 64 12.77 -9.44 -36.19
N LYS G 65 12.52 -9.55 -37.49
CA LYS G 65 13.20 -10.49 -38.37
C LYS G 65 14.30 -9.81 -39.19
N GLY G 66 15.23 -9.08 -38.60
CA GLY G 66 16.28 -8.49 -39.42
C GLY G 66 17.46 -7.88 -38.71
N ARG G 67 17.19 -6.90 -37.84
CA ARG G 67 18.25 -6.18 -37.14
C ARG G 67 18.50 -6.72 -35.74
N PHE G 68 17.83 -7.82 -35.36
CA PHE G 68 17.79 -8.29 -33.99
C PHE G 68 18.51 -9.63 -33.87
N ALA G 69 19.32 -9.77 -32.81
CA ALA G 69 20.15 -10.96 -32.63
C ALA G 69 20.22 -11.34 -31.15
N PHE G 70 19.72 -12.54 -30.84
CA PHE G 70 19.79 -13.10 -29.50
C PHE G 70 21.02 -14.00 -29.37
N SER G 71 21.79 -13.83 -28.30
CA SER G 71 22.93 -14.71 -28.06
C SER G 71 23.02 -15.05 -26.58
N LEU G 72 24.01 -15.88 -26.25
CA LEU G 72 24.24 -16.27 -24.88
C LEU G 72 25.71 -16.13 -24.55
N GLU G 73 25.98 -15.99 -23.26
CA GLU G 73 27.25 -16.35 -22.64
C GLU G 73 26.86 -17.36 -21.57
N THR G 74 26.68 -18.62 -21.98
CA THR G 74 26.02 -19.59 -21.10
C THR G 74 26.78 -19.76 -19.79
N SER G 75 28.10 -19.62 -19.82
CA SER G 75 28.89 -19.80 -18.60
C SER G 75 28.62 -18.69 -17.58
N ALA G 76 28.33 -17.48 -18.04
CA ALA G 76 27.95 -16.38 -17.18
C ALA G 76 26.44 -16.29 -16.95
N SER G 77 25.68 -17.32 -17.36
CA SER G 77 24.22 -17.32 -17.22
C SER G 77 23.59 -16.04 -17.78
N THR G 78 24.04 -15.60 -18.95
CA THR G 78 23.65 -14.31 -19.47
C THR G 78 23.13 -14.40 -20.89
N ALA G 79 21.92 -13.88 -21.11
CA ALA G 79 21.36 -13.71 -22.44
C ALA G 79 21.58 -12.28 -22.94
N TYR G 80 21.74 -12.14 -24.25
CA TYR G 80 22.01 -10.86 -24.90
C TYR G 80 21.03 -10.60 -26.02
N LEU G 81 20.63 -9.35 -26.15
CA LEU G 81 19.86 -8.86 -27.29
C LEU G 81 20.65 -7.74 -27.93
N GLN G 82 20.98 -7.89 -29.20
CA GLN G 82 21.68 -6.87 -29.96
C GLN G 82 20.77 -6.31 -31.04
N ILE G 83 20.69 -4.98 -31.11
CA ILE G 83 19.93 -4.30 -32.16
C ILE G 83 20.92 -3.53 -33.02
N ASN G 84 20.95 -3.83 -34.32
CA ASN G 84 21.72 -3.14 -35.34
C ASN G 84 20.91 -2.06 -36.03
N ASN G 85 21.62 -1.05 -36.55
CA ASN G 85 21.03 -0.03 -37.39
C ASN G 85 19.78 0.57 -36.74
N LEU G 86 20.00 1.16 -35.57
CA LEU G 86 18.89 1.61 -34.73
C LEU G 86 18.06 2.65 -35.46
N LYS G 87 16.75 2.55 -35.30
CA LYS G 87 15.83 3.59 -35.74
C LYS G 87 15.16 4.19 -34.51
N ASN G 88 14.59 5.38 -34.71
CA ASN G 88 13.86 6.03 -33.63
C ASN G 88 12.80 5.11 -33.04
N GLU G 89 12.14 4.34 -33.90
CA GLU G 89 11.11 3.38 -33.52
C GLU G 89 11.65 2.27 -32.60
N ASP G 90 12.97 2.14 -32.41
CA ASP G 90 13.49 1.18 -31.45
C ASP G 90 13.52 1.74 -30.03
N THR G 91 13.26 3.04 -29.86
CA THR G 91 13.06 3.62 -28.54
C THR G 91 11.96 2.88 -27.81
N ALA G 92 12.30 2.30 -26.66
CA ALA G 92 11.40 1.44 -25.92
C ALA G 92 12.14 0.92 -24.69
N THR G 93 11.41 0.20 -23.84
CA THR G 93 12.00 -0.59 -22.77
C THR G 93 12.02 -2.06 -23.18
N TYR G 94 13.16 -2.71 -23.00
CA TYR G 94 13.34 -4.10 -23.40
C TYR G 94 13.45 -5.00 -22.17
N PHE G 95 12.59 -6.00 -22.10
CA PHE G 95 12.55 -6.94 -20.99
C PHE G 95 13.04 -8.30 -21.46
N CYS G 96 13.79 -8.99 -20.58
CA CYS G 96 13.93 -10.43 -20.68
C CYS G 96 12.93 -11.10 -19.74
N ALA G 97 12.42 -12.27 -20.17
CA ALA G 97 11.39 -12.97 -19.42
C ALA G 97 11.57 -14.47 -19.57
N ARG G 98 11.67 -15.19 -18.45
CA ARG G 98 11.97 -16.61 -18.47
C ARG G 98 10.73 -17.47 -18.68
N ASP G 99 10.88 -18.54 -19.45
CA ASP G 99 9.85 -19.56 -19.53
C ASP G 99 9.46 -20.02 -18.13
N TRP G 100 8.15 -20.25 -17.93
CA TRP G 100 7.54 -20.88 -16.77
C TRP G 100 7.67 -20.07 -15.48
N GLY G 101 6.59 -19.47 -15.04
CA GLY G 101 6.59 -18.74 -13.80
C GLY G 101 6.52 -17.24 -13.98
N PRO G 102 6.92 -16.49 -12.94
CA PRO G 102 6.73 -15.02 -12.94
C PRO G 102 7.97 -14.19 -13.24
N TYR G 103 9.06 -14.78 -13.70
CA TYR G 103 10.35 -14.10 -13.63
C TYR G 103 10.57 -13.21 -14.86
N TRP G 104 10.76 -11.92 -14.59
CA TRP G 104 11.05 -10.90 -15.57
C TRP G 104 12.27 -10.12 -15.13
N GLY G 105 13.04 -9.64 -16.10
CA GLY G 105 14.02 -8.60 -15.82
C GLY G 105 13.34 -7.28 -15.52
N GLN G 106 14.12 -6.35 -14.93
CA GLN G 106 13.55 -5.06 -14.56
C GLN G 106 13.40 -4.11 -15.75
N GLY G 107 13.86 -4.50 -16.93
CA GLY G 107 13.74 -3.67 -18.12
C GLY G 107 15.00 -2.87 -18.41
N THR G 108 15.27 -2.67 -19.70
CA THR G 108 16.36 -1.83 -20.17
C THR G 108 15.76 -0.78 -21.09
N LEU G 109 15.90 0.49 -20.72
CA LEU G 109 15.38 1.59 -21.53
C LEU G 109 16.42 1.94 -22.59
N VAL G 110 16.01 1.92 -23.86
CA VAL G 110 16.87 2.35 -24.96
C VAL G 110 16.21 3.53 -25.63
N ILE G 111 16.93 4.65 -25.68
CA ILE G 111 16.49 5.86 -26.35
C ILE G 111 17.29 6.01 -27.64
N VAL G 112 16.61 6.12 -28.77
CA VAL G 112 17.26 6.37 -30.04
C VAL G 112 16.91 7.78 -30.49
N SER G 113 17.95 8.61 -30.64
CA SER G 113 17.78 10.02 -30.95
C SER G 113 19.07 10.57 -31.51
N ALA G 114 18.94 11.45 -32.51
CA ALA G 114 20.08 12.26 -32.92
C ALA G 114 20.44 13.34 -31.91
N ALA G 115 19.55 13.66 -30.97
CA ALA G 115 19.82 14.73 -30.01
C ALA G 115 20.79 14.26 -28.94
N SER G 116 21.60 15.19 -28.45
CA SER G 116 22.57 14.93 -27.39
C SER G 116 21.99 15.26 -26.03
N THR G 117 22.56 14.68 -24.98
CA THR G 117 22.01 14.89 -23.65
C THR G 117 22.20 16.34 -23.23
N LYS G 118 21.20 16.86 -22.49
CA LYS G 118 21.25 18.17 -21.86
C LYS G 118 20.74 18.04 -20.44
N GLY G 119 21.42 18.70 -19.49
CA GLY G 119 20.95 18.75 -18.13
C GLY G 119 19.85 19.77 -17.91
N PRO G 120 19.15 19.65 -16.80
CA PRO G 120 18.05 20.60 -16.53
C PRO G 120 18.53 21.90 -15.88
N SER G 121 17.84 22.98 -16.24
CA SER G 121 17.77 24.16 -15.39
C SER G 121 16.70 23.93 -14.32
N VAL G 122 16.99 24.29 -13.08
CA VAL G 122 16.03 24.14 -11.99
C VAL G 122 15.68 25.52 -11.43
N PHE G 123 14.38 25.81 -11.33
CA PHE G 123 13.94 27.11 -10.86
C PHE G 123 12.94 26.96 -9.71
N PRO G 124 12.96 27.87 -8.74
CA PRO G 124 11.99 27.78 -7.65
C PRO G 124 10.59 28.13 -8.11
N LEU G 125 9.61 27.39 -7.59
CA LEU G 125 8.20 27.73 -7.70
C LEU G 125 7.74 28.26 -6.35
N ALA G 126 7.70 29.59 -6.21
CA ALA G 126 7.38 30.23 -4.93
C ALA G 126 6.17 31.15 -5.08
N PRO G 127 5.14 30.99 -4.24
CA PRO G 127 3.92 31.83 -4.31
C PRO G 127 4.05 33.18 -3.57
N SER G 133 -5.50 34.37 -0.21
CA SER G 133 -4.89 33.04 -0.20
C SER G 133 -5.56 32.17 0.90
N GLY G 134 -5.50 30.85 0.72
CA GLY G 134 -6.13 29.92 1.64
C GLY G 134 -5.33 29.70 2.91
N GLY G 135 -5.52 28.55 3.53
CA GLY G 135 -4.70 28.14 4.65
C GLY G 135 -3.56 27.22 4.28
N THR G 136 -3.39 26.90 3.00
CA THR G 136 -2.35 26.00 2.51
C THR G 136 -1.43 26.75 1.56
N ALA G 137 -0.13 26.52 1.73
CA ALA G 137 0.90 27.08 0.88
C ALA G 137 1.44 25.99 -0.05
N ALA G 138 1.55 26.31 -1.33
CA ALA G 138 2.21 25.46 -2.31
C ALA G 138 3.55 26.07 -2.67
N LEU G 139 4.57 25.23 -2.78
CA LEU G 139 5.86 25.69 -3.29
C LEU G 139 6.38 24.60 -4.21
N GLY G 140 7.45 24.87 -4.93
CA GLY G 140 7.86 23.83 -5.86
C GLY G 140 9.18 24.11 -6.53
N CYS G 141 9.51 23.20 -7.44
CA CYS G 141 10.66 23.31 -8.33
C CYS G 141 10.25 23.00 -9.76
N LEU G 142 10.74 23.82 -10.68
CA LEU G 142 10.52 23.63 -12.11
C LEU G 142 11.82 23.11 -12.74
N VAL G 143 11.74 21.96 -13.39
CA VAL G 143 12.91 21.25 -13.92
C VAL G 143 12.72 21.16 -15.42
N LYS G 144 13.38 22.03 -16.19
CA LYS G 144 13.03 22.15 -17.60
C LYS G 144 14.25 22.14 -18.50
N ASP G 145 14.01 21.70 -19.74
CA ASP G 145 14.97 21.72 -20.86
C ASP G 145 16.09 20.69 -20.66
N TYR G 146 15.70 19.45 -20.35
CA TYR G 146 16.66 18.35 -20.26
C TYR G 146 16.32 17.28 -21.29
N PHE G 147 17.28 16.42 -21.56
CA PHE G 147 17.07 15.31 -22.47
C PHE G 147 18.18 14.32 -22.22
N PRO G 148 17.90 13.01 -22.18
CA PRO G 148 16.57 12.40 -22.25
C PRO G 148 15.95 12.24 -20.86
N GLU G 149 14.80 11.57 -20.77
CA GLU G 149 14.29 11.15 -19.48
C GLU G 149 15.27 10.18 -18.83
N PRO G 150 15.25 10.06 -17.49
CA PRO G 150 14.40 10.74 -16.51
C PRO G 150 15.17 11.72 -15.59
N VAL G 151 14.45 12.59 -14.90
CA VAL G 151 15.00 13.24 -13.72
C VAL G 151 14.30 12.63 -12.51
N THR G 152 15.01 12.55 -11.38
CA THR G 152 14.36 12.33 -10.11
C THR G 152 14.39 13.61 -9.27
N VAL G 153 13.35 13.78 -8.47
CA VAL G 153 13.22 14.91 -7.56
C VAL G 153 12.89 14.37 -6.18
N SER G 154 13.63 14.82 -5.17
CA SER G 154 13.25 14.65 -3.79
C SER G 154 13.30 16.00 -3.10
N TRP G 155 12.69 16.07 -1.92
CA TRP G 155 12.66 17.29 -1.12
C TRP G 155 13.43 17.04 0.18
N ASN G 156 14.28 18.00 0.54
CA ASN G 156 15.06 17.97 1.77
C ASN G 156 15.73 16.61 1.96
N SER G 157 16.32 16.10 0.89
CA SER G 157 17.10 14.86 0.91
C SER G 157 16.28 13.71 1.50
N GLY G 158 14.98 13.72 1.23
CA GLY G 158 14.12 12.59 1.55
C GLY G 158 13.32 12.73 2.83
N ALA G 159 13.53 13.79 3.62
CA ALA G 159 12.77 13.98 4.84
C ALA G 159 11.43 14.67 4.61
N LEU G 160 11.17 15.15 3.40
CA LEU G 160 9.90 15.75 3.02
C LEU G 160 9.24 14.88 1.94
N THR G 161 8.17 14.17 2.30
CA THR G 161 7.45 13.32 1.34
C THR G 161 5.93 13.52 1.37
N SER G 162 5.35 13.85 2.52
CA SER G 162 3.92 14.16 2.58
C SER G 162 3.58 15.39 1.76
N GLY G 163 2.53 15.31 0.96
CA GLY G 163 2.13 16.43 0.15
C GLY G 163 2.95 16.68 -1.10
N VAL G 164 3.90 15.78 -1.45
CA VAL G 164 4.78 15.98 -2.59
C VAL G 164 4.10 15.45 -3.83
N HIS G 165 4.20 16.19 -4.92
CA HIS G 165 3.73 15.73 -6.21
C HIS G 165 4.81 16.06 -7.23
N THR G 166 5.40 15.04 -7.85
CA THR G 166 6.31 15.23 -8.96
C THR G 166 5.58 14.78 -10.22
N PHE G 167 5.31 15.73 -11.12
CA PHE G 167 4.51 15.47 -12.31
C PHE G 167 5.31 14.68 -13.36
N PRO G 168 4.62 13.90 -14.21
CA PRO G 168 5.30 13.32 -15.38
C PRO G 168 5.85 14.44 -16.26
N ALA G 169 7.01 14.18 -16.85
CA ALA G 169 7.58 15.18 -17.75
C ALA G 169 6.70 15.33 -18.99
N VAL G 170 6.82 16.48 -19.62
CA VAL G 170 6.22 16.73 -20.93
C VAL G 170 7.34 17.11 -21.86
N LEU G 171 7.21 16.70 -23.12
CA LEU G 171 8.18 17.05 -24.16
C LEU G 171 7.77 18.38 -24.75
N GLN G 172 8.67 19.36 -24.67
CA GLN G 172 8.37 20.67 -25.23
C GLN G 172 8.59 20.64 -26.74
N SER G 173 8.11 21.68 -27.43
CA SER G 173 8.28 21.72 -28.88
C SER G 173 9.74 21.88 -29.28
N SER G 174 10.58 22.33 -28.36
CA SER G 174 12.03 22.31 -28.54
C SER G 174 12.59 20.90 -28.62
N GLY G 175 11.82 19.88 -28.27
CA GLY G 175 12.35 18.54 -28.13
C GLY G 175 13.01 18.26 -26.79
N LEU G 176 12.86 19.15 -25.83
CA LEU G 176 13.39 18.97 -24.50
C LEU G 176 12.24 18.74 -23.54
N TYR G 177 12.48 17.90 -22.53
CA TYR G 177 11.49 17.57 -21.52
C TYR G 177 11.45 18.63 -20.43
N SER G 178 10.33 18.68 -19.73
CA SER G 178 10.13 19.59 -18.60
C SER G 178 9.17 18.98 -17.59
N LEU G 179 9.45 19.16 -16.30
CA LEU G 179 8.49 18.77 -15.26
C LEU G 179 8.55 19.76 -14.09
N SER G 180 7.56 19.65 -13.21
CA SER G 180 7.54 20.36 -11.95
C SER G 180 7.31 19.39 -10.80
N SER G 181 7.91 19.70 -9.66
CA SER G 181 7.64 19.01 -8.42
C SER G 181 7.15 20.04 -7.41
N VAL G 182 6.00 19.78 -6.77
CA VAL G 182 5.42 20.69 -5.80
C VAL G 182 5.20 19.97 -4.47
N VAL G 183 5.10 20.75 -3.39
CA VAL G 183 4.66 20.28 -2.09
C VAL G 183 3.72 21.31 -1.45
N THR G 184 2.66 20.85 -0.81
CA THR G 184 1.78 21.75 -0.08
C THR G 184 1.98 21.56 1.42
N VAL G 185 1.92 22.68 2.14
CA VAL G 185 2.06 22.70 3.59
C VAL G 185 1.13 23.77 4.12
N PRO G 186 0.72 23.67 5.40
CA PRO G 186 -0.08 24.77 5.99
C PRO G 186 0.72 26.06 5.98
N SER G 187 0.06 27.14 5.58
CA SER G 187 0.70 28.47 5.54
C SER G 187 1.44 28.80 6.83
N SER G 188 0.85 28.46 7.98
CA SER G 188 1.45 28.88 9.25
C SER G 188 2.83 28.28 9.48
N SER G 189 3.22 27.25 8.71
CA SER G 189 4.49 26.57 8.94
C SER G 189 5.62 27.07 8.06
N LEU G 190 5.30 27.80 6.99
CA LEU G 190 6.32 28.37 6.13
C LEU G 190 7.33 29.15 6.95
N GLY G 191 8.60 29.04 6.59
CA GLY G 191 9.56 29.93 7.20
C GLY G 191 9.91 29.63 8.65
N THR G 192 9.32 28.60 9.25
CA THR G 192 9.97 27.89 10.33
C THR G 192 10.61 26.62 9.81
N GLN G 193 10.61 26.42 8.49
CA GLN G 193 11.31 25.32 7.87
C GLN G 193 11.88 25.75 6.52
N THR G 194 12.95 25.09 6.12
CA THR G 194 13.63 25.26 4.84
C THR G 194 13.13 24.22 3.85
N TYR G 195 13.12 24.59 2.56
CA TYR G 195 12.67 23.70 1.49
C TYR G 195 13.69 23.67 0.37
N ILE G 196 14.27 22.49 0.13
CA ILE G 196 15.31 22.29 -0.87
C ILE G 196 14.90 21.12 -1.75
N CYS G 197 14.73 21.36 -3.04
CA CYS G 197 14.44 20.27 -3.96
C CYS G 197 15.76 19.72 -4.52
N ASN G 198 15.91 18.40 -4.49
CA ASN G 198 17.13 17.73 -4.92
C ASN G 198 16.83 17.08 -6.27
N VAL G 199 17.37 17.65 -7.33
CA VAL G 199 17.09 17.21 -8.69
C VAL G 199 18.26 16.42 -9.20
N ASN G 200 17.97 15.32 -9.89
CA ASN G 200 18.98 14.39 -10.38
C ASN G 200 18.70 14.05 -11.83
N HIS G 201 19.72 14.17 -12.68
CA HIS G 201 19.62 13.78 -14.09
C HIS G 201 20.86 12.98 -14.43
N LYS G 202 20.78 11.66 -14.22
CA LYS G 202 21.96 10.81 -14.42
C LYS G 202 22.54 10.87 -15.83
N PRO G 203 21.76 10.93 -16.92
CA PRO G 203 22.40 10.90 -18.25
C PRO G 203 23.38 12.05 -18.48
N SER G 204 23.20 13.19 -17.82
CA SER G 204 24.14 14.30 -17.91
C SER G 204 24.94 14.50 -16.63
N ASN G 205 24.71 13.66 -15.61
CA ASN G 205 25.45 13.69 -14.34
C ASN G 205 25.28 15.02 -13.62
N THR G 206 24.03 15.48 -13.57
CA THR G 206 23.64 16.69 -12.86
C THR G 206 22.98 16.30 -11.54
N LYS G 207 23.52 16.82 -10.44
CA LYS G 207 22.87 16.84 -9.13
C LYS G 207 22.83 18.29 -8.67
N VAL G 208 21.65 18.89 -8.62
CA VAL G 208 21.50 20.25 -8.12
C VAL G 208 20.48 20.27 -6.99
N ASP G 209 20.73 21.17 -6.03
CA ASP G 209 19.79 21.45 -4.95
C ASP G 209 19.40 22.91 -5.03
N LYS G 210 18.09 23.17 -5.08
CA LYS G 210 17.58 24.54 -5.13
C LYS G 210 16.79 24.81 -3.86
N LYS G 211 17.23 25.80 -3.09
CA LYS G 211 16.44 26.31 -1.98
C LYS G 211 15.29 27.16 -2.52
N VAL G 212 14.06 26.85 -2.10
CA VAL G 212 12.86 27.56 -2.52
C VAL G 212 12.42 28.46 -1.36
N GLU G 213 12.30 29.77 -1.62
CA GLU G 213 12.07 30.80 -0.60
C GLU G 213 10.79 31.59 -0.85
N PRO G 214 10.12 32.07 0.21
CA PRO G 214 9.06 33.08 0.06
C PRO G 214 9.61 34.42 -0.44
N ASN H 1 -0.13 -17.47 -36.77
CA ASN H 1 0.21 -17.09 -35.41
C ASN H 1 -1.07 -16.78 -34.63
N ILE H 2 -1.02 -16.92 -33.31
CA ILE H 2 -2.20 -16.76 -32.48
C ILE H 2 -2.30 -15.31 -32.04
N MET H 3 -3.37 -14.63 -32.45
CA MET H 3 -3.63 -13.24 -32.10
C MET H 3 -4.41 -13.13 -30.79
N MET H 4 -4.26 -12.00 -30.12
CA MET H 4 -4.82 -11.79 -28.78
C MET H 4 -5.51 -10.43 -28.73
N THR H 5 -6.80 -10.43 -28.42
CA THR H 5 -7.60 -9.22 -28.35
C THR H 5 -8.32 -9.15 -27.01
N GLN H 6 -8.05 -8.10 -26.22
CA GLN H 6 -8.76 -7.84 -24.99
C GLN H 6 -9.84 -6.78 -25.21
N SER H 7 -10.85 -6.81 -24.37
CA SER H 7 -11.79 -5.71 -24.29
C SER H 7 -12.38 -5.72 -22.89
N PRO H 8 -12.79 -4.55 -22.35
CA PRO H 8 -12.64 -3.23 -23.01
C PRO H 8 -11.18 -2.82 -23.04
N SER H 9 -10.84 -1.75 -23.73
CA SER H 9 -9.46 -1.31 -23.69
C SER H 9 -9.19 -0.36 -22.52
N SER H 10 -10.23 0.25 -21.96
CA SER H 10 -10.10 1.02 -20.71
C SER H 10 -11.40 0.94 -19.93
N LEU H 11 -11.26 1.17 -18.63
CA LEU H 11 -12.25 0.81 -17.63
C LEU H 11 -12.16 1.77 -16.46
N ALA H 12 -13.29 2.34 -16.05
CA ALA H 12 -13.38 3.14 -14.84
C ALA H 12 -14.43 2.50 -13.93
N VAL H 13 -14.02 2.11 -12.72
CA VAL H 13 -14.95 1.52 -11.77
C VAL H 13 -14.62 2.00 -10.36
N SER H 14 -15.65 2.10 -9.50
CA SER H 14 -15.44 2.53 -8.13
C SER H 14 -14.83 1.40 -7.29
N ALA H 15 -14.00 1.78 -6.32
CA ALA H 15 -13.50 0.83 -5.34
C ALA H 15 -14.65 0.05 -4.74
N GLY H 16 -14.46 -1.26 -4.59
CA GLY H 16 -15.54 -2.09 -4.10
C GLY H 16 -16.43 -2.66 -5.19
N GLU H 17 -16.27 -2.26 -6.44
CA GLU H 17 -17.07 -2.80 -7.52
C GLU H 17 -16.34 -3.95 -8.20
N LYS H 18 -17.09 -4.79 -8.90
CA LYS H 18 -16.52 -5.90 -9.65
C LYS H 18 -15.95 -5.42 -10.97
N VAL H 19 -14.78 -5.96 -11.33
CA VAL H 19 -14.10 -5.62 -12.59
C VAL H 19 -14.02 -6.89 -13.42
N THR H 20 -14.25 -6.76 -14.72
CA THR H 20 -14.26 -7.88 -15.66
C THR H 20 -13.52 -7.46 -16.93
N VAL H 21 -12.50 -8.24 -17.30
CA VAL H 21 -11.67 -7.99 -18.48
C VAL H 21 -11.64 -9.26 -19.33
N ASN H 22 -11.94 -9.11 -20.62
CA ASN H 22 -12.09 -10.25 -21.51
C ASN H 22 -10.95 -10.33 -22.51
N CYS H 23 -10.52 -11.56 -22.77
CA CYS H 23 -9.45 -11.93 -23.68
C CYS H 23 -9.95 -12.94 -24.69
N LYS H 24 -9.53 -12.79 -25.95
CA LYS H 24 -9.93 -13.68 -27.02
C LYS H 24 -8.69 -14.10 -27.80
N SER H 25 -8.49 -15.40 -27.99
CA SER H 25 -7.41 -15.87 -28.84
C SER H 25 -8.00 -16.23 -30.21
N SER H 26 -7.27 -15.90 -31.27
CA SER H 26 -7.73 -16.29 -32.60
C SER H 26 -7.75 -17.80 -32.81
N GLN H 27 -7.10 -18.56 -31.93
CA GLN H 27 -7.08 -20.03 -31.97
C GLN H 27 -7.14 -20.53 -30.54
N SER H 28 -7.60 -21.78 -30.39
CA SER H 28 -7.59 -22.42 -29.08
C SER H 28 -6.21 -22.38 -28.45
N VAL H 29 -6.18 -22.12 -27.15
CA VAL H 29 -4.98 -22.37 -26.37
C VAL H 29 -5.20 -23.49 -25.36
N LEU H 30 -6.23 -24.31 -25.58
CA LEU H 30 -6.49 -25.50 -24.76
C LEU H 30 -5.74 -26.69 -25.36
N TYR H 31 -4.64 -27.10 -24.73
CA TYR H 31 -3.88 -28.23 -25.23
C TYR H 31 -4.63 -29.52 -24.89
N SER H 32 -5.07 -30.27 -25.90
CA SER H 32 -5.99 -31.38 -25.65
C SER H 32 -5.34 -32.50 -24.85
N SER H 33 -4.02 -32.70 -25.00
CA SER H 33 -3.31 -33.76 -24.27
C SER H 33 -3.44 -33.63 -22.75
N ASN H 34 -3.37 -32.41 -22.23
CA ASN H 34 -3.39 -32.19 -20.78
C ASN H 34 -4.54 -31.33 -20.30
N GLN H 35 -5.43 -30.92 -21.20
CA GLN H 35 -6.63 -30.15 -20.85
C GLN H 35 -6.31 -28.87 -20.09
N MET H 36 -5.16 -28.28 -20.36
CA MET H 36 -4.74 -27.02 -19.77
C MET H 36 -4.78 -25.91 -20.81
N ASN H 37 -5.29 -24.75 -20.41
CA ASN H 37 -5.29 -23.57 -21.26
C ASN H 37 -3.98 -22.81 -21.04
N TYR H 38 -3.26 -22.54 -22.13
CA TYR H 38 -1.95 -21.89 -22.05
C TYR H 38 -2.15 -20.36 -22.07
N LEU H 39 -2.67 -19.85 -20.94
CA LEU H 39 -3.18 -18.50 -20.84
C LEU H 39 -2.77 -17.90 -19.49
N ALA H 40 -2.19 -16.71 -19.53
CA ALA H 40 -1.77 -16.01 -18.33
C ALA H 40 -2.38 -14.61 -18.31
N TRP H 41 -2.51 -14.06 -17.10
CA TRP H 41 -2.93 -12.68 -16.87
C TRP H 41 -1.85 -11.96 -16.09
N TYR H 42 -1.54 -10.72 -16.51
CA TYR H 42 -0.52 -9.89 -15.91
C TYR H 42 -1.08 -8.52 -15.51
N GLN H 43 -0.50 -7.98 -14.45
CA GLN H 43 -0.73 -6.62 -14.01
C GLN H 43 0.56 -5.83 -14.15
N GLN H 44 0.49 -4.67 -14.80
CA GLN H 44 1.66 -3.82 -14.90
C GLN H 44 1.33 -2.41 -14.45
N LYS H 45 2.15 -1.88 -13.55
CA LYS H 45 2.00 -0.55 -13.01
C LYS H 45 3.14 0.32 -13.49
N PRO H 46 2.96 1.63 -13.51
CA PRO H 46 3.96 2.51 -14.16
C PRO H 46 5.37 2.28 -13.65
N GLY H 47 6.32 2.23 -14.59
CA GLY H 47 7.73 2.09 -14.28
C GLY H 47 8.17 0.71 -13.85
N GLN H 48 7.29 -0.29 -13.87
CA GLN H 48 7.59 -1.61 -13.33
C GLN H 48 7.48 -2.68 -14.41
N SER H 49 8.16 -3.78 -14.17
CA SER H 49 7.95 -4.92 -15.03
C SER H 49 6.61 -5.58 -14.68
N PRO H 50 6.02 -6.29 -15.63
CA PRO H 50 4.71 -6.91 -15.38
C PRO H 50 4.77 -7.96 -14.28
N LYS H 51 3.68 -8.04 -13.51
CA LYS H 51 3.53 -9.02 -12.44
C LYS H 51 2.51 -10.09 -12.84
N LEU H 52 2.91 -11.35 -12.69
CA LEU H 52 2.04 -12.47 -13.01
C LEU H 52 0.94 -12.61 -11.97
N LEU H 53 -0.31 -12.74 -12.41
CA LEU H 53 -1.45 -12.90 -11.51
C LEU H 53 -2.05 -14.30 -11.56
N ILE H 54 -2.24 -14.80 -12.78
CA ILE H 54 -2.98 -16.03 -13.03
C ILE H 54 -2.31 -16.70 -14.23
N TYR H 55 -2.20 -18.02 -14.17
CA TYR H 55 -1.73 -18.81 -15.29
C TYR H 55 -2.57 -20.08 -15.37
N TRP H 56 -2.36 -20.85 -16.44
CA TRP H 56 -3.29 -21.91 -16.85
C TRP H 56 -4.73 -21.42 -16.76
N ALA H 57 -4.97 -20.15 -17.13
CA ALA H 57 -6.28 -19.51 -17.18
C ALA H 57 -6.92 -19.30 -15.82
N SER H 58 -6.58 -20.10 -14.81
CA SER H 58 -7.36 -20.04 -13.59
C SER H 58 -6.56 -20.36 -12.31
N THR H 59 -5.24 -20.53 -12.40
CA THR H 59 -4.43 -20.74 -11.21
C THR H 59 -3.83 -19.42 -10.78
N ARG H 60 -3.94 -19.11 -9.48
CA ARG H 60 -3.37 -17.89 -8.94
C ARG H 60 -1.90 -18.08 -8.63
N GLU H 61 -1.08 -17.08 -8.97
CA GLU H 61 0.29 -17.04 -8.50
C GLU H 61 0.31 -16.79 -6.99
N SER H 62 1.31 -17.35 -6.30
CA SER H 62 1.38 -17.15 -4.85
C SER H 62 1.55 -15.67 -4.52
N GLY H 63 0.99 -15.27 -3.38
CA GLY H 63 1.01 -13.89 -2.95
C GLY H 63 -0.07 -13.02 -3.56
N VAL H 64 -0.80 -13.51 -4.54
CA VAL H 64 -1.83 -12.77 -5.29
C VAL H 64 -3.13 -12.88 -4.51
N PRO H 65 -3.73 -11.75 -4.14
CA PRO H 65 -4.90 -11.81 -3.25
C PRO H 65 -6.09 -12.49 -3.92
N ASP H 66 -7.03 -12.93 -3.07
CA ASP H 66 -8.21 -13.67 -3.51
C ASP H 66 -9.12 -12.90 -4.46
N ARG H 67 -9.02 -11.58 -4.51
CA ARG H 67 -9.95 -10.85 -5.35
C ARG H 67 -9.65 -11.05 -6.85
N PHE H 68 -8.45 -11.50 -7.22
CA PHE H 68 -8.14 -11.80 -8.62
C PHE H 68 -8.47 -13.26 -8.94
N THR H 69 -9.30 -13.47 -9.96
CA THR H 69 -9.56 -14.83 -10.45
C THR H 69 -9.60 -14.84 -11.97
N GLY H 70 -9.15 -15.96 -12.54
CA GLY H 70 -9.20 -16.19 -13.98
C GLY H 70 -10.20 -17.28 -14.29
N SER H 71 -10.93 -17.12 -15.39
CA SER H 71 -11.80 -18.19 -15.85
C SER H 71 -11.79 -18.22 -17.38
N GLY H 72 -12.52 -19.20 -17.92
CA GLY H 72 -12.60 -19.40 -19.35
C GLY H 72 -11.87 -20.66 -19.79
N SER H 73 -12.01 -20.95 -21.08
CA SER H 73 -11.38 -22.13 -21.65
C SER H 73 -11.48 -22.04 -23.17
N GLY H 74 -10.45 -22.58 -23.85
CA GLY H 74 -10.45 -22.60 -25.31
C GLY H 74 -9.97 -21.29 -25.94
N THR H 75 -10.91 -20.41 -26.33
CA THR H 75 -10.55 -19.10 -26.87
C THR H 75 -11.05 -17.91 -26.04
N ASP H 76 -11.94 -18.11 -25.06
CA ASP H 76 -12.60 -17.02 -24.36
CA ASP H 76 -12.59 -17.01 -24.36
C ASP H 76 -12.15 -17.02 -22.90
N PHE H 77 -11.44 -15.97 -22.48
CA PHE H 77 -10.92 -15.87 -21.12
C PHE H 77 -11.35 -14.56 -20.46
N THR H 78 -11.34 -14.59 -19.12
CA THR H 78 -11.80 -13.48 -18.30
C THR H 78 -11.00 -13.37 -17.01
N LEU H 79 -10.50 -12.17 -16.74
CA LEU H 79 -9.93 -11.82 -15.45
C LEU H 79 -10.97 -11.02 -14.68
N THR H 80 -11.30 -11.48 -13.47
CA THR H 80 -12.24 -10.83 -12.58
C THR H 80 -11.49 -10.29 -11.37
N ILE H 81 -11.81 -9.06 -11.00
CA ILE H 81 -11.44 -8.50 -9.70
C ILE H 81 -12.74 -8.27 -8.95
N SER H 82 -12.97 -9.10 -7.92
CA SER H 82 -14.29 -9.20 -7.32
C SER H 82 -14.67 -7.95 -6.53
N SER H 83 -13.71 -7.33 -5.82
CA SER H 83 -13.93 -6.03 -5.15
C SER H 83 -12.67 -5.20 -5.42
N VAL H 84 -12.69 -4.44 -6.52
CA VAL H 84 -11.49 -3.73 -6.91
C VAL H 84 -11.04 -2.82 -5.77
N GLN H 85 -9.75 -2.80 -5.53
CA GLN H 85 -9.18 -1.97 -4.48
C GLN H 85 -8.58 -0.73 -5.11
N THR H 86 -8.40 0.32 -4.29
CA THR H 86 -7.95 1.60 -4.82
C THR H 86 -6.60 1.47 -5.50
N GLU H 87 -5.75 0.60 -5.00
CA GLU H 87 -4.41 0.43 -5.57
C GLU H 87 -4.36 -0.49 -6.80
N ASP H 88 -5.48 -1.04 -7.28
CA ASP H 88 -5.43 -1.93 -8.45
C ASP H 88 -5.37 -1.17 -9.77
N LEU H 89 -5.31 0.17 -9.74
CA LEU H 89 -5.14 0.90 -10.98
C LEU H 89 -3.83 0.49 -11.66
N ALA H 90 -3.95 0.11 -12.94
CA ALA H 90 -2.85 -0.46 -13.70
C ALA H 90 -3.32 -0.82 -15.10
N VAL H 91 -2.43 -1.38 -15.92
CA VAL H 91 -2.79 -1.98 -17.21
C VAL H 91 -2.68 -3.49 -17.04
N TYR H 92 -3.73 -4.21 -17.46
CA TYR H 92 -3.82 -5.66 -17.36
C TYR H 92 -3.67 -6.28 -18.75
N TYR H 93 -2.81 -7.30 -18.85
CA TYR H 93 -2.53 -8.01 -20.10
C TYR H 93 -2.84 -9.50 -19.95
N CYS H 94 -3.45 -10.06 -21.00
CA CYS H 94 -3.50 -11.51 -21.13
C CYS H 94 -2.35 -11.95 -22.03
N LEU H 95 -1.91 -13.20 -21.83
CA LEU H 95 -0.82 -13.76 -22.62
C LEU H 95 -1.12 -15.21 -22.98
N GLN H 96 -1.04 -15.52 -24.28
CA GLN H 96 -1.02 -16.90 -24.72
C GLN H 96 0.43 -17.34 -24.81
N TYR H 97 0.71 -18.53 -24.32
CA TYR H 97 2.06 -19.09 -24.41
C TYR H 97 2.04 -20.52 -24.96
N LEU H 98 0.98 -20.90 -25.68
CA LEU H 98 0.96 -22.21 -26.33
C LEU H 98 1.94 -22.27 -27.50
N SER H 99 1.87 -21.30 -28.41
CA SER H 99 2.70 -21.27 -29.60
C SER H 99 3.37 -19.90 -29.72
N SER H 100 4.66 -19.84 -29.36
CA SER H 100 5.31 -18.58 -29.05
C SER H 100 4.54 -17.81 -27.97
N TRP H 101 4.75 -16.50 -27.88
CA TRP H 101 4.04 -15.65 -26.93
C TRP H 101 3.29 -14.57 -27.70
N THR H 102 2.04 -14.33 -27.29
CA THR H 102 1.28 -13.20 -27.82
C THR H 102 0.58 -12.52 -26.66
N PHE H 103 0.87 -11.24 -26.49
CA PHE H 103 0.20 -10.45 -25.48
C PHE H 103 -1.04 -9.80 -26.08
N GLY H 104 -2.10 -9.73 -25.29
CA GLY H 104 -3.20 -8.84 -25.63
C GLY H 104 -2.77 -7.37 -25.63
N GLY H 105 -3.68 -6.51 -26.11
CA GLY H 105 -3.35 -5.11 -26.28
C GLY H 105 -3.32 -4.32 -24.99
N GLY H 106 -3.90 -4.85 -23.91
CA GLY H 106 -3.87 -4.18 -22.62
C GLY H 106 -5.19 -3.53 -22.25
N THR H 107 -5.54 -3.59 -20.98
CA THR H 107 -6.74 -2.93 -20.49
C THR H 107 -6.36 -2.01 -19.35
N LYS H 108 -6.54 -0.71 -19.56
CA LYS H 108 -6.23 0.27 -18.53
C LYS H 108 -7.41 0.38 -17.57
N LEU H 109 -7.12 0.23 -16.29
CA LEU H 109 -8.13 0.31 -15.24
C LEU H 109 -7.87 1.56 -14.39
N GLU H 110 -8.90 2.38 -14.25
CA GLU H 110 -8.88 3.54 -13.37
C GLU H 110 -10.01 3.44 -12.36
N ILE H 111 -9.90 4.25 -11.31
CA ILE H 111 -10.82 4.21 -10.16
C ILE H 111 -11.72 5.44 -10.23
N LYS H 112 -13.03 5.23 -10.05
CA LYS H 112 -13.93 6.34 -9.78
C LYS H 112 -14.06 6.56 -8.28
N ARG H 113 -14.38 7.80 -7.91
CA ARG H 113 -14.70 8.13 -6.53
C ARG H 113 -15.62 9.34 -6.54
N THR H 114 -16.02 9.77 -5.34
CA THR H 114 -16.81 10.98 -5.21
C THR H 114 -16.04 12.19 -5.72
N VAL H 115 -16.79 13.16 -6.26
CA VAL H 115 -16.19 14.42 -6.72
C VAL H 115 -15.41 15.09 -5.59
N ALA H 116 -14.28 15.69 -5.95
CA ALA H 116 -13.46 16.44 -5.01
C ALA H 116 -12.86 17.64 -5.75
N ALA H 117 -13.10 18.84 -5.23
CA ALA H 117 -12.69 20.07 -5.89
C ALA H 117 -11.18 20.30 -5.74
N PRO H 118 -10.51 20.77 -6.79
CA PRO H 118 -9.09 21.11 -6.65
C PRO H 118 -8.86 22.32 -5.77
N SER H 119 -7.71 22.31 -5.08
CA SER H 119 -7.12 23.54 -4.60
C SER H 119 -6.25 24.12 -5.71
N VAL H 120 -6.40 25.41 -5.99
CA VAL H 120 -5.70 26.04 -7.11
C VAL H 120 -4.62 26.96 -6.57
N PHE H 121 -3.43 26.87 -7.15
CA PHE H 121 -2.32 27.76 -6.86
C PHE H 121 -1.68 28.18 -8.17
N ILE H 122 -1.15 29.41 -8.21
CA ILE H 122 -0.48 29.96 -9.38
C ILE H 122 0.89 30.49 -8.97
N PHE H 123 1.91 30.18 -9.78
CA PHE H 123 3.26 30.59 -9.49
C PHE H 123 3.76 31.52 -10.58
N PRO H 124 4.26 32.70 -10.25
CA PRO H 124 4.89 33.56 -11.26
C PRO H 124 6.23 32.99 -11.67
N PRO H 125 6.78 33.43 -12.82
CA PRO H 125 8.12 32.99 -13.18
C PRO H 125 9.13 33.52 -12.19
N SER H 126 10.19 32.74 -11.97
CA SER H 126 11.26 33.18 -11.10
C SER H 126 12.10 34.25 -11.79
N ASP H 127 12.77 35.07 -10.99
CA ASP H 127 13.60 36.11 -11.57
C ASP H 127 14.84 35.50 -12.21
N GLU H 128 15.37 34.45 -11.59
CA GLU H 128 16.55 33.78 -12.11
C GLU H 128 16.26 33.18 -13.50
N GLN H 129 15.03 32.73 -13.74
CA GLN H 129 14.67 32.27 -15.07
C GLN H 129 14.52 33.45 -16.04
N LEU H 130 13.88 34.54 -15.58
CA LEU H 130 13.63 35.68 -16.46
C LEU H 130 14.91 36.26 -17.03
N LYS H 131 16.00 36.23 -16.25
CA LYS H 131 17.31 36.65 -16.72
C LYS H 131 17.77 35.88 -17.97
N SER H 132 17.25 34.68 -18.19
CA SER H 132 17.72 33.87 -19.31
C SER H 132 16.87 34.02 -20.58
N GLY H 133 15.70 34.65 -20.50
CA GLY H 133 14.93 35.00 -21.68
C GLY H 133 13.52 34.45 -21.73
N THR H 134 13.15 33.52 -20.85
CA THR H 134 11.89 32.80 -20.91
C THR H 134 11.13 32.97 -19.60
N ALA H 135 9.81 33.05 -19.68
CA ALA H 135 8.96 33.18 -18.49
C ALA H 135 7.99 32.01 -18.45
N SER H 136 8.15 31.15 -17.45
CA SER H 136 7.27 30.00 -17.25
C SER H 136 6.30 30.37 -16.13
N VAL H 137 5.00 30.25 -16.39
CA VAL H 137 3.97 30.50 -15.40
C VAL H 137 3.21 29.21 -15.17
N VAL H 138 3.09 28.79 -13.91
CA VAL H 138 2.56 27.47 -13.56
C VAL H 138 1.30 27.62 -12.73
N CYS H 139 0.26 26.90 -13.12
CA CYS H 139 -0.97 26.79 -12.36
C CYS H 139 -1.13 25.36 -11.83
N LEU H 140 -1.33 25.21 -10.52
CA LEU H 140 -1.42 23.89 -9.89
C LEU H 140 -2.85 23.60 -9.47
N LEU H 141 -3.32 22.39 -9.80
CA LEU H 141 -4.62 21.88 -9.35
C LEU H 141 -4.35 20.65 -8.49
N ASN H 142 -4.70 20.72 -7.22
CA ASN H 142 -4.21 19.75 -6.25
C ASN H 142 -5.35 18.88 -5.73
N ASN H 143 -5.20 17.55 -5.91
CA ASN H 143 -5.94 16.50 -5.22
C ASN H 143 -7.44 16.54 -5.50
N PHE H 144 -7.81 16.37 -6.77
CA PHE H 144 -9.19 16.52 -7.21
C PHE H 144 -9.61 15.29 -8.00
N TYR H 145 -10.91 15.18 -8.21
CA TYR H 145 -11.53 14.11 -8.98
C TYR H 145 -12.86 14.68 -9.46
N PRO H 146 -13.24 14.48 -10.73
CA PRO H 146 -12.53 13.67 -11.74
C PRO H 146 -11.37 14.38 -12.40
N ARG H 147 -10.66 13.65 -13.27
CA ARG H 147 -9.49 14.20 -13.94
C ARG H 147 -9.86 15.37 -14.85
N GLU H 148 -11.09 15.38 -15.38
CA GLU H 148 -11.50 16.39 -16.35
C GLU H 148 -11.51 17.80 -15.74
N ALA H 149 -10.91 18.74 -16.46
CA ALA H 149 -10.77 20.10 -15.96
C ALA H 149 -10.38 21.03 -17.10
N LYS H 150 -11.04 22.18 -17.21
CA LYS H 150 -10.63 23.22 -18.14
C LYS H 150 -9.77 24.22 -17.38
N VAL H 151 -8.54 24.39 -17.84
CA VAL H 151 -7.60 25.36 -17.29
C VAL H 151 -7.25 26.35 -18.40
N GLN H 152 -7.81 27.56 -18.33
CA GLN H 152 -7.63 28.61 -19.34
C GLN H 152 -6.64 29.67 -18.86
N TRP H 153 -5.79 30.16 -19.75
CA TRP H 153 -4.82 31.19 -19.42
C TRP H 153 -5.18 32.51 -20.07
N LYS H 154 -5.06 33.59 -19.29
CA LYS H 154 -5.31 34.93 -19.78
C LYS H 154 -4.17 35.85 -19.34
N VAL H 155 -3.69 36.66 -20.28
CA VAL H 155 -2.66 37.65 -20.03
C VAL H 155 -3.25 39.00 -20.45
N ASP H 156 -3.46 39.88 -19.47
CA ASP H 156 -4.19 41.13 -19.68
C ASP H 156 -5.43 40.89 -20.52
N ASN H 157 -6.17 39.83 -20.20
CA ASN H 157 -7.43 39.46 -20.84
C ASN H 157 -7.27 38.89 -22.25
N ALA H 158 -6.04 38.61 -22.69
CA ALA H 158 -5.80 37.93 -23.96
C ALA H 158 -5.79 36.42 -23.72
N LEU H 159 -6.77 35.71 -24.27
CA LEU H 159 -6.81 34.25 -24.16
C LEU H 159 -5.55 33.64 -24.78
N GLN H 160 -4.87 32.78 -24.01
CA GLN H 160 -3.65 32.14 -24.48
C GLN H 160 -4.00 30.79 -25.08
N SER H 161 -3.73 30.61 -26.36
CA SER H 161 -4.01 29.37 -27.04
C SER H 161 -2.71 28.77 -27.57
N GLY H 162 -2.43 27.53 -27.18
CA GLY H 162 -1.35 26.78 -27.78
C GLY H 162 0.01 26.92 -27.14
N ASN H 163 0.18 27.79 -26.15
CA ASN H 163 1.49 27.97 -25.53
C ASN H 163 1.48 27.53 -24.06
N SER H 164 0.71 26.49 -23.75
CA SER H 164 0.68 25.90 -22.42
C SER H 164 0.61 24.39 -22.54
N GLN H 165 1.20 23.69 -21.58
CA GLN H 165 1.17 22.23 -21.55
C GLN H 165 0.72 21.75 -20.16
N GLU H 166 -0.13 20.74 -20.14
CA GLU H 166 -0.64 20.18 -18.90
C GLU H 166 0.05 18.86 -18.60
N SER H 167 0.16 18.54 -17.30
CA SER H 167 0.65 17.25 -16.90
C SER H 167 -0.18 16.77 -15.71
N VAL H 168 -0.57 15.49 -15.71
CA VAL H 168 -1.41 14.92 -14.66
C VAL H 168 -0.61 13.85 -13.93
N THR H 169 -0.70 13.86 -12.59
CA THR H 169 -0.05 12.84 -11.79
C THR H 169 -0.74 11.50 -11.99
N GLU H 170 -0.01 10.43 -11.70
CA GLU H 170 -0.66 9.13 -11.53
C GLU H 170 -1.77 9.26 -10.49
N GLN H 171 -2.92 8.67 -10.80
CA GLN H 171 -4.01 8.64 -9.84
C GLN H 171 -3.52 8.02 -8.53
N ASP H 172 -3.91 8.63 -7.41
CA ASP H 172 -3.39 8.23 -6.10
C ASP H 172 -3.87 6.82 -5.71
N SER H 173 -2.94 6.00 -5.22
CA SER H 173 -3.23 4.62 -4.83
C SER H 173 -4.18 4.52 -3.65
N LYS H 174 -4.26 5.57 -2.84
CA LYS H 174 -4.98 5.57 -1.58
C LYS H 174 -6.33 6.26 -1.68
N ASP H 175 -6.38 7.49 -2.19
CA ASP H 175 -7.65 8.23 -2.25
C ASP H 175 -8.14 8.51 -3.67
N SER H 176 -7.49 7.99 -4.70
CA SER H 176 -8.01 8.01 -6.07
C SER H 176 -8.15 9.41 -6.64
N THR H 177 -7.34 10.38 -6.20
CA THR H 177 -7.39 11.75 -6.71
C THR H 177 -6.21 12.02 -7.64
N TYR H 178 -6.31 13.15 -8.34
CA TYR H 178 -5.30 13.57 -9.29
C TYR H 178 -4.80 14.95 -8.90
N SER H 179 -3.59 15.26 -9.32
CA SER H 179 -3.13 16.62 -9.39
C SER H 179 -2.72 16.92 -10.83
N LEU H 180 -2.94 18.16 -11.25
CA LEU H 180 -2.67 18.60 -12.61
C LEU H 180 -1.88 19.89 -12.57
N SER H 181 -0.87 20.00 -13.43
CA SER H 181 -0.12 21.23 -13.60
C SER H 181 -0.35 21.74 -15.01
N SER H 182 -0.53 23.06 -15.15
CA SER H 182 -0.56 23.74 -16.43
C SER H 182 0.54 24.79 -16.47
N THR H 183 1.38 24.72 -17.49
CA THR H 183 2.53 25.59 -17.58
C THR H 183 2.45 26.42 -18.84
N LEU H 184 2.37 27.74 -18.66
CA LEU H 184 2.31 28.71 -19.75
C LEU H 184 3.73 29.24 -19.96
N THR H 185 4.18 29.26 -21.20
CA THR H 185 5.53 29.71 -21.51
C THR H 185 5.46 31.00 -22.32
N LEU H 186 6.35 31.93 -21.98
CA LEU H 186 6.41 33.24 -22.61
C LEU H 186 7.85 33.65 -22.77
N SER H 187 8.10 34.55 -23.72
CA SER H 187 9.38 35.24 -23.78
C SER H 187 9.50 36.28 -22.67
N LYS H 188 10.73 36.56 -22.25
CA LYS H 188 10.92 37.58 -21.22
C LYS H 188 10.37 38.91 -21.66
N ALA H 189 10.49 39.22 -22.97
CA ALA H 189 10.06 40.50 -23.47
C ALA H 189 8.54 40.60 -23.45
N ASP H 190 7.85 39.52 -23.81
CA ASP H 190 6.40 39.54 -23.75
C ASP H 190 5.92 39.60 -22.31
N TYR H 191 6.55 38.84 -21.41
CA TYR H 191 6.10 38.82 -20.03
C TYR H 191 6.21 40.20 -19.39
N GLU H 192 7.26 40.95 -19.72
CA GLU H 192 7.42 42.29 -19.17
C GLU H 192 6.49 43.30 -19.82
N LYS H 193 5.83 42.94 -20.90
CA LYS H 193 4.90 43.85 -21.56
C LYS H 193 3.55 43.94 -20.85
N HIS H 194 3.24 42.97 -19.97
CA HIS H 194 1.87 42.78 -19.51
C HIS H 194 1.80 42.75 -18.00
N LYS H 195 0.58 42.95 -17.49
CA LYS H 195 0.32 43.12 -16.07
C LYS H 195 -0.30 41.87 -15.42
N VAL H 196 -1.46 41.45 -15.91
CA VAL H 196 -2.33 40.52 -15.19
C VAL H 196 -2.22 39.14 -15.79
N TYR H 197 -1.75 38.18 -14.97
CA TYR H 197 -1.61 36.78 -15.35
C TYR H 197 -2.62 35.95 -14.56
N ALA H 198 -3.46 35.22 -15.27
CA ALA H 198 -4.59 34.60 -14.62
C ALA H 198 -4.74 33.18 -15.15
N CYS H 199 -5.00 32.29 -14.21
CA CYS H 199 -5.29 30.89 -14.45
C CYS H 199 -6.74 30.65 -14.05
N GLU H 200 -7.62 30.35 -15.01
CA GLU H 200 -9.04 30.16 -14.72
C GLU H 200 -9.42 28.68 -14.80
N VAL H 201 -9.94 28.14 -13.70
CA VAL H 201 -10.18 26.71 -13.57
C VAL H 201 -11.67 26.45 -13.51
N THR H 202 -12.14 25.55 -14.37
CA THR H 202 -13.51 25.05 -14.33
C THR H 202 -13.47 23.57 -13.97
N HIS H 203 -14.21 23.19 -12.94
CA HIS H 203 -14.19 21.81 -12.53
C HIS H 203 -15.54 21.47 -11.92
N GLN H 204 -15.95 20.22 -12.13
CA GLN H 204 -17.25 19.76 -11.68
C GLN H 204 -17.44 19.98 -10.18
N GLY H 205 -16.35 20.02 -9.42
CA GLY H 205 -16.46 20.22 -8.00
C GLY H 205 -16.46 21.65 -7.51
N LEU H 206 -16.18 22.64 -8.37
CA LEU H 206 -16.17 24.03 -7.96
C LEU H 206 -17.56 24.63 -8.14
N SER H 207 -18.13 25.18 -7.06
CA SER H 207 -19.45 25.78 -7.13
C SER H 207 -19.54 26.82 -8.25
N SER H 208 -18.40 27.37 -8.67
CA SER H 208 -18.32 28.24 -9.82
C SER H 208 -16.86 28.30 -10.24
N PRO H 209 -16.56 28.75 -11.47
CA PRO H 209 -15.15 28.78 -11.90
C PRO H 209 -14.30 29.64 -10.97
N VAL H 210 -13.02 29.26 -10.86
CA VAL H 210 -12.08 29.88 -9.95
C VAL H 210 -10.97 30.49 -10.78
N THR H 211 -10.52 31.68 -10.41
CA THR H 211 -9.41 32.34 -11.08
C THR H 211 -8.35 32.69 -10.06
N LYS H 212 -7.16 32.13 -10.22
CA LYS H 212 -6.01 32.62 -9.47
C LYS H 212 -5.22 33.53 -10.41
N SER H 213 -4.78 34.67 -9.89
CA SER H 213 -4.05 35.63 -10.70
C SER H 213 -3.02 36.38 -9.86
N PHE H 214 -2.12 37.06 -10.57
CA PHE H 214 -1.16 37.97 -9.96
C PHE H 214 -0.87 39.08 -10.97
N ASN H 215 -0.40 40.22 -10.45
CA ASN H 215 0.13 41.30 -11.27
C ASN H 215 1.65 41.22 -11.24
N ARG H 216 2.28 41.24 -12.41
CA ARG H 216 3.74 41.17 -12.49
C ARG H 216 4.41 42.25 -11.64
N GLY H 217 5.10 41.84 -10.56
CA GLY H 217 5.78 42.79 -9.69
C GLY H 217 5.26 42.85 -8.27
N GLU H 218 5.08 41.70 -7.64
CA GLU H 218 4.56 41.65 -6.28
C GLU H 218 4.79 40.25 -5.70
C1 EDO I . 12.00 -17.46 18.34
O1 EDO I . 12.88 -16.58 19.04
C2 EDO I . 10.73 -17.46 19.18
O2 EDO I . 10.84 -16.45 20.19
OAB PEU J . 6.54 -22.31 -28.05
CAC PEU J . 5.54 -21.77 -27.17
CAD PEU J . 6.26 -20.57 -26.41
OAE PEU J . 5.86 -20.56 -25.04
CAF PEU J . 6.93 -20.52 -24.04
CAG PEU J . 6.34 -21.00 -22.58
OAH PEU J . 6.54 -19.98 -21.66
CAI PEU J . 5.49 -19.82 -20.61
CAJ PEU J . 6.18 -18.92 -19.54
OAK PEU J . 5.40 -17.84 -19.19
CAL PEU J . 5.12 -17.75 -17.80
CAM PEU J . 3.69 -18.36 -17.56
OAN PEU J . 3.82 -19.38 -16.62
CAO PEU J . 3.13 -20.58 -16.92
CAP PEU J . 2.91 -21.40 -15.59
OAQ PEU J . 4.15 -21.68 -14.92
CAR PEU J . 3.99 -22.07 -13.52
CAS PEU J . 5.15 -23.00 -13.06
OAT PEU J . 6.39 -22.28 -12.94
CAU PEU J . 7.42 -23.00 -12.18
CAV PEU J . 8.38 -23.81 -13.15
OAW PEU J . 7.67 -24.96 -13.62
CAX PEU J . 8.31 -25.76 -14.67
CAY PEU J . 7.29 -26.88 -15.12
OAZ PEU J . 7.00 -26.76 -16.53
CBA PEU J . 5.89 -27.56 -16.96
CBB PEU J . 5.19 -26.95 -18.19
OBC PEU J . 4.03 -27.76 -18.51
CCG PEU J . 4.32 -29.13 -18.87
CCF PEU J . 2.96 -29.90 -19.11
OCE PEU J . 3.20 -30.92 -20.14
CCD PEU J . 4.11 -30.52 -21.19
CCC PEU J . 3.83 -31.28 -22.55
OCB PEU J . 4.40 -30.56 -23.66
CCA PEU J . 3.47 -30.21 -24.67
CBZ PEU J . 4.11 -29.07 -25.58
OBY PEU J . 3.95 -27.80 -24.90
CBX PEU J . 3.50 -26.71 -25.72
CBW PEU J . 3.93 -25.39 -24.98
OBV PEU J . 5.36 -25.41 -24.88
CBU PEU J . 5.97 -24.26 -24.33
CBT PEU J . 7.47 -24.29 -24.77
OBS PEU J . 8.28 -24.46 -23.62
CBR PEU J . 9.42 -25.33 -23.79
CBQ PEU J . 10.05 -25.57 -22.43
OBP PEU J . 9.84 -26.93 -22.06
CBO PEU J . 9.42 -27.12 -20.68
CBN PEU J . 10.68 -27.44 -19.80
OBM PEU J . 10.31 -27.40 -18.40
CBL PEU J . 11.27 -26.68 -17.63
CBK PEU J . 11.52 -27.42 -16.30
OBJ PEU J . 12.88 -27.89 -16.33
CBI PEU J . 13.11 -29.10 -15.59
CBH PEU J . 14.53 -29.65 -15.94
OBG PEU J . 14.35 -30.92 -16.58
CBF PEU J . 15.13 -31.14 -17.75
CBE PEU J . 14.23 -30.83 -18.95
OBD PEU J . 14.52 -31.76 -19.98
CCH PEU J . 13.35 -32.38 -20.53
CCI PEU J . 13.67 -33.87 -20.73
OCJ PEU J . 12.48 -34.52 -21.14
CCK PEU J . 12.10 -35.57 -20.31
CCL PEU J . 10.64 -35.83 -20.58
OCM PEU J . 9.99 -36.21 -19.38
CCN PEU J . 8.57 -36.01 -19.46
CCO PEU J . 8.18 -35.00 -20.64
OCP PEU J . 6.91 -34.39 -20.30
CCQ PEU J . 5.70 -34.98 -20.88
CCR PEU J . 4.32 -34.24 -20.35
OCS PEU J . 3.37 -35.25 -19.77
CCT PEU J . 2.74 -36.18 -20.75
CCU PEU J . 1.28 -36.69 -20.24
OCV PEU J . 0.27 -35.65 -20.51
C1 EDO K . 1.59 -33.91 -23.71
O1 EDO K . 2.74 -34.60 -23.20
C2 EDO K . 0.92 -32.97 -22.70
O2 EDO K . 0.38 -33.67 -21.57
OAB PEU L . -23.24 29.30 17.40
CAC PEU L . -21.78 29.32 17.49
CAD PEU L . -21.27 30.91 17.73
OAE PEU L . -19.77 31.02 17.47
CAF PEU L . -18.82 30.87 18.65
CAG PEU L . -17.30 31.49 18.27
OAH PEU L . -16.54 31.78 19.48
CAI PEU L . -15.24 32.48 19.40
CAJ PEU L . -15.39 33.90 18.67
OAK PEU L . -14.21 34.72 18.84
CAL PEU L . -13.84 34.84 20.22
CAM PEU L . -12.31 35.16 20.36
OAN PEU L . -11.73 34.28 21.33
CAO PEU L . -10.31 34.30 21.35
CAP PEU L . -9.72 32.90 21.61
OAQ PEU L . -8.38 32.90 21.08
CAR PEU L . -8.27 32.33 19.78
CAS PEU L . -7.09 33.01 19.14
OAT PEU L . -7.11 32.67 17.77
CAU PEU L . -6.24 31.59 17.40
CAV PEU L . -7.05 30.53 16.62
OAW PEU L . -6.90 29.25 17.24
CAX PEU L . -8.02 28.37 16.99
CAY PEU L . -8.08 27.27 18.08
OAZ PEU L . -9.36 27.32 18.79
CBA PEU L . -9.30 26.86 20.20
CBB PEU L . -10.76 26.81 20.80
OBC PEU L . -10.73 26.33 22.20
CCG PEU L . -9.92 25.17 22.44
CCF PEU L . -10.51 24.36 23.70
OCE PEU L . -11.52 23.42 23.24
CCD PEU L . -12.16 22.67 24.26
CCC PEU L . -13.36 21.82 23.63
OCB PEU L . -14.42 22.71 23.31
CCA PEU L . -15.74 22.18 23.42
CBZ PEU L . -16.61 23.27 24.15
OBY PEU L . -17.29 24.06 23.17
CBX PEU L . -16.95 25.44 23.17
CBW PEU L . -18.11 26.24 22.51
OBV PEU L . -17.57 27.12 21.53
CBU PEU L . -18.32 27.17 20.30
CBT PEU L . -17.29 27.19 19.06
OBS PEU L . -17.96 26.76 17.83
CBR PEU L . -17.21 25.83 17.01
CBQ PEU L . -15.67 25.88 17.42
OBP PEU L . -15.05 24.66 16.95
CBO PEU L . -13.60 24.56 17.13
CBN PEU L . -12.99 25.51 16.08
OBM PEU L . -11.58 25.33 15.97
CBL PEU L . -11.12 25.73 14.65
CBK PEU L . -9.57 25.55 14.54
OBJ PEU L . -9.31 24.77 13.36
CBI PEU L . -8.17 23.93 13.41
CBH PEU L . -8.24 22.96 12.21
OBG PEU L . -8.86 21.70 12.62
CBF PEU L . -10.14 21.50 12.06
CBE PEU L . -10.65 20.09 12.40
OBD PEU L . -11.06 20.03 13.75
CCH PEU L . -11.74 18.81 14.11
CCI PEU L . -11.44 18.41 15.59
OCJ PEU L . -10.86 17.13 15.62
CCK PEU L . -10.62 16.55 16.86
CCL PEU L . -9.12 16.76 17.21
OCM PEU L . -8.98 16.65 18.63
CCN PEU L . -9.11 17.88 19.38
CCO PEU L . -10.57 18.11 19.92
OCP PEU L . -10.55 19.19 20.96
CCQ PEU L . -9.71 18.94 22.12
CCR PEU L . -10.21 19.82 23.42
OCS PEU L . -10.64 18.96 24.56
CCT PEU L . -9.59 18.31 25.38
CCU PEU L . -9.14 19.30 26.60
OCV PEU L . -10.19 19.44 27.60
C1 EDO M . 6.24 20.87 -17.46
O1 EDO M . 4.90 21.03 -17.96
C2 EDO M . 6.67 22.06 -16.62
O2 EDO M . 5.87 22.20 -15.43
#